data_2R0B
# 
_entry.id   2R0B 
# 
_audit_conform.dict_name       mmcif_pdbx.dic 
_audit_conform.dict_version    5.387 
_audit_conform.dict_location   http://mmcif.pdb.org/dictionaries/ascii/mmcif_pdbx.dic 
# 
loop_
_database_2.database_id 
_database_2.database_code 
_database_2.pdbx_database_accession 
_database_2.pdbx_DOI 
PDB   2R0B         pdb_00002r0b 10.2210/pdb2r0b/pdb 
RCSB  RCSB044266   ?            ?                   
WWPDB D_1000044266 ?            ?                   
# 
loop_
_pdbx_audit_revision_history.ordinal 
_pdbx_audit_revision_history.data_content_type 
_pdbx_audit_revision_history.major_revision 
_pdbx_audit_revision_history.minor_revision 
_pdbx_audit_revision_history.revision_date 
1 'Structure model' 1 0 2007-08-28 
2 'Structure model' 1 1 2011-07-13 
3 'Structure model' 1 2 2017-10-25 
4 'Structure model' 1 3 2018-11-14 
5 'Structure model' 1 4 2021-02-03 
6 'Structure model' 1 5 2024-02-21 
# 
_pdbx_audit_revision_details.ordinal             1 
_pdbx_audit_revision_details.revision_ordinal    1 
_pdbx_audit_revision_details.data_content_type   'Structure model' 
_pdbx_audit_revision_details.provider            repository 
_pdbx_audit_revision_details.type                'Initial release' 
_pdbx_audit_revision_details.description         ? 
_pdbx_audit_revision_details.details             ? 
# 
loop_
_pdbx_audit_revision_group.ordinal 
_pdbx_audit_revision_group.revision_ordinal 
_pdbx_audit_revision_group.data_content_type 
_pdbx_audit_revision_group.group 
1  2 'Structure model' 'Non-polymer description'   
2  2 'Structure model' 'Version format compliance' 
3  3 'Structure model' 'Refinement description'    
4  4 'Structure model' 'Data collection'           
5  4 'Structure model' 'Structure summary'         
6  5 'Structure model' 'Database references'       
7  5 'Structure model' 'Derived calculations'      
8  5 'Structure model' 'Structure summary'         
9  6 'Structure model' 'Data collection'           
10 6 'Structure model' 'Database references'       
# 
loop_
_pdbx_audit_revision_category.ordinal 
_pdbx_audit_revision_category.revision_ordinal 
_pdbx_audit_revision_category.data_content_type 
_pdbx_audit_revision_category.category 
1 3 'Structure model' software           
2 4 'Structure model' audit_author       
3 5 'Structure model' audit_author       
4 5 'Structure model' citation_author    
5 5 'Structure model' struct_ref_seq_dif 
6 5 'Structure model' struct_site        
7 6 'Structure model' chem_comp_atom     
8 6 'Structure model' chem_comp_bond     
9 6 'Structure model' database_2         
# 
loop_
_pdbx_audit_revision_item.ordinal 
_pdbx_audit_revision_item.revision_ordinal 
_pdbx_audit_revision_item.data_content_type 
_pdbx_audit_revision_item.item 
1 4 'Structure model' '_audit_author.identifier_ORCID'      
2 5 'Structure model' '_audit_author.identifier_ORCID'      
3 5 'Structure model' '_citation_author.identifier_ORCID'   
4 5 'Structure model' '_struct_ref_seq_dif.details'         
5 5 'Structure model' '_struct_site.pdbx_auth_asym_id'      
6 5 'Structure model' '_struct_site.pdbx_auth_comp_id'      
7 5 'Structure model' '_struct_site.pdbx_auth_seq_id'       
8 6 'Structure model' '_database_2.pdbx_DOI'                
9 6 'Structure model' '_database_2.pdbx_database_accession' 
# 
_pdbx_database_status.entry_id                        2R0B 
_pdbx_database_status.deposit_site                    RCSB 
_pdbx_database_status.process_site                    RCSB 
_pdbx_database_status.recvd_initial_deposition_date   2007-08-18 
_pdbx_database_status.status_code                     REL 
_pdbx_database_status.status_code_sf                  REL 
_pdbx_database_status.status_code_mr                  ? 
_pdbx_database_status.SG_entry                        Y 
_pdbx_database_status.pdb_format_compatible           Y 
_pdbx_database_status.status_code_cs                  ? 
_pdbx_database_status.methods_development_category    ? 
_pdbx_database_status.status_code_nmr_data            ? 
# 
_pdbx_database_related.db_name        TargetDB 
_pdbx_database_related.db_id          NYSGXRC-8698a 
_pdbx_database_related.details        . 
_pdbx_database_related.content_type   unspecified 
# 
loop_
_audit_author.name 
_audit_author.pdbx_ordinal 
_audit_author.identifier_ORCID 
'Bonanno, J.B.'                                                  1  ?                   
'Freeman, J.'                                                    2  ?                   
'Bain, K.T.'                                                     3  ?                   
'Iizuka, M.'                                                     4  ?                   
'Romero, R.'                                                     5  ?                   
'Smith, D.'                                                      6  ?                   
'Wasserman, S.'                                                  7  ?                   
'Sauder, J.M.'                                                   8  0000-0002-0254-4955 
'Burley, S.K.'                                                   9  0000-0002-2487-9713 
'Almo, S.C.'                                                     10 ?                   
'New York SGX Research Center for Structural Genomics (NYSGXRC)' 11 ?                   
# 
_citation.id                        primary 
_citation.title                     'Structural genomics of protein phosphatases.' 
_citation.journal_abbrev            J.Struct.Funct.Genom. 
_citation.journal_volume            8 
_citation.page_first                121 
_citation.page_last                 140 
_citation.year                      2007 
_citation.journal_id_ASTM           ? 
_citation.country                   NE 
_citation.journal_id_ISSN           1345-711X 
_citation.journal_id_CSD            ? 
_citation.book_publisher            ? 
_citation.pdbx_database_id_PubMed   18058037 
_citation.pdbx_database_id_DOI      10.1007/s10969-007-9036-1 
# 
loop_
_citation_author.citation_id 
_citation_author.name 
_citation_author.ordinal 
_citation_author.identifier_ORCID 
primary 'Almo, S.C.'        1  ?                   
primary 'Bonanno, J.B.'     2  ?                   
primary 'Sauder, J.M.'      3  ?                   
primary 'Emtage, S.'        4  ?                   
primary 'Dilorenzo, T.P.'   5  ?                   
primary 'Malashkevich, V.'  6  ?                   
primary 'Wasserman, S.R.'   7  ?                   
primary 'Swaminathan, S.'   8  ?                   
primary 'Eswaramoorthy, S.' 9  ?                   
primary 'Agarwal, R.'       10 ?                   
primary 'Kumaran, D.'       11 ?                   
primary 'Madegowda, M.'     12 ?                   
primary 'Ragumani, S.'      13 ?                   
primary 'Patskovsky, Y.'    14 ?                   
primary 'Alvarado, J.'      15 ?                   
primary 'Ramagopal, U.A.'   16 ?                   
primary 'Faber-Barata, J.'  17 ?                   
primary 'Chance, M.R.'      18 ?                   
primary 'Sali, A.'          19 ?                   
primary 'Fiser, A.'         20 ?                   
primary 'Zhang, Z.Y.'       21 ?                   
primary 'Lawrence, D.S.'    22 ?                   
primary 'Burley, S.K.'      23 0000-0002-2487-9713 
# 
loop_
_entity.id 
_entity.type 
_entity.src_method 
_entity.pdbx_description 
_entity.formula_weight 
_entity.pdbx_number_of_molecules 
_entity.pdbx_ec 
_entity.pdbx_mutation 
_entity.pdbx_fragment 
_entity.details 
1 polymer     man 'Serine/threonine/tyrosine-interacting protein' 17699.650 1   ? ? 'Residues 26-177' ? 
2 non-polymer syn 'SULFATE ION'                                   96.063    2   ? ? ?                 ? 
3 non-polymer syn GLYCEROL                                        92.094    1   ? ? ?                 ? 
4 water       nat water                                           18.015    114 ? ? ?                 ? 
# 
_entity_name_com.entity_id   1 
_entity_name_com.name        'Protein tyrosine phosphatase-like protein' 
# 
_entity_poly.entity_id                      1 
_entity_poly.type                           'polypeptide(L)' 
_entity_poly.nstd_linkage                   no 
_entity_poly.nstd_monomer                   no 
_entity_poly.pdbx_seq_one_letter_code       
;SLRREMQEILPGLFLGPYSSAMKSKLPVLQKHGITHIICIRQNIEANFIKPNFQQLFRYLVLDIADNPVENIIRFFPMTK
EFIDGSLQMGGKVLVHGNAGISRSAAFVIAYIMETFGMKYRDAFAYVQERRFCINPNAGFVHQLQEYEAIYLAK
;
_entity_poly.pdbx_seq_one_letter_code_can   
;SLRREMQEILPGLFLGPYSSAMKSKLPVLQKHGITHIICIRQNIEANFIKPNFQQLFRYLVLDIADNPVENIIRFFPMTK
EFIDGSLQMGGKVLVHGNAGISRSAAFVIAYIMETFGMKYRDAFAYVQERRFCINPNAGFVHQLQEYEAIYLAK
;
_entity_poly.pdbx_strand_id                 A 
_entity_poly.pdbx_target_identifier         NYSGXRC-8698a 
# 
loop_
_pdbx_entity_nonpoly.entity_id 
_pdbx_entity_nonpoly.name 
_pdbx_entity_nonpoly.comp_id 
2 'SULFATE ION' SO4 
3 GLYCEROL      GOL 
4 water         HOH 
# 
loop_
_entity_poly_seq.entity_id 
_entity_poly_seq.num 
_entity_poly_seq.mon_id 
_entity_poly_seq.hetero 
1 1   SER n 
1 2   LEU n 
1 3   ARG n 
1 4   ARG n 
1 5   GLU n 
1 6   MET n 
1 7   GLN n 
1 8   GLU n 
1 9   ILE n 
1 10  LEU n 
1 11  PRO n 
1 12  GLY n 
1 13  LEU n 
1 14  PHE n 
1 15  LEU n 
1 16  GLY n 
1 17  PRO n 
1 18  TYR n 
1 19  SER n 
1 20  SER n 
1 21  ALA n 
1 22  MET n 
1 23  LYS n 
1 24  SER n 
1 25  LYS n 
1 26  LEU n 
1 27  PRO n 
1 28  VAL n 
1 29  LEU n 
1 30  GLN n 
1 31  LYS n 
1 32  HIS n 
1 33  GLY n 
1 34  ILE n 
1 35  THR n 
1 36  HIS n 
1 37  ILE n 
1 38  ILE n 
1 39  CYS n 
1 40  ILE n 
1 41  ARG n 
1 42  GLN n 
1 43  ASN n 
1 44  ILE n 
1 45  GLU n 
1 46  ALA n 
1 47  ASN n 
1 48  PHE n 
1 49  ILE n 
1 50  LYS n 
1 51  PRO n 
1 52  ASN n 
1 53  PHE n 
1 54  GLN n 
1 55  GLN n 
1 56  LEU n 
1 57  PHE n 
1 58  ARG n 
1 59  TYR n 
1 60  LEU n 
1 61  VAL n 
1 62  LEU n 
1 63  ASP n 
1 64  ILE n 
1 65  ALA n 
1 66  ASP n 
1 67  ASN n 
1 68  PRO n 
1 69  VAL n 
1 70  GLU n 
1 71  ASN n 
1 72  ILE n 
1 73  ILE n 
1 74  ARG n 
1 75  PHE n 
1 76  PHE n 
1 77  PRO n 
1 78  MET n 
1 79  THR n 
1 80  LYS n 
1 81  GLU n 
1 82  PHE n 
1 83  ILE n 
1 84  ASP n 
1 85  GLY n 
1 86  SER n 
1 87  LEU n 
1 88  GLN n 
1 89  MET n 
1 90  GLY n 
1 91  GLY n 
1 92  LYS n 
1 93  VAL n 
1 94  LEU n 
1 95  VAL n 
1 96  HIS n 
1 97  GLY n 
1 98  ASN n 
1 99  ALA n 
1 100 GLY n 
1 101 ILE n 
1 102 SER n 
1 103 ARG n 
1 104 SER n 
1 105 ALA n 
1 106 ALA n 
1 107 PHE n 
1 108 VAL n 
1 109 ILE n 
1 110 ALA n 
1 111 TYR n 
1 112 ILE n 
1 113 MET n 
1 114 GLU n 
1 115 THR n 
1 116 PHE n 
1 117 GLY n 
1 118 MET n 
1 119 LYS n 
1 120 TYR n 
1 121 ARG n 
1 122 ASP n 
1 123 ALA n 
1 124 PHE n 
1 125 ALA n 
1 126 TYR n 
1 127 VAL n 
1 128 GLN n 
1 129 GLU n 
1 130 ARG n 
1 131 ARG n 
1 132 PHE n 
1 133 CYS n 
1 134 ILE n 
1 135 ASN n 
1 136 PRO n 
1 137 ASN n 
1 138 ALA n 
1 139 GLY n 
1 140 PHE n 
1 141 VAL n 
1 142 HIS n 
1 143 GLN n 
1 144 LEU n 
1 145 GLN n 
1 146 GLU n 
1 147 TYR n 
1 148 GLU n 
1 149 ALA n 
1 150 ILE n 
1 151 TYR n 
1 152 LEU n 
1 153 ALA n 
1 154 LYS n 
# 
_entity_src_gen.entity_id                          1 
_entity_src_gen.pdbx_src_id                        1 
_entity_src_gen.pdbx_alt_source_flag               sample 
_entity_src_gen.pdbx_seq_type                      ? 
_entity_src_gen.pdbx_beg_seq_num                   ? 
_entity_src_gen.pdbx_end_seq_num                   ? 
_entity_src_gen.gene_src_common_name               human 
_entity_src_gen.gene_src_genus                     Homo 
_entity_src_gen.pdbx_gene_src_gene                 STYX 
_entity_src_gen.gene_src_species                   ? 
_entity_src_gen.gene_src_strain                    ? 
_entity_src_gen.gene_src_tissue                    ? 
_entity_src_gen.gene_src_tissue_fraction           ? 
_entity_src_gen.gene_src_details                   ? 
_entity_src_gen.pdbx_gene_src_fragment             ? 
_entity_src_gen.pdbx_gene_src_scientific_name      'Homo sapiens' 
_entity_src_gen.pdbx_gene_src_ncbi_taxonomy_id     9606 
_entity_src_gen.pdbx_gene_src_variant              ? 
_entity_src_gen.pdbx_gene_src_cell_line            ? 
_entity_src_gen.pdbx_gene_src_atcc                 ? 
_entity_src_gen.pdbx_gene_src_organ                ? 
_entity_src_gen.pdbx_gene_src_organelle            ? 
_entity_src_gen.pdbx_gene_src_cell                 ? 
_entity_src_gen.pdbx_gene_src_cellular_location    ? 
_entity_src_gen.host_org_common_name               ? 
_entity_src_gen.pdbx_host_org_scientific_name      'Escherichia coli BL21(DE3)' 
_entity_src_gen.pdbx_host_org_ncbi_taxonomy_id     469008 
_entity_src_gen.host_org_genus                     Escherichia 
_entity_src_gen.pdbx_host_org_gene                 ? 
_entity_src_gen.pdbx_host_org_organ                ? 
_entity_src_gen.host_org_species                   'Escherichia coli' 
_entity_src_gen.pdbx_host_org_tissue               ? 
_entity_src_gen.pdbx_host_org_tissue_fraction      ? 
_entity_src_gen.pdbx_host_org_strain               'BL21(DE3)' 
_entity_src_gen.pdbx_host_org_variant              ? 
_entity_src_gen.pdbx_host_org_cell_line            ? 
_entity_src_gen.pdbx_host_org_atcc                 ? 
_entity_src_gen.pdbx_host_org_culture_collection   ? 
_entity_src_gen.pdbx_host_org_cell                 ? 
_entity_src_gen.pdbx_host_org_organelle            ? 
_entity_src_gen.pdbx_host_org_cellular_location    ? 
_entity_src_gen.pdbx_host_org_vector_type          Plasmid 
_entity_src_gen.pdbx_host_org_vector               pET 
_entity_src_gen.host_org_details                   ? 
_entity_src_gen.expression_system_id               ? 
_entity_src_gen.plasmid_name                       'Modified pET26' 
_entity_src_gen.plasmid_details                    ? 
_entity_src_gen.pdbx_description                   ? 
# 
loop_
_chem_comp.id 
_chem_comp.type 
_chem_comp.mon_nstd_flag 
_chem_comp.name 
_chem_comp.pdbx_synonyms 
_chem_comp.formula 
_chem_comp.formula_weight 
ALA 'L-peptide linking' y ALANINE         ?                               'C3 H7 N O2'     89.093  
ARG 'L-peptide linking' y ARGININE        ?                               'C6 H15 N4 O2 1' 175.209 
ASN 'L-peptide linking' y ASPARAGINE      ?                               'C4 H8 N2 O3'    132.118 
ASP 'L-peptide linking' y 'ASPARTIC ACID' ?                               'C4 H7 N O4'     133.103 
CYS 'L-peptide linking' y CYSTEINE        ?                               'C3 H7 N O2 S'   121.158 
GLN 'L-peptide linking' y GLUTAMINE       ?                               'C5 H10 N2 O3'   146.144 
GLU 'L-peptide linking' y 'GLUTAMIC ACID' ?                               'C5 H9 N O4'     147.129 
GLY 'peptide linking'   y GLYCINE         ?                               'C2 H5 N O2'     75.067  
GOL non-polymer         . GLYCEROL        'GLYCERIN; PROPANE-1,2,3-TRIOL' 'C3 H8 O3'       92.094  
HIS 'L-peptide linking' y HISTIDINE       ?                               'C6 H10 N3 O2 1' 156.162 
HOH non-polymer         . WATER           ?                               'H2 O'           18.015  
ILE 'L-peptide linking' y ISOLEUCINE      ?                               'C6 H13 N O2'    131.173 
LEU 'L-peptide linking' y LEUCINE         ?                               'C6 H13 N O2'    131.173 
LYS 'L-peptide linking' y LYSINE          ?                               'C6 H15 N2 O2 1' 147.195 
MET 'L-peptide linking' y METHIONINE      ?                               'C5 H11 N O2 S'  149.211 
PHE 'L-peptide linking' y PHENYLALANINE   ?                               'C9 H11 N O2'    165.189 
PRO 'L-peptide linking' y PROLINE         ?                               'C5 H9 N O2'     115.130 
SER 'L-peptide linking' y SERINE          ?                               'C3 H7 N O3'     105.093 
SO4 non-polymer         . 'SULFATE ION'   ?                               'O4 S -2'        96.063  
THR 'L-peptide linking' y THREONINE       ?                               'C4 H9 N O3'     119.119 
TYR 'L-peptide linking' y TYROSINE        ?                               'C9 H11 N O3'    181.189 
VAL 'L-peptide linking' y VALINE          ?                               'C5 H11 N O2'    117.146 
# 
loop_
_pdbx_poly_seq_scheme.asym_id 
_pdbx_poly_seq_scheme.entity_id 
_pdbx_poly_seq_scheme.seq_id 
_pdbx_poly_seq_scheme.mon_id 
_pdbx_poly_seq_scheme.ndb_seq_num 
_pdbx_poly_seq_scheme.pdb_seq_num 
_pdbx_poly_seq_scheme.auth_seq_num 
_pdbx_poly_seq_scheme.pdb_mon_id 
_pdbx_poly_seq_scheme.auth_mon_id 
_pdbx_poly_seq_scheme.pdb_strand_id 
_pdbx_poly_seq_scheme.pdb_ins_code 
_pdbx_poly_seq_scheme.hetero 
A 1 1   SER 1   24  ?   ?   ?   A . n 
A 1 2   LEU 2   25  ?   ?   ?   A . n 
A 1 3   ARG 3   26  26  ARG ARG A . n 
A 1 4   ARG 4   27  27  ARG ARG A . n 
A 1 5   GLU 5   28  28  GLU GLU A . n 
A 1 6   MET 6   29  29  MET MET A . n 
A 1 7   GLN 7   30  30  GLN GLN A . n 
A 1 8   GLU 8   31  31  GLU GLU A . n 
A 1 9   ILE 9   32  32  ILE ILE A . n 
A 1 10  LEU 10  33  33  LEU LEU A . n 
A 1 11  PRO 11  34  34  PRO PRO A . n 
A 1 12  GLY 12  35  35  GLY GLY A . n 
A 1 13  LEU 13  36  36  LEU LEU A . n 
A 1 14  PHE 14  37  37  PHE PHE A . n 
A 1 15  LEU 15  38  38  LEU LEU A . n 
A 1 16  GLY 16  39  39  GLY GLY A . n 
A 1 17  PRO 17  40  40  PRO PRO A . n 
A 1 18  TYR 18  41  41  TYR TYR A . n 
A 1 19  SER 19  42  42  SER SER A . n 
A 1 20  SER 20  43  43  SER SER A . n 
A 1 21  ALA 21  44  44  ALA ALA A . n 
A 1 22  MET 22  45  45  MET MET A . n 
A 1 23  LYS 23  46  46  LYS LYS A . n 
A 1 24  SER 24  47  47  SER SER A . n 
A 1 25  LYS 25  48  48  LYS LYS A . n 
A 1 26  LEU 26  49  49  LEU LEU A . n 
A 1 27  PRO 27  50  50  PRO PRO A . n 
A 1 28  VAL 28  51  51  VAL VAL A . n 
A 1 29  LEU 29  52  52  LEU LEU A . n 
A 1 30  GLN 30  53  53  GLN GLN A . n 
A 1 31  LYS 31  54  54  LYS LYS A . n 
A 1 32  HIS 32  55  55  HIS HIS A . n 
A 1 33  GLY 33  56  56  GLY GLY A . n 
A 1 34  ILE 34  57  57  ILE ILE A . n 
A 1 35  THR 35  58  58  THR THR A . n 
A 1 36  HIS 36  59  59  HIS HIS A . n 
A 1 37  ILE 37  60  60  ILE ILE A . n 
A 1 38  ILE 38  61  61  ILE ILE A . n 
A 1 39  CYS 39  62  62  CYS CYS A . n 
A 1 40  ILE 40  63  63  ILE ILE A . n 
A 1 41  ARG 41  64  64  ARG ARG A . n 
A 1 42  GLN 42  65  65  GLN GLN A . n 
A 1 43  ASN 43  66  66  ASN ASN A . n 
A 1 44  ILE 44  67  67  ILE ILE A . n 
A 1 45  GLU 45  68  68  GLU GLU A . n 
A 1 46  ALA 46  69  69  ALA ALA A . n 
A 1 47  ASN 47  70  70  ASN ASN A . n 
A 1 48  PHE 48  71  71  PHE PHE A . n 
A 1 49  ILE 49  72  72  ILE ILE A . n 
A 1 50  LYS 50  73  73  LYS LYS A . n 
A 1 51  PRO 51  74  74  PRO PRO A . n 
A 1 52  ASN 52  75  75  ASN ASN A . n 
A 1 53  PHE 53  76  76  PHE PHE A . n 
A 1 54  GLN 54  77  77  GLN GLN A . n 
A 1 55  GLN 55  78  78  GLN GLN A . n 
A 1 56  LEU 56  79  79  LEU LEU A . n 
A 1 57  PHE 57  80  80  PHE PHE A . n 
A 1 58  ARG 58  81  81  ARG ARG A . n 
A 1 59  TYR 59  82  82  TYR TYR A . n 
A 1 60  LEU 60  83  83  LEU LEU A . n 
A 1 61  VAL 61  84  84  VAL VAL A . n 
A 1 62  LEU 62  85  85  LEU LEU A . n 
A 1 63  ASP 63  86  86  ASP ASP A . n 
A 1 64  ILE 64  87  87  ILE ILE A . n 
A 1 65  ALA 65  88  88  ALA ALA A . n 
A 1 66  ASP 66  89  89  ASP ASP A . n 
A 1 67  ASN 67  90  90  ASN ASN A . n 
A 1 68  PRO 68  91  91  PRO PRO A . n 
A 1 69  VAL 69  92  92  VAL VAL A . n 
A 1 70  GLU 70  93  93  GLU GLU A . n 
A 1 71  ASN 71  94  94  ASN ASN A . n 
A 1 72  ILE 72  95  95  ILE ILE A . n 
A 1 73  ILE 73  96  96  ILE ILE A . n 
A 1 74  ARG 74  97  97  ARG ARG A . n 
A 1 75  PHE 75  98  98  PHE PHE A . n 
A 1 76  PHE 76  99  99  PHE PHE A . n 
A 1 77  PRO 77  100 100 PRO PRO A . n 
A 1 78  MET 78  101 101 MET MET A . n 
A 1 79  THR 79  102 102 THR THR A . n 
A 1 80  LYS 80  103 103 LYS LYS A . n 
A 1 81  GLU 81  104 104 GLU GLU A . n 
A 1 82  PHE 82  105 105 PHE PHE A . n 
A 1 83  ILE 83  106 106 ILE ILE A . n 
A 1 84  ASP 84  107 107 ASP ASP A . n 
A 1 85  GLY 85  108 108 GLY GLY A . n 
A 1 86  SER 86  109 109 SER SER A . n 
A 1 87  LEU 87  110 110 LEU LEU A . n 
A 1 88  GLN 88  111 111 GLN GLN A . n 
A 1 89  MET 89  112 112 MET MET A . n 
A 1 90  GLY 90  113 113 GLY GLY A . n 
A 1 91  GLY 91  114 114 GLY GLY A . n 
A 1 92  LYS 92  115 115 LYS LYS A . n 
A 1 93  VAL 93  116 116 VAL VAL A . n 
A 1 94  LEU 94  117 117 LEU LEU A . n 
A 1 95  VAL 95  118 118 VAL VAL A . n 
A 1 96  HIS 96  119 119 HIS HIS A . n 
A 1 97  GLY 97  120 120 GLY GLY A . n 
A 1 98  ASN 98  121 121 ASN ASN A . n 
A 1 99  ALA 99  122 122 ALA ALA A . n 
A 1 100 GLY 100 123 123 GLY GLY A . n 
A 1 101 ILE 101 124 124 ILE ILE A . n 
A 1 102 SER 102 125 125 SER SER A . n 
A 1 103 ARG 103 126 126 ARG ARG A . n 
A 1 104 SER 104 127 127 SER SER A . n 
A 1 105 ALA 105 128 128 ALA ALA A . n 
A 1 106 ALA 106 129 129 ALA ALA A . n 
A 1 107 PHE 107 130 130 PHE PHE A . n 
A 1 108 VAL 108 131 131 VAL VAL A . n 
A 1 109 ILE 109 132 132 ILE ILE A . n 
A 1 110 ALA 110 133 133 ALA ALA A . n 
A 1 111 TYR 111 134 134 TYR TYR A . n 
A 1 112 ILE 112 135 135 ILE ILE A . n 
A 1 113 MET 113 136 136 MET MET A . n 
A 1 114 GLU 114 137 137 GLU GLU A . n 
A 1 115 THR 115 138 138 THR THR A . n 
A 1 116 PHE 116 139 139 PHE PHE A . n 
A 1 117 GLY 117 140 140 GLY GLY A . n 
A 1 118 MET 118 141 141 MET MET A . n 
A 1 119 LYS 119 142 142 LYS LYS A . n 
A 1 120 TYR 120 143 143 TYR TYR A . n 
A 1 121 ARG 121 144 144 ARG ARG A . n 
A 1 122 ASP 122 145 145 ASP ASP A . n 
A 1 123 ALA 123 146 146 ALA ALA A . n 
A 1 124 PHE 124 147 147 PHE PHE A . n 
A 1 125 ALA 125 148 148 ALA ALA A . n 
A 1 126 TYR 126 149 149 TYR TYR A . n 
A 1 127 VAL 127 150 150 VAL VAL A . n 
A 1 128 GLN 128 151 151 GLN GLN A . n 
A 1 129 GLU 129 152 152 GLU GLU A . n 
A 1 130 ARG 130 153 153 ARG ARG A . n 
A 1 131 ARG 131 154 154 ARG ARG A . n 
A 1 132 PHE 132 155 155 PHE PHE A . n 
A 1 133 CYS 133 156 156 CYS CYS A . n 
A 1 134 ILE 134 157 157 ILE ILE A . n 
A 1 135 ASN 135 158 158 ASN ASN A . n 
A 1 136 PRO 136 159 159 PRO PRO A . n 
A 1 137 ASN 137 160 160 ASN ASN A . n 
A 1 138 ALA 138 161 161 ALA ALA A . n 
A 1 139 GLY 139 162 162 GLY GLY A . n 
A 1 140 PHE 140 163 163 PHE PHE A . n 
A 1 141 VAL 141 164 164 VAL VAL A . n 
A 1 142 HIS 142 165 165 HIS HIS A . n 
A 1 143 GLN 143 166 166 GLN GLN A . n 
A 1 144 LEU 144 167 167 LEU LEU A . n 
A 1 145 GLN 145 168 168 GLN GLN A . n 
A 1 146 GLU 146 169 169 GLU GLU A . n 
A 1 147 TYR 147 170 170 TYR TYR A . n 
A 1 148 GLU 148 171 171 GLU GLU A . n 
A 1 149 ALA 149 172 172 ALA ALA A . n 
A 1 150 ILE 150 173 173 ILE ILE A . n 
A 1 151 TYR 151 174 174 TYR TYR A . n 
A 1 152 LEU 152 175 175 LEU LEU A . n 
A 1 153 ALA 153 176 176 ALA ALA A . n 
A 1 154 LYS 154 177 ?   ?   ?   A . n 
# 
loop_
_pdbx_nonpoly_scheme.asym_id 
_pdbx_nonpoly_scheme.entity_id 
_pdbx_nonpoly_scheme.mon_id 
_pdbx_nonpoly_scheme.ndb_seq_num 
_pdbx_nonpoly_scheme.pdb_seq_num 
_pdbx_nonpoly_scheme.auth_seq_num 
_pdbx_nonpoly_scheme.pdb_mon_id 
_pdbx_nonpoly_scheme.auth_mon_id 
_pdbx_nonpoly_scheme.pdb_strand_id 
_pdbx_nonpoly_scheme.pdb_ins_code 
B 2 SO4 1   1   1   SO4 SO4 A . 
C 2 SO4 1   2   2   SO4 SO4 A . 
D 3 GOL 1   178 1   GOL GOL A . 
E 4 HOH 1   179 1   HOH HOH A . 
E 4 HOH 2   180 2   HOH HOH A . 
E 4 HOH 3   181 3   HOH HOH A . 
E 4 HOH 4   182 4   HOH HOH A . 
E 4 HOH 5   183 5   HOH HOH A . 
E 4 HOH 6   184 6   HOH HOH A . 
E 4 HOH 7   185 7   HOH HOH A . 
E 4 HOH 8   186 8   HOH HOH A . 
E 4 HOH 9   187 9   HOH HOH A . 
E 4 HOH 10  188 10  HOH HOH A . 
E 4 HOH 11  189 11  HOH HOH A . 
E 4 HOH 12  190 12  HOH HOH A . 
E 4 HOH 13  191 13  HOH HOH A . 
E 4 HOH 14  192 14  HOH HOH A . 
E 4 HOH 15  193 15  HOH HOH A . 
E 4 HOH 16  194 16  HOH HOH A . 
E 4 HOH 17  195 17  HOH HOH A . 
E 4 HOH 18  196 18  HOH HOH A . 
E 4 HOH 19  197 19  HOH HOH A . 
E 4 HOH 20  198 20  HOH HOH A . 
E 4 HOH 21  199 21  HOH HOH A . 
E 4 HOH 22  200 22  HOH HOH A . 
E 4 HOH 23  201 23  HOH HOH A . 
E 4 HOH 24  202 24  HOH HOH A . 
E 4 HOH 25  203 25  HOH HOH A . 
E 4 HOH 26  204 26  HOH HOH A . 
E 4 HOH 27  205 27  HOH HOH A . 
E 4 HOH 28  206 28  HOH HOH A . 
E 4 HOH 29  207 29  HOH HOH A . 
E 4 HOH 30  208 30  HOH HOH A . 
E 4 HOH 31  209 31  HOH HOH A . 
E 4 HOH 32  210 32  HOH HOH A . 
E 4 HOH 33  211 33  HOH HOH A . 
E 4 HOH 34  212 34  HOH HOH A . 
E 4 HOH 35  213 35  HOH HOH A . 
E 4 HOH 36  214 36  HOH HOH A . 
E 4 HOH 37  215 37  HOH HOH A . 
E 4 HOH 38  216 38  HOH HOH A . 
E 4 HOH 39  217 39  HOH HOH A . 
E 4 HOH 40  218 40  HOH HOH A . 
E 4 HOH 41  219 41  HOH HOH A . 
E 4 HOH 42  220 42  HOH HOH A . 
E 4 HOH 43  221 43  HOH HOH A . 
E 4 HOH 44  222 44  HOH HOH A . 
E 4 HOH 45  223 45  HOH HOH A . 
E 4 HOH 46  224 46  HOH HOH A . 
E 4 HOH 47  225 47  HOH HOH A . 
E 4 HOH 48  226 48  HOH HOH A . 
E 4 HOH 49  227 49  HOH HOH A . 
E 4 HOH 50  228 50  HOH HOH A . 
E 4 HOH 51  229 51  HOH HOH A . 
E 4 HOH 52  230 52  HOH HOH A . 
E 4 HOH 53  231 53  HOH HOH A . 
E 4 HOH 54  232 54  HOH HOH A . 
E 4 HOH 55  233 55  HOH HOH A . 
E 4 HOH 56  234 56  HOH HOH A . 
E 4 HOH 57  235 57  HOH HOH A . 
E 4 HOH 58  236 58  HOH HOH A . 
E 4 HOH 59  237 59  HOH HOH A . 
E 4 HOH 60  238 60  HOH HOH A . 
E 4 HOH 61  239 61  HOH HOH A . 
E 4 HOH 62  240 62  HOH HOH A . 
E 4 HOH 63  241 63  HOH HOH A . 
E 4 HOH 64  242 64  HOH HOH A . 
E 4 HOH 65  243 65  HOH HOH A . 
E 4 HOH 66  244 66  HOH HOH A . 
E 4 HOH 67  245 67  HOH HOH A . 
E 4 HOH 68  246 68  HOH HOH A . 
E 4 HOH 69  247 69  HOH HOH A . 
E 4 HOH 70  248 70  HOH HOH A . 
E 4 HOH 71  249 71  HOH HOH A . 
E 4 HOH 72  250 72  HOH HOH A . 
E 4 HOH 73  251 73  HOH HOH A . 
E 4 HOH 74  252 74  HOH HOH A . 
E 4 HOH 75  253 75  HOH HOH A . 
E 4 HOH 76  254 76  HOH HOH A . 
E 4 HOH 77  255 77  HOH HOH A . 
E 4 HOH 78  256 78  HOH HOH A . 
E 4 HOH 79  257 79  HOH HOH A . 
E 4 HOH 80  258 80  HOH HOH A . 
E 4 HOH 81  259 81  HOH HOH A . 
E 4 HOH 82  260 82  HOH HOH A . 
E 4 HOH 83  261 83  HOH HOH A . 
E 4 HOH 84  262 84  HOH HOH A . 
E 4 HOH 85  263 85  HOH HOH A . 
E 4 HOH 86  264 86  HOH HOH A . 
E 4 HOH 87  265 87  HOH HOH A . 
E 4 HOH 88  266 88  HOH HOH A . 
E 4 HOH 89  267 89  HOH HOH A . 
E 4 HOH 90  268 90  HOH HOH A . 
E 4 HOH 91  269 91  HOH HOH A . 
E 4 HOH 92  270 92  HOH HOH A . 
E 4 HOH 93  271 93  HOH HOH A . 
E 4 HOH 94  272 94  HOH HOH A . 
E 4 HOH 95  273 95  HOH HOH A . 
E 4 HOH 96  274 96  HOH HOH A . 
E 4 HOH 97  275 97  HOH HOH A . 
E 4 HOH 98  276 98  HOH HOH A . 
E 4 HOH 99  277 99  HOH HOH A . 
E 4 HOH 100 278 100 HOH HOH A . 
E 4 HOH 101 279 101 HOH HOH A . 
E 4 HOH 102 280 102 HOH HOH A . 
E 4 HOH 103 281 103 HOH HOH A . 
E 4 HOH 104 282 104 HOH HOH A . 
E 4 HOH 105 283 105 HOH HOH A . 
E 4 HOH 106 284 106 HOH HOH A . 
E 4 HOH 107 285 107 HOH HOH A . 
E 4 HOH 108 286 108 HOH HOH A . 
E 4 HOH 109 287 109 HOH HOH A . 
E 4 HOH 110 288 110 HOH HOH A . 
E 4 HOH 111 289 111 HOH HOH A . 
E 4 HOH 112 290 112 HOH HOH A . 
E 4 HOH 113 291 113 HOH HOH A . 
E 4 HOH 114 292 114 HOH HOH A . 
# 
loop_
_software.name 
_software.version 
_software.date 
_software.type 
_software.contact_author 
_software.contact_author_email 
_software.classification 
_software.location 
_software.language 
_software.citation_id 
_software.pdbx_ordinal 
SCALA       .     ?              other   'Phil Evans'      pre@mrc-lmb.cam.ac.uk    'data scaling'    
http://www.ccp4.ac.uk/dist/html/INDEX.html Fortran_77 ? 1 
REFMAC      .     ?              program 'Murshudov, G.N.' ccp4@dl.ac.uk            refinement        
http://www.ccp4.ac.uk/main.html            Fortran_77 ? 2 
PDB_EXTRACT 3.000 'July 2, 2007' package PDB               sw-help@rcsb.rutgers.edu 'data extraction' 
http://pdb.rutgers.edu/software/           C++        ? 3 
MAR345      CCD   ?              ?       ?                 ?                        'data collection' ? ?          ? 4 
MOSFLM      .     ?              ?       ?                 ?                        'data reduction'  ? ?          ? 5 
SHELXCD     .     ?              ?       ?                 ?                        phasing           ? ?          ? 6 
SHELXE      .     ?              ?       ?                 ?                        'model building'  ? ?          ? 7 
# 
_cell.length_a           49.932 
_cell.length_b           53.358 
_cell.length_c           60.479 
_cell.angle_alpha        90.000 
_cell.angle_beta         90.000 
_cell.angle_gamma        90.000 
_cell.entry_id           2R0B 
_cell.pdbx_unique_axis   ? 
_cell.Z_PDB              4 
_cell.length_a_esd       ? 
_cell.length_b_esd       ? 
_cell.length_c_esd       ? 
_cell.angle_alpha_esd    ? 
_cell.angle_beta_esd     ? 
_cell.angle_gamma_esd    ? 
# 
_symmetry.space_group_name_H-M             'P 21 21 21' 
_symmetry.entry_id                         2R0B 
_symmetry.Int_Tables_number                19 
_symmetry.pdbx_full_space_group_name_H-M   ? 
_symmetry.cell_setting                     ? 
_symmetry.space_group_name_Hall            ? 
# 
_exptl.entry_id          2R0B 
_exptl.method            'X-RAY DIFFRACTION' 
_exptl.crystals_number   1 
# 
_exptl_crystal.id                    1 
_exptl_crystal.density_Matthews      2.28 
_exptl_crystal.density_meas          ? 
_exptl_crystal.density_percent_sol   45.96 
_exptl_crystal.description           ? 
_exptl_crystal.F_000                 ? 
_exptl_crystal.preparation           ? 
# 
_exptl_crystal_grow.crystal_id      1 
_exptl_crystal_grow.method          'VAPOR DIFFUSION' 
_exptl_crystal_grow.pH              6.5 
_exptl_crystal_grow.temp            294 
_exptl_crystal_grow.pdbx_details    '100mM Bis-Tris pH 6.5, 1.8M Ammonium sulfate, VAPOR DIFFUSION, temperature 294K' 
_exptl_crystal_grow.temp_details    ? 
_exptl_crystal_grow.pdbx_pH_range   . 
# 
_diffrn.id                     1 
_diffrn.ambient_temp           100 
_diffrn.ambient_temp_details   ? 
_diffrn.crystal_id             1 
# 
_diffrn_detector.diffrn_id              1 
_diffrn_detector.detector               CCD 
_diffrn_detector.type                   'MAR CCD 165 mm' 
_diffrn_detector.pdbx_collection_date   2007-08-17 
_diffrn_detector.details                ? 
# 
_diffrn_radiation.diffrn_id                        1 
_diffrn_radiation.pdbx_diffrn_protocol             'SINGLE WAVELENGTH' 
_diffrn_radiation.monochromator                    diamond 
_diffrn_radiation.wavelength_id                    1 
_diffrn_radiation.pdbx_monochromatic_or_laue_m_l   M 
_diffrn_radiation.pdbx_scattering_type             x-ray 
# 
_diffrn_radiation_wavelength.id           1 
_diffrn_radiation_wavelength.wavelength   0.97958 
_diffrn_radiation_wavelength.wt           1.0 
# 
_diffrn_source.diffrn_id                   1 
_diffrn_source.source                      SYNCHROTRON 
_diffrn_source.type                        'APS BEAMLINE 31-ID' 
_diffrn_source.pdbx_wavelength_list        0.97958 
_diffrn_source.pdbx_wavelength             ? 
_diffrn_source.pdbx_synchrotron_site       APS 
_diffrn_source.pdbx_synchrotron_beamline   31-ID 
# 
_reflns.entry_id                     2R0B 
_reflns.d_resolution_high            1.600 
_reflns.d_resolution_low             40.011 
_reflns.number_obs                   21898 
_reflns.pdbx_Rmerge_I_obs            0.132 
_reflns.pdbx_netI_over_sigmaI        8.6 
_reflns.pdbx_Rsym_value              0.132 
_reflns.pdbx_redundancy              5.400 
_reflns.percent_possible_obs         99.700 
_reflns.observed_criterion_sigma_F   0 
_reflns.observed_criterion_sigma_I   0 
_reflns.number_all                   21898 
_reflns.B_iso_Wilson_estimate        13.7 
_reflns.R_free_details               ? 
_reflns.limit_h_max                  ? 
_reflns.limit_h_min                  ? 
_reflns.limit_k_max                  ? 
_reflns.limit_k_min                  ? 
_reflns.limit_l_max                  ? 
_reflns.limit_l_min                  ? 
_reflns.observed_criterion_F_max     ? 
_reflns.observed_criterion_F_min     ? 
_reflns.pdbx_chi_squared             ? 
_reflns.pdbx_scaling_rejects         ? 
_reflns.pdbx_ordinal                 1 
_reflns.pdbx_diffrn_id               1 
# 
_reflns_shell.d_res_high             1.60 
_reflns_shell.d_res_low              1.69 
_reflns_shell.number_measured_obs    ? 
_reflns_shell.number_measured_all    ? 
_reflns_shell.number_unique_obs      ? 
_reflns_shell.Rmerge_I_obs           0.343 
_reflns_shell.meanI_over_sigI_obs    3.9 
_reflns_shell.pdbx_Rsym_value        0.343 
_reflns_shell.pdbx_chi_squared       ? 
_reflns_shell.pdbx_redundancy        5.40 
_reflns_shell.percent_possible_obs   ? 
_reflns_shell.number_unique_all      3120 
_reflns_shell.percent_possible_all   99.30 
_reflns_shell.pdbx_ordinal           1 
_reflns_shell.pdbx_diffrn_id         1 
# 
_refine.entry_id                                 2R0B 
_refine.ls_d_res_high                            1.600 
_refine.ls_d_res_low                             20.000 
_refine.pdbx_ls_sigma_F                          0.00 
_refine.ls_percent_reflns_obs                    99.630 
_refine.ls_number_reflns_obs                     21839 
_refine.pdbx_ls_cross_valid_method               THROUGHOUT 
_refine.pdbx_R_Free_selection_details            RANDOM 
_refine.details                                  'HYDROGENS HAVE BEEN ADDED IN THE RIDING POSITIONS' 
_refine.ls_R_factor_obs                          0.262 
_refine.ls_R_factor_R_work                       0.260 
_refine.ls_R_factor_R_free                       0.283 
_refine.ls_percent_reflns_R_free                 5.100 
_refine.ls_number_reflns_R_free                  1117 
_refine.B_iso_mean                               18.565 
_refine.aniso_B[1][1]                            -0.230 
_refine.aniso_B[2][2]                            0.270 
_refine.aniso_B[3][3]                            -0.030 
_refine.aniso_B[1][2]                            0.000 
_refine.aniso_B[1][3]                            0.000 
_refine.aniso_B[2][3]                            0.000 
_refine.correlation_coeff_Fo_to_Fc               0.919 
_refine.correlation_coeff_Fo_to_Fc_free          0.901 
_refine.pdbx_overall_ESU_R                       0.127 
_refine.pdbx_overall_ESU_R_Free                  0.118 
_refine.overall_SU_ML                            0.081 
_refine.overall_SU_B                             2.255 
_refine.solvent_model_details                    'BABINET MODEL WITH MASK' 
_refine.pdbx_solvent_vdw_probe_radii             1.400 
_refine.pdbx_solvent_ion_probe_radii             0.800 
_refine.pdbx_solvent_shrinkage_radii             0.800 
_refine.pdbx_method_to_determine_struct          SAD 
_refine.pdbx_stereochemistry_target_values       'MAXIMUM LIKELIHOOD' 
_refine.pdbx_ls_sigma_I                          0 
_refine.ls_number_reflns_all                     21839 
_refine.ls_R_factor_all                          ? 
_refine.ls_redundancy_reflns_obs                 ? 
_refine.pdbx_data_cutoff_high_absF               ? 
_refine.pdbx_data_cutoff_low_absF                ? 
_refine.ls_number_parameters                     ? 
_refine.ls_number_restraints                     ? 
_refine.ls_R_factor_R_free_error                 ? 
_refine.ls_R_factor_R_free_error_details         ? 
_refine.pdbx_starting_model                      ? 
_refine.pdbx_stereochem_target_val_spec_case     ? 
_refine.solvent_model_param_bsol                 ? 
_refine.solvent_model_param_ksol                 ? 
_refine.occupancy_max                            ? 
_refine.occupancy_min                            ? 
_refine.pdbx_isotropic_thermal_model             ? 
_refine.B_iso_min                                ? 
_refine.B_iso_max                                ? 
_refine.overall_SU_R_Cruickshank_DPI             ? 
_refine.overall_SU_R_free                        ? 
_refine.pdbx_data_cutoff_high_rms_absF           ? 
_refine.ls_wR_factor_R_free                      ? 
_refine.ls_wR_factor_R_work                      ? 
_refine.overall_FOM_free_R_set                   ? 
_refine.overall_FOM_work_R_set                   ? 
_refine.pdbx_overall_phase_error                 ? 
_refine.pdbx_refine_id                           'X-RAY DIFFRACTION' 
_refine.pdbx_diffrn_id                           1 
_refine.pdbx_TLS_residual_ADP_flag               ? 
_refine.pdbx_overall_SU_R_free_Cruickshank_DPI   ? 
_refine.pdbx_overall_SU_R_Blow_DPI               ? 
_refine.pdbx_overall_SU_R_free_Blow_DPI          ? 
# 
_refine_hist.pdbx_refine_id                   'X-RAY DIFFRACTION' 
_refine_hist.cycle_id                         LAST 
_refine_hist.pdbx_number_atoms_protein        1222 
_refine_hist.pdbx_number_atoms_nucleic_acid   0 
_refine_hist.pdbx_number_atoms_ligand         16 
_refine_hist.number_atoms_solvent             114 
_refine_hist.number_atoms_total               1352 
_refine_hist.d_res_high                       1.600 
_refine_hist.d_res_low                        20.000 
# 
loop_
_refine_ls_restr.type 
_refine_ls_restr.number 
_refine_ls_restr.dev_ideal 
_refine_ls_restr.dev_ideal_target 
_refine_ls_restr.weight 
_refine_ls_restr.pdbx_refine_id 
_refine_ls_restr.pdbx_restraint_function 
r_bond_refined_d         1278 0.013  0.022  ? 'X-RAY DIFFRACTION' ? 
r_angle_refined_deg      1726 1.395  1.963  ? 'X-RAY DIFFRACTION' ? 
r_dihedral_angle_1_deg   156  5.430  5.000  ? 'X-RAY DIFFRACTION' ? 
r_dihedral_angle_2_deg   62   35.069 23.387 ? 'X-RAY DIFFRACTION' ? 
r_dihedral_angle_3_deg   224  12.940 15.000 ? 'X-RAY DIFFRACTION' ? 
r_dihedral_angle_4_deg   9    17.956 15.000 ? 'X-RAY DIFFRACTION' ? 
r_chiral_restr           183  0.100  0.200  ? 'X-RAY DIFFRACTION' ? 
r_gen_planes_refined     969  0.007  0.020  ? 'X-RAY DIFFRACTION' ? 
r_nbd_refined            615  0.207  0.200  ? 'X-RAY DIFFRACTION' ? 
r_nbtor_refined          876  0.316  0.200  ? 'X-RAY DIFFRACTION' ? 
r_xyhbond_nbd_refined    86   0.133  0.200  ? 'X-RAY DIFFRACTION' ? 
r_symmetry_vdw_refined   22   0.097  0.200  ? 'X-RAY DIFFRACTION' ? 
r_symmetry_hbond_refined 13   0.118  0.200  ? 'X-RAY DIFFRACTION' ? 
r_mcbond_it              796  0.887  1.500  ? 'X-RAY DIFFRACTION' ? 
r_mcangle_it             1229 1.222  2.000  ? 'X-RAY DIFFRACTION' ? 
r_scbond_it              555  2.199  3.000  ? 'X-RAY DIFFRACTION' ? 
r_scangle_it             494  3.001  4.500  ? 'X-RAY DIFFRACTION' ? 
# 
_refine_ls_shell.d_res_high                       1.600 
_refine_ls_shell.d_res_low                        1.641 
_refine_ls_shell.pdbx_total_number_of_bins_used   20 
_refine_ls_shell.percent_reflns_obs               99.050 
_refine_ls_shell.number_reflns_R_work             1480 
_refine_ls_shell.R_factor_all                     ? 
_refine_ls_shell.R_factor_R_work                  0.226 
_refine_ls_shell.R_factor_R_free                  0.271 
_refine_ls_shell.percent_reflns_R_free            ? 
_refine_ls_shell.number_reflns_R_free             82 
_refine_ls_shell.R_factor_R_free_error            ? 
_refine_ls_shell.number_reflns_all                1562 
_refine_ls_shell.number_reflns_obs                1480 
_refine_ls_shell.redundancy_reflns_obs            ? 
_refine_ls_shell.pdbx_refine_id                   'X-RAY DIFFRACTION' 
# 
_struct.entry_id                  2R0B 
_struct.title                     
'Crystal structure of human tyrosine phosphatase-like serine/threonine/tyrosine-interacting protein' 
_struct.pdbx_model_details        ? 
_struct.pdbx_CASP_flag            ? 
_struct.pdbx_model_type_details   ? 
# 
_struct_keywords.entry_id        2R0B 
_struct_keywords.text            
;STRUCTURAL GENOMICS, PHOSPHATASE, PSI-2, Protein Structure Initiative, New York SGX Research Center for Structural Genomics, NYSGXRC, Hydrolase, Protein phosphatase
;
_struct_keywords.pdbx_keywords   HYDROLASE 
# 
loop_
_struct_asym.id 
_struct_asym.pdbx_blank_PDB_chainid_flag 
_struct_asym.pdbx_modified 
_struct_asym.entity_id 
_struct_asym.details 
A N N 1 ? 
B N N 2 ? 
C N N 2 ? 
D N N 3 ? 
E N N 4 ? 
# 
_struct_ref.id                         1 
_struct_ref.db_name                    UNP 
_struct_ref.db_code                    STYX_HUMAN 
_struct_ref.pdbx_db_accession          Q8WUJ0 
_struct_ref.entity_id                  1 
_struct_ref.pdbx_seq_one_letter_code   
;RREMQEILPGLFLGPYSSAMKSKLPVLQKHGITHIICIRQNIEANFIKPNFQQLFRYLVLDIADNPVENIIRFFPMTKEF
IDGSLQMGGKVLVHGNAGISRSAAFVIAYIMETFGMKYRDAFAYVQERRFCINPNAGFVHQLQEYEAIYLAK
;
_struct_ref.pdbx_align_begin           26 
_struct_ref.pdbx_db_isoform            ? 
# 
_struct_ref_seq.align_id                      1 
_struct_ref_seq.ref_id                        1 
_struct_ref_seq.pdbx_PDB_id_code              2R0B 
_struct_ref_seq.pdbx_strand_id                A 
_struct_ref_seq.seq_align_beg                 3 
_struct_ref_seq.pdbx_seq_align_beg_ins_code   ? 
_struct_ref_seq.seq_align_end                 154 
_struct_ref_seq.pdbx_seq_align_end_ins_code   ? 
_struct_ref_seq.pdbx_db_accession             Q8WUJ0 
_struct_ref_seq.db_align_beg                  26 
_struct_ref_seq.pdbx_db_align_beg_ins_code    ? 
_struct_ref_seq.db_align_end                  177 
_struct_ref_seq.pdbx_db_align_end_ins_code    ? 
_struct_ref_seq.pdbx_auth_seq_align_beg       26 
_struct_ref_seq.pdbx_auth_seq_align_end       177 
# 
loop_
_struct_ref_seq_dif.align_id 
_struct_ref_seq_dif.pdbx_pdb_id_code 
_struct_ref_seq_dif.mon_id 
_struct_ref_seq_dif.pdbx_pdb_strand_id 
_struct_ref_seq_dif.seq_num 
_struct_ref_seq_dif.pdbx_pdb_ins_code 
_struct_ref_seq_dif.pdbx_seq_db_name 
_struct_ref_seq_dif.pdbx_seq_db_accession_code 
_struct_ref_seq_dif.db_mon_id 
_struct_ref_seq_dif.pdbx_seq_db_seq_num 
_struct_ref_seq_dif.details 
_struct_ref_seq_dif.pdbx_auth_seq_num 
_struct_ref_seq_dif.pdbx_ordinal 
1 2R0B SER A 1 ? UNP Q8WUJ0 ? ? 'expression tag' 24 1 
1 2R0B LEU A 2 ? UNP Q8WUJ0 ? ? 'expression tag' 25 2 
# 
_pdbx_struct_assembly.id                   1 
_pdbx_struct_assembly.details              author_and_software_defined_assembly 
_pdbx_struct_assembly.method_details       PISA 
_pdbx_struct_assembly.oligomeric_details   monomeric 
_pdbx_struct_assembly.oligomeric_count     1 
# 
_pdbx_struct_assembly_gen.assembly_id       1 
_pdbx_struct_assembly_gen.oper_expression   1 
_pdbx_struct_assembly_gen.asym_id_list      A,B,C,D,E 
# 
_pdbx_struct_oper_list.id                   1 
_pdbx_struct_oper_list.type                 'identity operation' 
_pdbx_struct_oper_list.name                 1_555 
_pdbx_struct_oper_list.symmetry_operation   x,y,z 
_pdbx_struct_oper_list.matrix[1][1]         1.0000000000 
_pdbx_struct_oper_list.matrix[1][2]         0.0000000000 
_pdbx_struct_oper_list.matrix[1][3]         0.0000000000 
_pdbx_struct_oper_list.vector[1]            0.0000000000 
_pdbx_struct_oper_list.matrix[2][1]         0.0000000000 
_pdbx_struct_oper_list.matrix[2][2]         1.0000000000 
_pdbx_struct_oper_list.matrix[2][3]         0.0000000000 
_pdbx_struct_oper_list.vector[2]            0.0000000000 
_pdbx_struct_oper_list.matrix[3][1]         0.0000000000 
_pdbx_struct_oper_list.matrix[3][2]         0.0000000000 
_pdbx_struct_oper_list.matrix[3][3]         1.0000000000 
_pdbx_struct_oper_list.vector[3]            0.0000000000 
# 
_struct_biol.id        1 
_struct_biol.details   'probable monomer' 
# 
loop_
_struct_conf.conf_type_id 
_struct_conf.id 
_struct_conf.pdbx_PDB_helix_id 
_struct_conf.beg_label_comp_id 
_struct_conf.beg_label_asym_id 
_struct_conf.beg_label_seq_id 
_struct_conf.pdbx_beg_PDB_ins_code 
_struct_conf.end_label_comp_id 
_struct_conf.end_label_asym_id 
_struct_conf.end_label_seq_id 
_struct_conf.pdbx_end_PDB_ins_code 
_struct_conf.beg_auth_comp_id 
_struct_conf.beg_auth_asym_id 
_struct_conf.beg_auth_seq_id 
_struct_conf.end_auth_comp_id 
_struct_conf.end_auth_asym_id 
_struct_conf.end_auth_seq_id 
_struct_conf.pdbx_PDB_helix_class 
_struct_conf.details 
_struct_conf.pdbx_PDB_helix_length 
HELX_P HELX_P1 1 PRO A 17  ? SER A 24  ? PRO A 40  SER A 47  5 ? 8  
HELX_P HELX_P2 2 LYS A 25  ? HIS A 32  ? LYS A 48  HIS A 55  1 ? 8  
HELX_P HELX_P3 3 GLN A 42  ? ALA A 46  ? GLN A 65  ALA A 69  5 ? 5  
HELX_P HELX_P4 4 ILE A 72  ? ARG A 74  ? ILE A 95  ARG A 97  5 ? 3  
HELX_P HELX_P5 5 PHE A 75  ? MET A 89  ? PHE A 98  MET A 112 1 ? 15 
HELX_P HELX_P6 6 SER A 102 ? GLY A 117 ? SER A 125 GLY A 140 1 ? 16 
HELX_P HELX_P7 7 LYS A 119 ? ARG A 131 ? LYS A 142 ARG A 154 1 ? 13 
HELX_P HELX_P8 8 ASN A 137 ? ALA A 153 ? ASN A 160 ALA A 176 1 ? 17 
# 
_struct_conf_type.id          HELX_P 
_struct_conf_type.criteria    ? 
_struct_conf_type.reference   ? 
# 
_struct_sheet.id               A 
_struct_sheet.type             ? 
_struct_sheet.number_strands   5 
_struct_sheet.details          ? 
# 
loop_
_struct_sheet_order.sheet_id 
_struct_sheet_order.range_id_1 
_struct_sheet_order.range_id_2 
_struct_sheet_order.offset 
_struct_sheet_order.sense 
A 1 2 ? anti-parallel 
A 2 3 ? parallel      
A 3 4 ? parallel      
A 4 5 ? parallel      
# 
loop_
_struct_sheet_range.sheet_id 
_struct_sheet_range.id 
_struct_sheet_range.beg_label_comp_id 
_struct_sheet_range.beg_label_asym_id 
_struct_sheet_range.beg_label_seq_id 
_struct_sheet_range.pdbx_beg_PDB_ins_code 
_struct_sheet_range.end_label_comp_id 
_struct_sheet_range.end_label_asym_id 
_struct_sheet_range.end_label_seq_id 
_struct_sheet_range.pdbx_end_PDB_ins_code 
_struct_sheet_range.beg_auth_comp_id 
_struct_sheet_range.beg_auth_asym_id 
_struct_sheet_range.beg_auth_seq_id 
_struct_sheet_range.end_auth_comp_id 
_struct_sheet_range.end_auth_asym_id 
_struct_sheet_range.end_auth_seq_id 
A 1 GLN A 7  ? LEU A 10 ? GLN A 30  LEU A 33  
A 2 LEU A 13 ? GLY A 16 ? LEU A 36  GLY A 39  
A 3 VAL A 93 ? HIS A 96 ? VAL A 116 HIS A 119 
A 4 HIS A 36 ? ARG A 41 ? HIS A 59  ARG A 64  
A 5 ARG A 58 ? ASP A 63 ? ARG A 81  ASP A 86  
# 
loop_
_pdbx_struct_sheet_hbond.sheet_id 
_pdbx_struct_sheet_hbond.range_id_1 
_pdbx_struct_sheet_hbond.range_id_2 
_pdbx_struct_sheet_hbond.range_1_label_atom_id 
_pdbx_struct_sheet_hbond.range_1_label_comp_id 
_pdbx_struct_sheet_hbond.range_1_label_asym_id 
_pdbx_struct_sheet_hbond.range_1_label_seq_id 
_pdbx_struct_sheet_hbond.range_1_PDB_ins_code 
_pdbx_struct_sheet_hbond.range_1_auth_atom_id 
_pdbx_struct_sheet_hbond.range_1_auth_comp_id 
_pdbx_struct_sheet_hbond.range_1_auth_asym_id 
_pdbx_struct_sheet_hbond.range_1_auth_seq_id 
_pdbx_struct_sheet_hbond.range_2_label_atom_id 
_pdbx_struct_sheet_hbond.range_2_label_comp_id 
_pdbx_struct_sheet_hbond.range_2_label_asym_id 
_pdbx_struct_sheet_hbond.range_2_label_seq_id 
_pdbx_struct_sheet_hbond.range_2_PDB_ins_code 
_pdbx_struct_sheet_hbond.range_2_auth_atom_id 
_pdbx_struct_sheet_hbond.range_2_auth_comp_id 
_pdbx_struct_sheet_hbond.range_2_auth_asym_id 
_pdbx_struct_sheet_hbond.range_2_auth_seq_id 
A 1 2 N LEU A 10 ? N LEU A 33  O LEU A 13 ? O LEU A 36  
A 2 3 N PHE A 14 ? N PHE A 37  O VAL A 93 ? O VAL A 116 
A 3 4 O LEU A 94 ? O LEU A 117 N ILE A 38 ? N ILE A 61  
A 4 5 N ILE A 37 ? N ILE A 60  O ARG A 58 ? O ARG A 81  
# 
loop_
_struct_site.id 
_struct_site.pdbx_evidence_code 
_struct_site.pdbx_auth_asym_id 
_struct_site.pdbx_auth_comp_id 
_struct_site.pdbx_auth_seq_id 
_struct_site.pdbx_auth_ins_code 
_struct_site.pdbx_num_residues 
_struct_site.details 
AC1 Software A SO4 1   ? 9 'BINDING SITE FOR RESIDUE SO4 A 1'   
AC2 Software A SO4 2   ? 5 'BINDING SITE FOR RESIDUE SO4 A 2'   
AC3 Software A GOL 178 ? 8 'BINDING SITE FOR RESIDUE GOL A 178' 
# 
loop_
_struct_site_gen.id 
_struct_site_gen.site_id 
_struct_site_gen.pdbx_num_res 
_struct_site_gen.label_comp_id 
_struct_site_gen.label_asym_id 
_struct_site_gen.label_seq_id 
_struct_site_gen.pdbx_auth_ins_code 
_struct_site_gen.auth_comp_id 
_struct_site_gen.auth_asym_id 
_struct_site_gen.auth_seq_id 
_struct_site_gen.label_atom_id 
_struct_site_gen.label_alt_id 
_struct_site_gen.symmetry 
_struct_site_gen.details 
1  AC1 9 GLY A 97  ? GLY A 120 . ? 1_555 ? 
2  AC1 9 ASN A 98  ? ASN A 121 . ? 1_555 ? 
3  AC1 9 ALA A 99  ? ALA A 122 . ? 1_555 ? 
4  AC1 9 GLY A 100 ? GLY A 123 . ? 1_555 ? 
5  AC1 9 ILE A 101 ? ILE A 124 . ? 1_555 ? 
6  AC1 9 SER A 102 ? SER A 125 . ? 1_555 ? 
7  AC1 9 ARG A 103 ? ARG A 126 . ? 1_555 ? 
8  AC1 9 SER A 104 ? SER A 127 . ? 1_555 ? 
9  AC1 9 HOH E .   ? HOH A 223 . ? 1_555 ? 
10 AC2 5 ASN A 47  ? ASN A 70  . ? 2_564 ? 
11 AC2 5 TYR A 120 ? TYR A 143 . ? 1_555 ? 
12 AC2 5 ARG A 121 ? ARG A 144 . ? 1_555 ? 
13 AC2 5 GLN A 145 ? GLN A 168 . ? 1_555 ? 
14 AC2 5 HOH E .   ? HOH A 211 . ? 1_555 ? 
15 AC3 8 GLN A 54  ? GLN A 77  . ? 1_555 ? 
16 AC3 8 TYR A 59  ? TYR A 82  . ? 1_555 ? 
17 AC3 8 GLY A 117 ? GLY A 140 . ? 4_465 ? 
18 AC3 8 LYS A 119 ? LYS A 142 . ? 4_465 ? 
19 AC3 8 GLU A 148 ? GLU A 171 . ? 4_465 ? 
20 AC3 8 LEU A 152 ? LEU A 175 . ? 4_465 ? 
21 AC3 8 HOH E .   ? HOH A 181 . ? 1_555 ? 
22 AC3 8 HOH E .   ? HOH A 199 . ? 1_555 ? 
# 
loop_
_pdbx_validate_torsion.id 
_pdbx_validate_torsion.PDB_model_num 
_pdbx_validate_torsion.auth_comp_id 
_pdbx_validate_torsion.auth_asym_id 
_pdbx_validate_torsion.auth_seq_id 
_pdbx_validate_torsion.PDB_ins_code 
_pdbx_validate_torsion.label_alt_id 
_pdbx_validate_torsion.phi 
_pdbx_validate_torsion.psi 
1 1 ASN A 121 ? ? -90.24  -66.86 
2 1 ASN A 158 ? ? -166.13 75.78  
# 
_pdbx_SG_project.id                    1 
_pdbx_SG_project.project_name          'PSI, Protein Structure Initiative' 
_pdbx_SG_project.full_name_of_center   'New York SGX Research Center for Structural Genomics' 
_pdbx_SG_project.initial_of_center     NYSGXRC 
# 
_pdbx_database_remark.id     300 
_pdbx_database_remark.text   
;
BIOMOLECULE: 1
SEE REMARK 350 FOR THE AUTHOR PROVIDED AND PROGRAM
GENERATED ASSEMBLY INFORMATION FOR THE STRUCTURE IN
THIS ENTRY. AUTHORS STATE THAT THE MONOMERIC ASSEMBLY
SHOWN IN REMARK 350 IS PROBABLE.
;
# 
loop_
_pdbx_unobs_or_zero_occ_residues.id 
_pdbx_unobs_or_zero_occ_residues.PDB_model_num 
_pdbx_unobs_or_zero_occ_residues.polymer_flag 
_pdbx_unobs_or_zero_occ_residues.occupancy_flag 
_pdbx_unobs_or_zero_occ_residues.auth_asym_id 
_pdbx_unobs_or_zero_occ_residues.auth_comp_id 
_pdbx_unobs_or_zero_occ_residues.auth_seq_id 
_pdbx_unobs_or_zero_occ_residues.PDB_ins_code 
_pdbx_unobs_or_zero_occ_residues.label_asym_id 
_pdbx_unobs_or_zero_occ_residues.label_comp_id 
_pdbx_unobs_or_zero_occ_residues.label_seq_id 
1 1 Y 1 A SER 24  ? A SER 1   
2 1 Y 1 A LEU 25  ? A LEU 2   
3 1 Y 1 A LYS 177 ? A LYS 154 
# 
loop_
_chem_comp_atom.comp_id 
_chem_comp_atom.atom_id 
_chem_comp_atom.type_symbol 
_chem_comp_atom.pdbx_aromatic_flag 
_chem_comp_atom.pdbx_stereo_config 
_chem_comp_atom.pdbx_ordinal 
ALA N    N N N 1   
ALA CA   C N S 2   
ALA C    C N N 3   
ALA O    O N N 4   
ALA CB   C N N 5   
ALA OXT  O N N 6   
ALA H    H N N 7   
ALA H2   H N N 8   
ALA HA   H N N 9   
ALA HB1  H N N 10  
ALA HB2  H N N 11  
ALA HB3  H N N 12  
ALA HXT  H N N 13  
ARG N    N N N 14  
ARG CA   C N S 15  
ARG C    C N N 16  
ARG O    O N N 17  
ARG CB   C N N 18  
ARG CG   C N N 19  
ARG CD   C N N 20  
ARG NE   N N N 21  
ARG CZ   C N N 22  
ARG NH1  N N N 23  
ARG NH2  N N N 24  
ARG OXT  O N N 25  
ARG H    H N N 26  
ARG H2   H N N 27  
ARG HA   H N N 28  
ARG HB2  H N N 29  
ARG HB3  H N N 30  
ARG HG2  H N N 31  
ARG HG3  H N N 32  
ARG HD2  H N N 33  
ARG HD3  H N N 34  
ARG HE   H N N 35  
ARG HH11 H N N 36  
ARG HH12 H N N 37  
ARG HH21 H N N 38  
ARG HH22 H N N 39  
ARG HXT  H N N 40  
ASN N    N N N 41  
ASN CA   C N S 42  
ASN C    C N N 43  
ASN O    O N N 44  
ASN CB   C N N 45  
ASN CG   C N N 46  
ASN OD1  O N N 47  
ASN ND2  N N N 48  
ASN OXT  O N N 49  
ASN H    H N N 50  
ASN H2   H N N 51  
ASN HA   H N N 52  
ASN HB2  H N N 53  
ASN HB3  H N N 54  
ASN HD21 H N N 55  
ASN HD22 H N N 56  
ASN HXT  H N N 57  
ASP N    N N N 58  
ASP CA   C N S 59  
ASP C    C N N 60  
ASP O    O N N 61  
ASP CB   C N N 62  
ASP CG   C N N 63  
ASP OD1  O N N 64  
ASP OD2  O N N 65  
ASP OXT  O N N 66  
ASP H    H N N 67  
ASP H2   H N N 68  
ASP HA   H N N 69  
ASP HB2  H N N 70  
ASP HB3  H N N 71  
ASP HD2  H N N 72  
ASP HXT  H N N 73  
CYS N    N N N 74  
CYS CA   C N R 75  
CYS C    C N N 76  
CYS O    O N N 77  
CYS CB   C N N 78  
CYS SG   S N N 79  
CYS OXT  O N N 80  
CYS H    H N N 81  
CYS H2   H N N 82  
CYS HA   H N N 83  
CYS HB2  H N N 84  
CYS HB3  H N N 85  
CYS HG   H N N 86  
CYS HXT  H N N 87  
GLN N    N N N 88  
GLN CA   C N S 89  
GLN C    C N N 90  
GLN O    O N N 91  
GLN CB   C N N 92  
GLN CG   C N N 93  
GLN CD   C N N 94  
GLN OE1  O N N 95  
GLN NE2  N N N 96  
GLN OXT  O N N 97  
GLN H    H N N 98  
GLN H2   H N N 99  
GLN HA   H N N 100 
GLN HB2  H N N 101 
GLN HB3  H N N 102 
GLN HG2  H N N 103 
GLN HG3  H N N 104 
GLN HE21 H N N 105 
GLN HE22 H N N 106 
GLN HXT  H N N 107 
GLU N    N N N 108 
GLU CA   C N S 109 
GLU C    C N N 110 
GLU O    O N N 111 
GLU CB   C N N 112 
GLU CG   C N N 113 
GLU CD   C N N 114 
GLU OE1  O N N 115 
GLU OE2  O N N 116 
GLU OXT  O N N 117 
GLU H    H N N 118 
GLU H2   H N N 119 
GLU HA   H N N 120 
GLU HB2  H N N 121 
GLU HB3  H N N 122 
GLU HG2  H N N 123 
GLU HG3  H N N 124 
GLU HE2  H N N 125 
GLU HXT  H N N 126 
GLY N    N N N 127 
GLY CA   C N N 128 
GLY C    C N N 129 
GLY O    O N N 130 
GLY OXT  O N N 131 
GLY H    H N N 132 
GLY H2   H N N 133 
GLY HA2  H N N 134 
GLY HA3  H N N 135 
GLY HXT  H N N 136 
GOL C1   C N N 137 
GOL O1   O N N 138 
GOL C2   C N N 139 
GOL O2   O N N 140 
GOL C3   C N N 141 
GOL O3   O N N 142 
GOL H11  H N N 143 
GOL H12  H N N 144 
GOL HO1  H N N 145 
GOL H2   H N N 146 
GOL HO2  H N N 147 
GOL H31  H N N 148 
GOL H32  H N N 149 
GOL HO3  H N N 150 
HIS N    N N N 151 
HIS CA   C N S 152 
HIS C    C N N 153 
HIS O    O N N 154 
HIS CB   C N N 155 
HIS CG   C Y N 156 
HIS ND1  N Y N 157 
HIS CD2  C Y N 158 
HIS CE1  C Y N 159 
HIS NE2  N Y N 160 
HIS OXT  O N N 161 
HIS H    H N N 162 
HIS H2   H N N 163 
HIS HA   H N N 164 
HIS HB2  H N N 165 
HIS HB3  H N N 166 
HIS HD1  H N N 167 
HIS HD2  H N N 168 
HIS HE1  H N N 169 
HIS HE2  H N N 170 
HIS HXT  H N N 171 
HOH O    O N N 172 
HOH H1   H N N 173 
HOH H2   H N N 174 
ILE N    N N N 175 
ILE CA   C N S 176 
ILE C    C N N 177 
ILE O    O N N 178 
ILE CB   C N S 179 
ILE CG1  C N N 180 
ILE CG2  C N N 181 
ILE CD1  C N N 182 
ILE OXT  O N N 183 
ILE H    H N N 184 
ILE H2   H N N 185 
ILE HA   H N N 186 
ILE HB   H N N 187 
ILE HG12 H N N 188 
ILE HG13 H N N 189 
ILE HG21 H N N 190 
ILE HG22 H N N 191 
ILE HG23 H N N 192 
ILE HD11 H N N 193 
ILE HD12 H N N 194 
ILE HD13 H N N 195 
ILE HXT  H N N 196 
LEU N    N N N 197 
LEU CA   C N S 198 
LEU C    C N N 199 
LEU O    O N N 200 
LEU CB   C N N 201 
LEU CG   C N N 202 
LEU CD1  C N N 203 
LEU CD2  C N N 204 
LEU OXT  O N N 205 
LEU H    H N N 206 
LEU H2   H N N 207 
LEU HA   H N N 208 
LEU HB2  H N N 209 
LEU HB3  H N N 210 
LEU HG   H N N 211 
LEU HD11 H N N 212 
LEU HD12 H N N 213 
LEU HD13 H N N 214 
LEU HD21 H N N 215 
LEU HD22 H N N 216 
LEU HD23 H N N 217 
LEU HXT  H N N 218 
LYS N    N N N 219 
LYS CA   C N S 220 
LYS C    C N N 221 
LYS O    O N N 222 
LYS CB   C N N 223 
LYS CG   C N N 224 
LYS CD   C N N 225 
LYS CE   C N N 226 
LYS NZ   N N N 227 
LYS OXT  O N N 228 
LYS H    H N N 229 
LYS H2   H N N 230 
LYS HA   H N N 231 
LYS HB2  H N N 232 
LYS HB3  H N N 233 
LYS HG2  H N N 234 
LYS HG3  H N N 235 
LYS HD2  H N N 236 
LYS HD3  H N N 237 
LYS HE2  H N N 238 
LYS HE3  H N N 239 
LYS HZ1  H N N 240 
LYS HZ2  H N N 241 
LYS HZ3  H N N 242 
LYS HXT  H N N 243 
MET N    N N N 244 
MET CA   C N S 245 
MET C    C N N 246 
MET O    O N N 247 
MET CB   C N N 248 
MET CG   C N N 249 
MET SD   S N N 250 
MET CE   C N N 251 
MET OXT  O N N 252 
MET H    H N N 253 
MET H2   H N N 254 
MET HA   H N N 255 
MET HB2  H N N 256 
MET HB3  H N N 257 
MET HG2  H N N 258 
MET HG3  H N N 259 
MET HE1  H N N 260 
MET HE2  H N N 261 
MET HE3  H N N 262 
MET HXT  H N N 263 
PHE N    N N N 264 
PHE CA   C N S 265 
PHE C    C N N 266 
PHE O    O N N 267 
PHE CB   C N N 268 
PHE CG   C Y N 269 
PHE CD1  C Y N 270 
PHE CD2  C Y N 271 
PHE CE1  C Y N 272 
PHE CE2  C Y N 273 
PHE CZ   C Y N 274 
PHE OXT  O N N 275 
PHE H    H N N 276 
PHE H2   H N N 277 
PHE HA   H N N 278 
PHE HB2  H N N 279 
PHE HB3  H N N 280 
PHE HD1  H N N 281 
PHE HD2  H N N 282 
PHE HE1  H N N 283 
PHE HE2  H N N 284 
PHE HZ   H N N 285 
PHE HXT  H N N 286 
PRO N    N N N 287 
PRO CA   C N S 288 
PRO C    C N N 289 
PRO O    O N N 290 
PRO CB   C N N 291 
PRO CG   C N N 292 
PRO CD   C N N 293 
PRO OXT  O N N 294 
PRO H    H N N 295 
PRO HA   H N N 296 
PRO HB2  H N N 297 
PRO HB3  H N N 298 
PRO HG2  H N N 299 
PRO HG3  H N N 300 
PRO HD2  H N N 301 
PRO HD3  H N N 302 
PRO HXT  H N N 303 
SER N    N N N 304 
SER CA   C N S 305 
SER C    C N N 306 
SER O    O N N 307 
SER CB   C N N 308 
SER OG   O N N 309 
SER OXT  O N N 310 
SER H    H N N 311 
SER H2   H N N 312 
SER HA   H N N 313 
SER HB2  H N N 314 
SER HB3  H N N 315 
SER HG   H N N 316 
SER HXT  H N N 317 
SO4 S    S N N 318 
SO4 O1   O N N 319 
SO4 O2   O N N 320 
SO4 O3   O N N 321 
SO4 O4   O N N 322 
THR N    N N N 323 
THR CA   C N S 324 
THR C    C N N 325 
THR O    O N N 326 
THR CB   C N R 327 
THR OG1  O N N 328 
THR CG2  C N N 329 
THR OXT  O N N 330 
THR H    H N N 331 
THR H2   H N N 332 
THR HA   H N N 333 
THR HB   H N N 334 
THR HG1  H N N 335 
THR HG21 H N N 336 
THR HG22 H N N 337 
THR HG23 H N N 338 
THR HXT  H N N 339 
TYR N    N N N 340 
TYR CA   C N S 341 
TYR C    C N N 342 
TYR O    O N N 343 
TYR CB   C N N 344 
TYR CG   C Y N 345 
TYR CD1  C Y N 346 
TYR CD2  C Y N 347 
TYR CE1  C Y N 348 
TYR CE2  C Y N 349 
TYR CZ   C Y N 350 
TYR OH   O N N 351 
TYR OXT  O N N 352 
TYR H    H N N 353 
TYR H2   H N N 354 
TYR HA   H N N 355 
TYR HB2  H N N 356 
TYR HB3  H N N 357 
TYR HD1  H N N 358 
TYR HD2  H N N 359 
TYR HE1  H N N 360 
TYR HE2  H N N 361 
TYR HH   H N N 362 
TYR HXT  H N N 363 
VAL N    N N N 364 
VAL CA   C N S 365 
VAL C    C N N 366 
VAL O    O N N 367 
VAL CB   C N N 368 
VAL CG1  C N N 369 
VAL CG2  C N N 370 
VAL OXT  O N N 371 
VAL H    H N N 372 
VAL H2   H N N 373 
VAL HA   H N N 374 
VAL HB   H N N 375 
VAL HG11 H N N 376 
VAL HG12 H N N 377 
VAL HG13 H N N 378 
VAL HG21 H N N 379 
VAL HG22 H N N 380 
VAL HG23 H N N 381 
VAL HXT  H N N 382 
# 
loop_
_chem_comp_bond.comp_id 
_chem_comp_bond.atom_id_1 
_chem_comp_bond.atom_id_2 
_chem_comp_bond.value_order 
_chem_comp_bond.pdbx_aromatic_flag 
_chem_comp_bond.pdbx_stereo_config 
_chem_comp_bond.pdbx_ordinal 
ALA N   CA   sing N N 1   
ALA N   H    sing N N 2   
ALA N   H2   sing N N 3   
ALA CA  C    sing N N 4   
ALA CA  CB   sing N N 5   
ALA CA  HA   sing N N 6   
ALA C   O    doub N N 7   
ALA C   OXT  sing N N 8   
ALA CB  HB1  sing N N 9   
ALA CB  HB2  sing N N 10  
ALA CB  HB3  sing N N 11  
ALA OXT HXT  sing N N 12  
ARG N   CA   sing N N 13  
ARG N   H    sing N N 14  
ARG N   H2   sing N N 15  
ARG CA  C    sing N N 16  
ARG CA  CB   sing N N 17  
ARG CA  HA   sing N N 18  
ARG C   O    doub N N 19  
ARG C   OXT  sing N N 20  
ARG CB  CG   sing N N 21  
ARG CB  HB2  sing N N 22  
ARG CB  HB3  sing N N 23  
ARG CG  CD   sing N N 24  
ARG CG  HG2  sing N N 25  
ARG CG  HG3  sing N N 26  
ARG CD  NE   sing N N 27  
ARG CD  HD2  sing N N 28  
ARG CD  HD3  sing N N 29  
ARG NE  CZ   sing N N 30  
ARG NE  HE   sing N N 31  
ARG CZ  NH1  sing N N 32  
ARG CZ  NH2  doub N N 33  
ARG NH1 HH11 sing N N 34  
ARG NH1 HH12 sing N N 35  
ARG NH2 HH21 sing N N 36  
ARG NH2 HH22 sing N N 37  
ARG OXT HXT  sing N N 38  
ASN N   CA   sing N N 39  
ASN N   H    sing N N 40  
ASN N   H2   sing N N 41  
ASN CA  C    sing N N 42  
ASN CA  CB   sing N N 43  
ASN CA  HA   sing N N 44  
ASN C   O    doub N N 45  
ASN C   OXT  sing N N 46  
ASN CB  CG   sing N N 47  
ASN CB  HB2  sing N N 48  
ASN CB  HB3  sing N N 49  
ASN CG  OD1  doub N N 50  
ASN CG  ND2  sing N N 51  
ASN ND2 HD21 sing N N 52  
ASN ND2 HD22 sing N N 53  
ASN OXT HXT  sing N N 54  
ASP N   CA   sing N N 55  
ASP N   H    sing N N 56  
ASP N   H2   sing N N 57  
ASP CA  C    sing N N 58  
ASP CA  CB   sing N N 59  
ASP CA  HA   sing N N 60  
ASP C   O    doub N N 61  
ASP C   OXT  sing N N 62  
ASP CB  CG   sing N N 63  
ASP CB  HB2  sing N N 64  
ASP CB  HB3  sing N N 65  
ASP CG  OD1  doub N N 66  
ASP CG  OD2  sing N N 67  
ASP OD2 HD2  sing N N 68  
ASP OXT HXT  sing N N 69  
CYS N   CA   sing N N 70  
CYS N   H    sing N N 71  
CYS N   H2   sing N N 72  
CYS CA  C    sing N N 73  
CYS CA  CB   sing N N 74  
CYS CA  HA   sing N N 75  
CYS C   O    doub N N 76  
CYS C   OXT  sing N N 77  
CYS CB  SG   sing N N 78  
CYS CB  HB2  sing N N 79  
CYS CB  HB3  sing N N 80  
CYS SG  HG   sing N N 81  
CYS OXT HXT  sing N N 82  
GLN N   CA   sing N N 83  
GLN N   H    sing N N 84  
GLN N   H2   sing N N 85  
GLN CA  C    sing N N 86  
GLN CA  CB   sing N N 87  
GLN CA  HA   sing N N 88  
GLN C   O    doub N N 89  
GLN C   OXT  sing N N 90  
GLN CB  CG   sing N N 91  
GLN CB  HB2  sing N N 92  
GLN CB  HB3  sing N N 93  
GLN CG  CD   sing N N 94  
GLN CG  HG2  sing N N 95  
GLN CG  HG3  sing N N 96  
GLN CD  OE1  doub N N 97  
GLN CD  NE2  sing N N 98  
GLN NE2 HE21 sing N N 99  
GLN NE2 HE22 sing N N 100 
GLN OXT HXT  sing N N 101 
GLU N   CA   sing N N 102 
GLU N   H    sing N N 103 
GLU N   H2   sing N N 104 
GLU CA  C    sing N N 105 
GLU CA  CB   sing N N 106 
GLU CA  HA   sing N N 107 
GLU C   O    doub N N 108 
GLU C   OXT  sing N N 109 
GLU CB  CG   sing N N 110 
GLU CB  HB2  sing N N 111 
GLU CB  HB3  sing N N 112 
GLU CG  CD   sing N N 113 
GLU CG  HG2  sing N N 114 
GLU CG  HG3  sing N N 115 
GLU CD  OE1  doub N N 116 
GLU CD  OE2  sing N N 117 
GLU OE2 HE2  sing N N 118 
GLU OXT HXT  sing N N 119 
GLY N   CA   sing N N 120 
GLY N   H    sing N N 121 
GLY N   H2   sing N N 122 
GLY CA  C    sing N N 123 
GLY CA  HA2  sing N N 124 
GLY CA  HA3  sing N N 125 
GLY C   O    doub N N 126 
GLY C   OXT  sing N N 127 
GLY OXT HXT  sing N N 128 
GOL C1  O1   sing N N 129 
GOL C1  C2   sing N N 130 
GOL C1  H11  sing N N 131 
GOL C1  H12  sing N N 132 
GOL O1  HO1  sing N N 133 
GOL C2  O2   sing N N 134 
GOL C2  C3   sing N N 135 
GOL C2  H2   sing N N 136 
GOL O2  HO2  sing N N 137 
GOL C3  O3   sing N N 138 
GOL C3  H31  sing N N 139 
GOL C3  H32  sing N N 140 
GOL O3  HO3  sing N N 141 
HIS N   CA   sing N N 142 
HIS N   H    sing N N 143 
HIS N   H2   sing N N 144 
HIS CA  C    sing N N 145 
HIS CA  CB   sing N N 146 
HIS CA  HA   sing N N 147 
HIS C   O    doub N N 148 
HIS C   OXT  sing N N 149 
HIS CB  CG   sing N N 150 
HIS CB  HB2  sing N N 151 
HIS CB  HB3  sing N N 152 
HIS CG  ND1  sing Y N 153 
HIS CG  CD2  doub Y N 154 
HIS ND1 CE1  doub Y N 155 
HIS ND1 HD1  sing N N 156 
HIS CD2 NE2  sing Y N 157 
HIS CD2 HD2  sing N N 158 
HIS CE1 NE2  sing Y N 159 
HIS CE1 HE1  sing N N 160 
HIS NE2 HE2  sing N N 161 
HIS OXT HXT  sing N N 162 
HOH O   H1   sing N N 163 
HOH O   H2   sing N N 164 
ILE N   CA   sing N N 165 
ILE N   H    sing N N 166 
ILE N   H2   sing N N 167 
ILE CA  C    sing N N 168 
ILE CA  CB   sing N N 169 
ILE CA  HA   sing N N 170 
ILE C   O    doub N N 171 
ILE C   OXT  sing N N 172 
ILE CB  CG1  sing N N 173 
ILE CB  CG2  sing N N 174 
ILE CB  HB   sing N N 175 
ILE CG1 CD1  sing N N 176 
ILE CG1 HG12 sing N N 177 
ILE CG1 HG13 sing N N 178 
ILE CG2 HG21 sing N N 179 
ILE CG2 HG22 sing N N 180 
ILE CG2 HG23 sing N N 181 
ILE CD1 HD11 sing N N 182 
ILE CD1 HD12 sing N N 183 
ILE CD1 HD13 sing N N 184 
ILE OXT HXT  sing N N 185 
LEU N   CA   sing N N 186 
LEU N   H    sing N N 187 
LEU N   H2   sing N N 188 
LEU CA  C    sing N N 189 
LEU CA  CB   sing N N 190 
LEU CA  HA   sing N N 191 
LEU C   O    doub N N 192 
LEU C   OXT  sing N N 193 
LEU CB  CG   sing N N 194 
LEU CB  HB2  sing N N 195 
LEU CB  HB3  sing N N 196 
LEU CG  CD1  sing N N 197 
LEU CG  CD2  sing N N 198 
LEU CG  HG   sing N N 199 
LEU CD1 HD11 sing N N 200 
LEU CD1 HD12 sing N N 201 
LEU CD1 HD13 sing N N 202 
LEU CD2 HD21 sing N N 203 
LEU CD2 HD22 sing N N 204 
LEU CD2 HD23 sing N N 205 
LEU OXT HXT  sing N N 206 
LYS N   CA   sing N N 207 
LYS N   H    sing N N 208 
LYS N   H2   sing N N 209 
LYS CA  C    sing N N 210 
LYS CA  CB   sing N N 211 
LYS CA  HA   sing N N 212 
LYS C   O    doub N N 213 
LYS C   OXT  sing N N 214 
LYS CB  CG   sing N N 215 
LYS CB  HB2  sing N N 216 
LYS CB  HB3  sing N N 217 
LYS CG  CD   sing N N 218 
LYS CG  HG2  sing N N 219 
LYS CG  HG3  sing N N 220 
LYS CD  CE   sing N N 221 
LYS CD  HD2  sing N N 222 
LYS CD  HD3  sing N N 223 
LYS CE  NZ   sing N N 224 
LYS CE  HE2  sing N N 225 
LYS CE  HE3  sing N N 226 
LYS NZ  HZ1  sing N N 227 
LYS NZ  HZ2  sing N N 228 
LYS NZ  HZ3  sing N N 229 
LYS OXT HXT  sing N N 230 
MET N   CA   sing N N 231 
MET N   H    sing N N 232 
MET N   H2   sing N N 233 
MET CA  C    sing N N 234 
MET CA  CB   sing N N 235 
MET CA  HA   sing N N 236 
MET C   O    doub N N 237 
MET C   OXT  sing N N 238 
MET CB  CG   sing N N 239 
MET CB  HB2  sing N N 240 
MET CB  HB3  sing N N 241 
MET CG  SD   sing N N 242 
MET CG  HG2  sing N N 243 
MET CG  HG3  sing N N 244 
MET SD  CE   sing N N 245 
MET CE  HE1  sing N N 246 
MET CE  HE2  sing N N 247 
MET CE  HE3  sing N N 248 
MET OXT HXT  sing N N 249 
PHE N   CA   sing N N 250 
PHE N   H    sing N N 251 
PHE N   H2   sing N N 252 
PHE CA  C    sing N N 253 
PHE CA  CB   sing N N 254 
PHE CA  HA   sing N N 255 
PHE C   O    doub N N 256 
PHE C   OXT  sing N N 257 
PHE CB  CG   sing N N 258 
PHE CB  HB2  sing N N 259 
PHE CB  HB3  sing N N 260 
PHE CG  CD1  doub Y N 261 
PHE CG  CD2  sing Y N 262 
PHE CD1 CE1  sing Y N 263 
PHE CD1 HD1  sing N N 264 
PHE CD2 CE2  doub Y N 265 
PHE CD2 HD2  sing N N 266 
PHE CE1 CZ   doub Y N 267 
PHE CE1 HE1  sing N N 268 
PHE CE2 CZ   sing Y N 269 
PHE CE2 HE2  sing N N 270 
PHE CZ  HZ   sing N N 271 
PHE OXT HXT  sing N N 272 
PRO N   CA   sing N N 273 
PRO N   CD   sing N N 274 
PRO N   H    sing N N 275 
PRO CA  C    sing N N 276 
PRO CA  CB   sing N N 277 
PRO CA  HA   sing N N 278 
PRO C   O    doub N N 279 
PRO C   OXT  sing N N 280 
PRO CB  CG   sing N N 281 
PRO CB  HB2  sing N N 282 
PRO CB  HB3  sing N N 283 
PRO CG  CD   sing N N 284 
PRO CG  HG2  sing N N 285 
PRO CG  HG3  sing N N 286 
PRO CD  HD2  sing N N 287 
PRO CD  HD3  sing N N 288 
PRO OXT HXT  sing N N 289 
SER N   CA   sing N N 290 
SER N   H    sing N N 291 
SER N   H2   sing N N 292 
SER CA  C    sing N N 293 
SER CA  CB   sing N N 294 
SER CA  HA   sing N N 295 
SER C   O    doub N N 296 
SER C   OXT  sing N N 297 
SER CB  OG   sing N N 298 
SER CB  HB2  sing N N 299 
SER CB  HB3  sing N N 300 
SER OG  HG   sing N N 301 
SER OXT HXT  sing N N 302 
SO4 S   O1   doub N N 303 
SO4 S   O2   doub N N 304 
SO4 S   O3   sing N N 305 
SO4 S   O4   sing N N 306 
THR N   CA   sing N N 307 
THR N   H    sing N N 308 
THR N   H2   sing N N 309 
THR CA  C    sing N N 310 
THR CA  CB   sing N N 311 
THR CA  HA   sing N N 312 
THR C   O    doub N N 313 
THR C   OXT  sing N N 314 
THR CB  OG1  sing N N 315 
THR CB  CG2  sing N N 316 
THR CB  HB   sing N N 317 
THR OG1 HG1  sing N N 318 
THR CG2 HG21 sing N N 319 
THR CG2 HG22 sing N N 320 
THR CG2 HG23 sing N N 321 
THR OXT HXT  sing N N 322 
TYR N   CA   sing N N 323 
TYR N   H    sing N N 324 
TYR N   H2   sing N N 325 
TYR CA  C    sing N N 326 
TYR CA  CB   sing N N 327 
TYR CA  HA   sing N N 328 
TYR C   O    doub N N 329 
TYR C   OXT  sing N N 330 
TYR CB  CG   sing N N 331 
TYR CB  HB2  sing N N 332 
TYR CB  HB3  sing N N 333 
TYR CG  CD1  doub Y N 334 
TYR CG  CD2  sing Y N 335 
TYR CD1 CE1  sing Y N 336 
TYR CD1 HD1  sing N N 337 
TYR CD2 CE2  doub Y N 338 
TYR CD2 HD2  sing N N 339 
TYR CE1 CZ   doub Y N 340 
TYR CE1 HE1  sing N N 341 
TYR CE2 CZ   sing Y N 342 
TYR CE2 HE2  sing N N 343 
TYR CZ  OH   sing N N 344 
TYR OH  HH   sing N N 345 
TYR OXT HXT  sing N N 346 
VAL N   CA   sing N N 347 
VAL N   H    sing N N 348 
VAL N   H2   sing N N 349 
VAL CA  C    sing N N 350 
VAL CA  CB   sing N N 351 
VAL CA  HA   sing N N 352 
VAL C   O    doub N N 353 
VAL C   OXT  sing N N 354 
VAL CB  CG1  sing N N 355 
VAL CB  CG2  sing N N 356 
VAL CB  HB   sing N N 357 
VAL CG1 HG11 sing N N 358 
VAL CG1 HG12 sing N N 359 
VAL CG1 HG13 sing N N 360 
VAL CG2 HG21 sing N N 361 
VAL CG2 HG22 sing N N 362 
VAL CG2 HG23 sing N N 363 
VAL OXT HXT  sing N N 364 
# 
_atom_sites.entry_id                    2R0B 
_atom_sites.fract_transf_matrix[1][1]   -0.01419257 
_atom_sites.fract_transf_matrix[1][2]   0.01217750 
_atom_sites.fract_transf_matrix[1][3]   0.00716661 
_atom_sites.fract_transf_matrix[2][1]   0.01272965 
_atom_sites.fract_transf_matrix[2][2]   0.00844853 
_atom_sites.fract_transf_matrix[2][3]   0.01085373 
_atom_sites.fract_transf_matrix[3][1]   0.00315539 
_atom_sites.fract_transf_matrix[3][2]   0.01080541 
_atom_sites.fract_transf_matrix[3][3]   -0.01211168 
_atom_sites.fract_transf_vector[1]      0.331603 
_atom_sites.fract_transf_vector[2]      0.662641 
_atom_sites.fract_transf_vector[3]      0.092257 
# 
loop_
_atom_type.symbol 
C 
N 
O 
S 
# 
loop_
_atom_site.group_PDB 
_atom_site.id 
_atom_site.type_symbol 
_atom_site.label_atom_id 
_atom_site.label_alt_id 
_atom_site.label_comp_id 
_atom_site.label_asym_id 
_atom_site.label_entity_id 
_atom_site.label_seq_id 
_atom_site.pdbx_PDB_ins_code 
_atom_site.Cartn_x 
_atom_site.Cartn_y 
_atom_site.Cartn_z 
_atom_site.occupancy 
_atom_site.B_iso_or_equiv 
_atom_site.pdbx_formal_charge 
_atom_site.auth_seq_id 
_atom_site.auth_comp_id 
_atom_site.auth_asym_id 
_atom_site.auth_atom_id 
_atom_site.pdbx_PDB_model_num 
ATOM   1    N N   . ARG A 1 3   ? -7.873  8.234   -10.290 1.00 19.87 ? 26  ARG A N   1 
ATOM   2    C CA  . ARG A 1 3   ? -7.404  6.814   -10.511 1.00 20.24 ? 26  ARG A CA  1 
ATOM   3    C C   . ARG A 1 3   ? -5.921  6.714   -10.880 1.00 20.58 ? 26  ARG A C   1 
ATOM   4    O O   . ARG A 1 3   ? -5.247  5.766   -10.447 1.00 19.26 ? 26  ARG A O   1 
ATOM   5    C CB  . ARG A 1 3   ? -8.313  6.102   -11.546 1.00 20.36 ? 26  ARG A CB  1 
ATOM   6    C CG  . ARG A 1 3   ? -7.655  4.987   -12.410 1.00 19.73 ? 26  ARG A CG  1 
ATOM   7    C CD  . ARG A 1 3   ? -7.469  3.674   -11.652 1.00 21.87 ? 26  ARG A CD  1 
ATOM   8    N NE  . ARG A 1 3   ? -6.870  2.665   -12.515 1.00 21.06 ? 26  ARG A NE  1 
ATOM   9    C CZ  . ARG A 1 3   ? -5.569  2.576   -12.793 1.00 21.68 ? 26  ARG A CZ  1 
ATOM   10   N NH1 . ARG A 1 3   ? -5.140  1.624   -13.628 1.00 21.11 ? 26  ARG A NH1 1 
ATOM   11   N NH2 . ARG A 1 3   ? -4.695  3.432   -12.245 1.00 21.23 ? 26  ARG A NH2 1 
ATOM   12   N N   . ARG A 1 4   ? -5.402  7.693   -11.630 1.00 21.02 ? 27  ARG A N   1 
ATOM   13   C CA  . ARG A 1 4   ? -3.974  7.701   -12.006 1.00 21.83 ? 27  ARG A CA  1 
ATOM   14   C C   . ARG A 1 4   ? -3.091  8.589   -11.104 1.00 22.80 ? 27  ARG A C   1 
ATOM   15   O O   . ARG A 1 4   ? -1.950  8.898   -11.449 1.00 23.68 ? 27  ARG A O   1 
ATOM   16   C CB  . ARG A 1 4   ? -3.796  8.038   -13.498 1.00 22.41 ? 27  ARG A CB  1 
ATOM   17   C CG  . ARG A 1 4   ? -4.510  7.038   -14.430 1.00 22.14 ? 27  ARG A CG  1 
ATOM   18   C CD  . ARG A 1 4   ? -4.101  7.172   -15.901 1.00 23.43 ? 27  ARG A CD  1 
ATOM   19   N NE  . ARG A 1 4   ? -2.792  6.580   -16.181 1.00 25.25 ? 27  ARG A NE  1 
ATOM   20   C CZ  . ARG A 1 4   ? -2.599  5.283   -16.443 1.00 25.28 ? 27  ARG A CZ  1 
ATOM   21   N NH1 . ARG A 1 4   ? -3.625  4.435   -16.471 1.00 25.42 ? 27  ARG A NH1 1 
ATOM   22   N NH2 . ARG A 1 4   ? -1.376  4.829   -16.675 1.00 23.92 ? 27  ARG A NH2 1 
ATOM   23   N N   . GLU A 1 5   ? -3.627  8.974   -9.951  1.00 22.13 ? 28  GLU A N   1 
ATOM   24   C CA  . GLU A 1 5   ? -2.905  9.759   -8.953  1.00 22.35 ? 28  GLU A CA  1 
ATOM   25   C C   . GLU A 1 5   ? -3.023  9.132   -7.565  1.00 21.03 ? 28  GLU A C   1 
ATOM   26   O O   . GLU A 1 5   ? -3.882  8.272   -7.328  1.00 20.07 ? 28  GLU A O   1 
ATOM   27   C CB  . GLU A 1 5   ? -3.396  11.218  -8.921  1.00 22.72 ? 28  GLU A CB  1 
ATOM   28   C CG  . GLU A 1 5   ? -4.856  11.412  -8.529  1.00 24.34 ? 28  GLU A CG  1 
ATOM   29   C CD  . GLU A 1 5   ? -5.335  12.864  -8.682  1.00 24.98 ? 28  GLU A CD  1 
ATOM   30   O OE1 . GLU A 1 5   ? -4.606  13.680  -9.272  1.00 30.40 ? 28  GLU A OE1 1 
ATOM   31   O OE2 . GLU A 1 5   ? -6.431  13.192  -8.167  1.00 31.42 ? 28  GLU A OE2 1 
ATOM   32   N N   . MET A 1 6   ? -2.144  9.564   -6.664  1.00 19.78 ? 29  MET A N   1 
ATOM   33   C CA  . MET A 1 6   ? -2.144  9.078   -5.270  1.00 17.77 ? 29  MET A CA  1 
ATOM   34   C C   . MET A 1 6   ? -3.042  9.940   -4.370  1.00 19.14 ? 29  MET A C   1 
ATOM   35   O O   . MET A 1 6   ? -3.161  11.165  -4.577  1.00 20.32 ? 29  MET A O   1 
ATOM   36   C CB  . MET A 1 6   ? -0.705  8.998   -4.705  1.00 19.28 ? 29  MET A CB  1 
ATOM   37   C CG  . MET A 1 6   ? -0.008  10.338  -4.389  1.00 18.01 ? 29  MET A CG  1 
ATOM   38   S SD  . MET A 1 6   ? 1.656   10.258  -3.637  1.00 13.07 ? 29  MET A SD  1 
ATOM   39   C CE  . MET A 1 6   ? 1.957   12.015  -3.297  1.00 19.38 ? 29  MET A CE  1 
ATOM   40   N N   . GLN A 1 7   ? -3.675  9.290   -3.384  1.00 17.63 ? 30  GLN A N   1 
ATOM   41   C CA  . GLN A 1 7   ? -4.466  9.983   -2.378  1.00 17.68 ? 30  GLN A CA  1 
ATOM   42   C C   . GLN A 1 7   ? -3.887  9.771   -0.988  1.00 18.05 ? 30  GLN A C   1 
ATOM   43   O O   . GLN A 1 7   ? -3.431  8.678   -0.684  1.00 17.00 ? 30  GLN A O   1 
ATOM   44   C CB  . GLN A 1 7   ? -5.903  9.478   -2.396  1.00 17.38 ? 30  GLN A CB  1 
ATOM   45   C CG  . GLN A 1 7   ? -6.684  10.002  -3.604  1.00 18.39 ? 30  GLN A CG  1 
ATOM   46   C CD  . GLN A 1 7   ? -6.511  9.103   -4.797  1.00 19.85 ? 30  GLN A CD  1 
ATOM   47   O OE1 . GLN A 1 7   ? -6.560  7.891   -4.652  1.00 20.00 ? 30  GLN A OE1 1 
ATOM   48   N NE2 . GLN A 1 7   ? -6.329  9.680   -5.979  1.00 19.45 ? 30  GLN A NE2 1 
ATOM   49   N N   . GLU A 1 8   ? -3.910  10.809  -0.145  1.00 18.68 ? 31  GLU A N   1 
ATOM   50   C CA  . GLU A 1 8   ? -3.656  10.621  1.283   1.00 18.41 ? 31  GLU A CA  1 
ATOM   51   C C   . GLU A 1 8   ? -4.825  9.919   1.943   1.00 18.46 ? 31  GLU A C   1 
ATOM   52   O O   . GLU A 1 8   ? -5.959  10.412  1.938   1.00 19.16 ? 31  GLU A O   1 
ATOM   53   C CB  . GLU A 1 8   ? -3.338  11.938  2.020   1.00 18.92 ? 31  GLU A CB  1 
ATOM   54   C CG  . GLU A 1 8   ? -2.573  11.700  3.341   1.00 18.28 ? 31  GLU A CG  1 
ATOM   55   C CD  . GLU A 1 8   ? -1.926  12.961  3.964   1.00 21.63 ? 31  GLU A CD  1 
ATOM   56   O OE1 . GLU A 1 8   ? -1.964  14.058  3.359   1.00 26.17 ? 31  GLU A OE1 1 
ATOM   57   O OE2 . GLU A 1 8   ? -1.372  12.857  5.085   1.00 23.57 ? 31  GLU A OE2 1 
ATOM   58   N N   . ILE A 1 9   ? -4.547  8.763   2.525   1.00 16.80 ? 32  ILE A N   1 
ATOM   59   C CA  . ILE A 1 9   ? -5.595  7.934   3.097   1.00 17.04 ? 32  ILE A CA  1 
ATOM   60   C C   . ILE A 1 9   ? -5.744  8.231   4.583   1.00 17.21 ? 32  ILE A C   1 
ATOM   61   O O   . ILE A 1 9   ? -6.861  8.315   5.132   1.00 18.35 ? 32  ILE A O   1 
ATOM   62   C CB  . ILE A 1 9   ? -5.272  6.449   2.902   1.00 15.61 ? 32  ILE A CB  1 
ATOM   63   C CG1 . ILE A 1 9   ? -5.153  6.098   1.396   1.00 15.48 ? 32  ILE A CG1 1 
ATOM   64   C CG2 . ILE A 1 9   ? -6.316  5.578   3.595   1.00 17.74 ? 32  ILE A CG2 1 
ATOM   65   C CD1 . ILE A 1 9   ? -6.378  6.479   0.550   1.00 14.35 ? 32  ILE A CD1 1 
ATOM   66   N N   . LEU A 1 10  ? -4.605  8.340   5.250   1.00 16.90 ? 33  LEU A N   1 
ATOM   67   C CA  . LEU A 1 10  ? -4.592  8.770   6.630   1.00 17.93 ? 33  LEU A CA  1 
ATOM   68   C C   . LEU A 1 10  ? -3.315  9.571   6.816   1.00 17.47 ? 33  LEU A C   1 
ATOM   69   O O   . LEU A 1 10  ? -2.467  9.586   5.942   1.00 16.36 ? 33  LEU A O   1 
ATOM   70   C CB  . LEU A 1 10  ? -4.714  7.597   7.612   1.00 19.15 ? 33  LEU A CB  1 
ATOM   71   C CG  . LEU A 1 10  ? -3.699  6.458   7.688   1.00 20.39 ? 33  LEU A CG  1 
ATOM   72   C CD1 . LEU A 1 10  ? -2.627  6.708   8.737   1.00 24.86 ? 33  LEU A CD1 1 
ATOM   73   C CD2 . LEU A 1 10  ? -4.396  5.137   7.964   1.00 23.18 ? 33  LEU A CD2 1 
ATOM   74   N N   . PRO A 1 11  ? -3.195  10.290  7.932   1.00 17.35 ? 34  PRO A N   1 
ATOM   75   C CA  . PRO A 1 11  ? -2.022  11.163  8.009   1.00 17.36 ? 34  PRO A CA  1 
ATOM   76   C C   . PRO A 1 11  ? -0.691  10.465  7.703   1.00 16.62 ? 34  PRO A C   1 
ATOM   77   O O   . PRO A 1 11  ? -0.270  9.555   8.426   1.00 17.94 ? 34  PRO A O   1 
ATOM   78   C CB  . PRO A 1 11  ? -2.081  11.687  9.429   1.00 17.70 ? 34  PRO A CB  1 
ATOM   79   C CG  . PRO A 1 11  ? -3.516  11.656  9.778   1.00 18.24 ? 34  PRO A CG  1 
ATOM   80   C CD  . PRO A 1 11  ? -4.071  10.418  9.117   1.00 18.04 ? 34  PRO A CD  1 
ATOM   81   N N   . GLY A 1 12  ? -0.033  10.895  6.623   1.00 16.24 ? 35  GLY A N   1 
ATOM   82   C CA  . GLY A 1 12  ? 1.268   10.338  6.282   1.00 15.35 ? 35  GLY A CA  1 
ATOM   83   C C   . GLY A 1 12  ? 1.269   9.031   5.493   1.00 15.39 ? 35  GLY A C   1 
ATOM   84   O O   . GLY A 1 12  ? 2.345   8.496   5.200   1.00 16.31 ? 35  GLY A O   1 
ATOM   85   N N   . LEU A 1 13  ? 0.103   8.525   5.121   1.00 14.84 ? 36  LEU A N   1 
ATOM   86   C CA  . LEU A 1 13  ? 0.039   7.253   4.364   1.00 14.07 ? 36  LEU A CA  1 
ATOM   87   C C   . LEU A 1 13  ? -0.772  7.479   3.109   1.00 14.50 ? 36  LEU A C   1 
ATOM   88   O O   . LEU A 1 13  ? -1.947  7.816   3.188   1.00 15.48 ? 36  LEU A O   1 
ATOM   89   C CB  . LEU A 1 13  ? -0.577  6.133   5.209   1.00 14.26 ? 36  LEU A CB  1 
ATOM   90   C CG  . LEU A 1 13  ? -0.782  4.768   4.555   1.00 14.78 ? 36  LEU A CG  1 
ATOM   91   C CD1 . LEU A 1 13  ? 0.560   4.148   4.196   1.00 15.39 ? 36  LEU A CD1 1 
ATOM   92   C CD2 . LEU A 1 13  ? -1.595  3.820   5.445   1.00 14.64 ? 36  LEU A CD2 1 
ATOM   93   N N   . PHE A 1 14  ? -0.131  7.298   1.957   1.00 14.49 ? 37  PHE A N   1 
ATOM   94   C CA  . PHE A 1 14  ? -0.718  7.568   0.664   1.00 14.50 ? 37  PHE A CA  1 
ATOM   95   C C   . PHE A 1 14  ? -0.866  6.266   -0.113  1.00 14.92 ? 37  PHE A C   1 
ATOM   96   O O   . PHE A 1 14  ? -0.079  5.329   0.078   1.00 14.77 ? 37  PHE A O   1 
ATOM   97   C CB  . PHE A 1 14  ? 0.188   8.507   -0.156  1.00 15.39 ? 37  PHE A CB  1 
ATOM   98   C CG  . PHE A 1 14  ? 0.375   9.878   0.446   1.00 14.52 ? 37  PHE A CG  1 
ATOM   99   C CD1 . PHE A 1 14  ? -0.231  10.986  -0.148  1.00 14.88 ? 37  PHE A CD1 1 
ATOM   100  C CD2 . PHE A 1 14  ? 1.179   10.071  1.567   1.00 16.32 ? 37  PHE A CD2 1 
ATOM   101  C CE1 . PHE A 1 14  ? -0.044  12.268  0.373   1.00 15.74 ? 37  PHE A CE1 1 
ATOM   102  C CE2 . PHE A 1 14  ? 1.369   11.369  2.103   1.00 17.67 ? 37  PHE A CE2 1 
ATOM   103  C CZ  . PHE A 1 14  ? 0.735   12.454  1.507   1.00 15.24 ? 37  PHE A CZ  1 
ATOM   104  N N   . LEU A 1 15  ? -1.860  6.230   -1.000  1.00 14.37 ? 38  LEU A N   1 
ATOM   105  C CA  . LEU A 1 15  ? -2.159  5.038   -1.802  1.00 14.29 ? 38  LEU A CA  1 
ATOM   106  C C   . LEU A 1 15  ? -2.326  5.456   -3.245  1.00 14.10 ? 38  LEU A C   1 
ATOM   107  O O   . LEU A 1 15  ? -3.057  6.401   -3.540  1.00 15.02 ? 38  LEU A O   1 
ATOM   108  C CB  . LEU A 1 15  ? -3.452  4.378   -1.302  1.00 13.27 ? 38  LEU A CB  1 
ATOM   109  C CG  . LEU A 1 15  ? -4.067  3.227   -2.126  1.00 15.20 ? 38  LEU A CG  1 
ATOM   110  C CD1 . LEU A 1 15  ? -3.169  2.000   -2.237  1.00 16.79 ? 38  LEU A CD1 1 
ATOM   111  C CD2 . LEU A 1 15  ? -5.459  2.836   -1.608  1.00 15.22 ? 38  LEU A CD2 1 
ATOM   112  N N   . GLY A 1 16  ? -1.671  4.744   -4.164  1.00 13.78 ? 39  GLY A N   1 
ATOM   113  C CA  . GLY A 1 16  ? -1.677  5.193   -5.561  1.00 13.85 ? 39  GLY A CA  1 
ATOM   114  C C   . GLY A 1 16  ? -1.436  4.051   -6.531  1.00 13.94 ? 39  GLY A C   1 
ATOM   115  O O   . GLY A 1 16  ? -1.127  2.952   -6.109  1.00 13.80 ? 39  GLY A O   1 
ATOM   116  N N   . PRO A 1 17  ? -1.583  4.324   -7.839  1.00 13.90 ? 40  PRO A N   1 
ATOM   117  C CA  . PRO A 1 17  ? -1.207  3.421   -8.913  1.00 13.88 ? 40  PRO A CA  1 
ATOM   118  C C   . PRO A 1 17  ? 0.312   3.547   -9.140  1.00 14.06 ? 40  PRO A C   1 
ATOM   119  O O   . PRO A 1 17  ? 0.973   4.401   -8.541  1.00 13.51 ? 40  PRO A O   1 
ATOM   120  C CB  . PRO A 1 17  ? -1.975  3.983   -10.118 1.00 14.29 ? 40  PRO A CB  1 
ATOM   121  C CG  . PRO A 1 17  ? -1.945  5.494   -9.863  1.00 14.28 ? 40  PRO A CG  1 
ATOM   122  C CD  . PRO A 1 17  ? -2.087  5.618   -8.355  1.00 14.39 ? 40  PRO A CD  1 
ATOM   123  N N   . TYR A 1 18  ? 0.874   2.755   -10.038 1.00 13.91 ? 41  TYR A N   1 
ATOM   124  C CA  . TYR A 1 18  ? 2.299   2.858   -10.249 1.00 14.53 ? 41  TYR A CA  1 
ATOM   125  C C   . TYR A 1 18  ? 2.722   4.254   -10.768 1.00 14.46 ? 41  TYR A C   1 
ATOM   126  O O   . TYR A 1 18  ? 3.859   4.707   -10.529 1.00 15.37 ? 41  TYR A O   1 
ATOM   127  C CB  . TYR A 1 18  ? 2.782   1.731   -11.171 1.00 14.34 ? 41  TYR A CB  1 
ATOM   128  C CG  . TYR A 1 18  ? 2.548   2.051   -12.629 1.00 14.79 ? 41  TYR A CG  1 
ATOM   129  C CD1 . TYR A 1 18  ? 1.375   1.660   -13.266 1.00 13.92 ? 41  TYR A CD1 1 
ATOM   130  C CD2 . TYR A 1 18  ? 3.487   2.785   -13.351 1.00 14.32 ? 41  TYR A CD2 1 
ATOM   131  C CE1 . TYR A 1 18  ? 1.139   1.965   -14.622 1.00 15.89 ? 41  TYR A CE1 1 
ATOM   132  C CE2 . TYR A 1 18  ? 3.257   3.103   -14.692 1.00 14.45 ? 41  TYR A CE2 1 
ATOM   133  C CZ  . TYR A 1 18  ? 2.097   2.705   -15.310 1.00 15.63 ? 41  TYR A CZ  1 
ATOM   134  O OH  . TYR A 1 18  ? 1.902   3.039   -16.630 1.00 18.00 ? 41  TYR A OH  1 
ATOM   135  N N   . SER A 1 19  ? 1.811   4.921   -11.487 1.00 15.07 ? 42  SER A N   1 
ATOM   136  C CA  A SER A 1 19  ? 2.146   6.200   -12.121 0.50 15.76 ? 42  SER A CA  1 
ATOM   137  C CA  B SER A 1 19  ? 2.108   6.216   -12.112 0.50 15.52 ? 42  SER A CA  1 
ATOM   138  C C   . SER A 1 19  ? 2.537   7.258   -11.092 1.00 16.15 ? 42  SER A C   1 
ATOM   139  O O   . SER A 1 19  ? 3.213   8.224   -11.431 1.00 16.90 ? 42  SER A O   1 
ATOM   140  C CB  A SER A 1 19  ? 1.009   6.684   -13.046 0.50 15.54 ? 42  SER A CB  1 
ATOM   141  C CB  B SER A 1 19  ? 0.891   6.724   -12.894 0.50 15.22 ? 42  SER A CB  1 
ATOM   142  O OG  A SER A 1 19  ? 0.083   7.527   -12.385 0.50 17.70 ? 42  SER A OG  1 
ATOM   143  O OG  B SER A 1 19  ? 0.327   5.694   -13.680 0.50 15.98 ? 42  SER A OG  1 
ATOM   144  N N   . SER A 1 20  ? 2.148   7.060   -9.835  1.00 15.96 ? 43  SER A N   1 
ATOM   145  C CA  . SER A 1 20  ? 2.487   8.055   -8.802  1.00 16.38 ? 43  SER A CA  1 
ATOM   146  C C   . SER A 1 20  ? 3.951   8.075   -8.364  1.00 17.16 ? 43  SER A C   1 
ATOM   147  O O   . SER A 1 20  ? 4.381   9.006   -7.680  1.00 17.66 ? 43  SER A O   1 
ATOM   148  C CB  . SER A 1 20  ? 1.550   7.943   -7.595  1.00 16.61 ? 43  SER A CB  1 
ATOM   149  O OG  . SER A 1 20  ? 1.653   6.703   -6.953  1.00 17.07 ? 43  SER A OG  1 
ATOM   150  N N   . ALA A 1 21  ? 4.723   7.062   -8.749  1.00 17.47 ? 44  ALA A N   1 
ATOM   151  C CA  . ALA A 1 21  ? 6.103   6.974   -8.325  1.00 18.35 ? 44  ALA A CA  1 
ATOM   152  C C   . ALA A 1 21  ? 7.077   6.905   -9.518  1.00 18.81 ? 44  ALA A C   1 
ATOM   153  O O   . ALA A 1 21  ? 8.211   6.457   -9.376  1.00 18.69 ? 44  ALA A O   1 
ATOM   154  C CB  . ALA A 1 21  ? 6.287   5.791   -7.362  1.00 18.89 ? 44  ALA A CB  1 
ATOM   155  N N   . MET A 1 22  ? 6.620   7.405   -10.669 1.00 18.97 ? 45  MET A N   1 
ATOM   156  C CA  . MET A 1 22  ? 7.441   7.509   -11.897 1.00 20.79 ? 45  MET A CA  1 
ATOM   157  C C   . MET A 1 22  ? 8.439   8.651   -11.727 1.00 21.90 ? 45  MET A C   1 
ATOM   158  O O   . MET A 1 22  ? 8.222   9.532   -10.893 1.00 21.62 ? 45  MET A O   1 
ATOM   159  C CB  . MET A 1 22  ? 6.545   7.816   -13.114 1.00 20.07 ? 45  MET A CB  1 
ATOM   160  C CG  . MET A 1 22  ? 5.726   6.625   -13.697 1.00 22.25 ? 45  MET A CG  1 
ATOM   161  S SD  . MET A 1 22  ? 4.764   7.048   -15.209 1.00 22.14 ? 45  MET A SD  1 
ATOM   162  C CE  . MET A 1 22  ? 3.866   8.494   -14.640 1.00 25.01 ? 45  MET A CE  1 
ATOM   163  N N   . LYS A 1 23  ? 9.498   8.659   -12.542 1.00 23.32 ? 46  LYS A N   1 
ATOM   164  C CA  . LYS A 1 23  ? 10.544  9.705   -12.456 1.00 24.12 ? 46  LYS A CA  1 
ATOM   165  C C   . LYS A 1 23  ? 9.966   11.111  -12.426 1.00 23.92 ? 46  LYS A C   1 
ATOM   166  O O   . LYS A 1 23  ? 10.384  11.951  -11.613 1.00 24.17 ? 46  LYS A O   1 
ATOM   167  C CB  . LYS A 1 23  ? 11.549  9.607   -13.626 1.00 24.08 ? 46  LYS A CB  1 
ATOM   168  C CG  . LYS A 1 23  ? 12.556  8.436   -13.568 1.00 27.50 ? 46  LYS A CG  1 
ATOM   169  C CD  . LYS A 1 23  ? 13.303  8.316   -12.242 1.00 30.54 ? 46  LYS A CD  1 
ATOM   170  C CE  . LYS A 1 23  ? 14.689  8.954   -12.287 1.00 30.13 ? 46  LYS A CE  1 
ATOM   171  N NZ  . LYS A 1 23  ? 15.588  8.461   -11.180 1.00 29.71 ? 46  LYS A NZ  1 
ATOM   172  N N   . SER A 1 24  ? 9.003   11.354  -13.309 1.00 23.90 ? 47  SER A N   1 
ATOM   173  C CA  A SER A 1 24  ? 8.397   12.673  -13.495 0.50 24.22 ? 47  SER A CA  1 
ATOM   174  C CA  B SER A 1 24  ? 8.429   12.688  -13.483 0.50 23.98 ? 47  SER A CA  1 
ATOM   175  C C   . SER A 1 24  ? 7.661   13.200  -12.268 1.00 23.86 ? 47  SER A C   1 
ATOM   176  O O   . SER A 1 24  ? 7.424   14.421  -12.139 1.00 24.51 ? 47  SER A O   1 
ATOM   177  C CB  A SER A 1 24  ? 7.442   12.637  -14.685 0.50 23.96 ? 47  SER A CB  1 
ATOM   178  C CB  B SER A 1 24  ? 7.552   12.742  -14.739 0.50 23.71 ? 47  SER A CB  1 
ATOM   179  O OG  A SER A 1 24  ? 7.003   13.940  -15.015 0.50 25.27 ? 47  SER A OG  1 
ATOM   180  O OG  B SER A 1 24  ? 6.512   11.783  -14.699 0.50 23.50 ? 47  SER A OG  1 
ATOM   181  N N   . LYS A 1 25  ? 7.291   12.296  -11.365 1.00 23.19 ? 48  LYS A N   1 
ATOM   182  C CA  . LYS A 1 25  ? 6.541   12.677  -10.163 1.00 22.56 ? 48  LYS A CA  1 
ATOM   183  C C   . LYS A 1 25  ? 7.403   13.058  -8.955  1.00 21.88 ? 48  LYS A C   1 
ATOM   184  O O   . LYS A 1 25  ? 6.874   13.331  -7.868  1.00 21.68 ? 48  LYS A O   1 
ATOM   185  C CB  . LYS A 1 25  ? 5.513   11.589  -9.782  1.00 23.47 ? 48  LYS A CB  1 
ATOM   186  C CG  . LYS A 1 25  ? 4.313   11.510  -10.727 1.00 23.21 ? 48  LYS A CG  1 
ATOM   187  C CD  . LYS A 1 25  ? 3.313   12.630  -10.464 1.00 26.09 ? 48  LYS A CD  1 
ATOM   188  C CE  . LYS A 1 25  ? 2.205   12.696  -11.507 1.00 28.14 ? 48  LYS A CE  1 
ATOM   189  N NZ  . LYS A 1 25  ? 1.129   13.620  -11.052 1.00 31.04 ? 48  LYS A NZ  1 
ATOM   190  N N   . LEU A 1 26  ? 8.721   13.097  -9.123  1.00 21.06 ? 49  LEU A N   1 
ATOM   191  C CA  . LEU A 1 26  ? 9.602   13.481  -8.001  1.00 21.06 ? 49  LEU A CA  1 
ATOM   192  C C   . LEU A 1 26  ? 9.158   14.753  -7.263  1.00 20.93 ? 49  LEU A C   1 
ATOM   193  O O   . LEU A 1 26  ? 9.039   14.718  -6.039  1.00 19.71 ? 49  LEU A O   1 
ATOM   194  C CB  . LEU A 1 26  ? 11.060  13.602  -8.430  1.00 20.80 ? 49  LEU A CB  1 
ATOM   195  C CG  . LEU A 1 26  ? 12.057  13.825  -7.293  1.00 20.46 ? 49  LEU A CG  1 
ATOM   196  C CD1 . LEU A 1 26  ? 11.936  12.730  -6.217  1.00 20.74 ? 49  LEU A CD1 1 
ATOM   197  C CD2 . LEU A 1 26  ? 13.454  13.858  -7.873  1.00 23.74 ? 49  LEU A CD2 1 
ATOM   198  N N   . PRO A 1 27  ? 8.892   15.862  -7.999  1.00 20.95 ? 50  PRO A N   1 
ATOM   199  C CA  . PRO A 1 27  ? 8.403   17.078  -7.331  1.00 20.98 ? 50  PRO A CA  1 
ATOM   200  C C   . PRO A 1 27  ? 7.179   16.842  -6.433  1.00 20.77 ? 50  PRO A C   1 
ATOM   201  O O   . PRO A 1 27  ? 7.115   17.388  -5.328  1.00 20.65 ? 50  PRO A O   1 
ATOM   202  C CB  . PRO A 1 27  ? 8.011   17.979  -8.507  1.00 21.25 ? 50  PRO A CB  1 
ATOM   203  C CG  . PRO A 1 27  ? 8.946   17.591  -9.574  1.00 21.30 ? 50  PRO A CG  1 
ATOM   204  C CD  . PRO A 1 27  ? 9.073   16.087  -9.451  1.00 21.47 ? 50  PRO A CD  1 
ATOM   205  N N   . VAL A 1 28  ? 6.230   16.028  -6.899  1.00 20.00 ? 51  VAL A N   1 
ATOM   206  C CA  . VAL A 1 28  ? 5.007   15.733  -6.131  1.00 18.77 ? 51  VAL A CA  1 
ATOM   207  C C   . VAL A 1 28  ? 5.353   14.945  -4.875  1.00 17.94 ? 51  VAL A C   1 
ATOM   208  O O   . VAL A 1 28  ? 4.900   15.286  -3.783  1.00 16.94 ? 51  VAL A O   1 
ATOM   209  C CB  . VAL A 1 28  ? 3.957   14.997  -6.995  1.00 18.97 ? 51  VAL A CB  1 
ATOM   210  C CG1 . VAL A 1 28  ? 2.775   14.554  -6.171  1.00 19.23 ? 51  VAL A CG1 1 
ATOM   211  C CG2 . VAL A 1 28  ? 3.491   15.909  -8.140  1.00 20.80 ? 51  VAL A CG2 1 
ATOM   212  N N   . LEU A 1 29  ? 6.217   13.943  -5.032  1.00 17.54 ? 52  LEU A N   1 
ATOM   213  C CA  . LEU A 1 29  ? 6.664   13.141  -3.914  1.00 17.89 ? 52  LEU A CA  1 
ATOM   214  C C   . LEU A 1 29  ? 7.397   13.976  -2.869  1.00 17.93 ? 52  LEU A C   1 
ATOM   215  O O   . LEU A 1 29  ? 7.123   13.844  -1.678  1.00 17.71 ? 52  LEU A O   1 
ATOM   216  C CB  . LEU A 1 29  ? 7.524   11.958  -4.393  1.00 18.17 ? 52  LEU A CB  1 
ATOM   217  C CG  . LEU A 1 29  ? 6.776   10.992  -5.321  1.00 17.67 ? 52  LEU A CG  1 
ATOM   218  C CD1 . LEU A 1 29  ? 7.808   10.102  -5.995  1.00 20.85 ? 52  LEU A CD1 1 
ATOM   219  C CD2 . LEU A 1 29  ? 5.750   10.135  -4.606  1.00 19.13 ? 52  LEU A CD2 1 
ATOM   220  N N   . GLN A 1 30  ? 8.260   14.885  -3.315  1.00 18.11 ? 53  GLN A N   1 
ATOM   221  C CA  . GLN A 1 30  ? 9.061   15.669  -2.370  1.00 19.43 ? 53  GLN A CA  1 
ATOM   222  C C   . GLN A 1 30  ? 8.187   16.695  -1.676  1.00 18.84 ? 53  GLN A C   1 
ATOM   223  O O   . GLN A 1 30  ? 8.335   16.891  -0.475  1.00 19.79 ? 53  GLN A O   1 
ATOM   224  C CB  . GLN A 1 30  ? 10.272  16.299  -3.073  1.00 19.16 ? 53  GLN A CB  1 
ATOM   225  C CG  . GLN A 1 30  ? 11.180  15.213  -3.666  1.00 19.09 ? 53  GLN A CG  1 
ATOM   226  C CD  . GLN A 1 30  ? 12.495  15.712  -4.222  1.00 21.90 ? 53  GLN A CD  1 
ATOM   227  O OE1 . GLN A 1 30  ? 12.552  16.718  -4.947  1.00 24.35 ? 53  GLN A OE1 1 
ATOM   228  N NE2 . GLN A 1 30  ? 13.572  14.974  -3.917  1.00 25.73 ? 53  GLN A NE2 1 
ATOM   229  N N   . LYS A 1 31  ? 7.248   17.305  -2.416  1.00 19.67 ? 54  LYS A N   1 
ATOM   230  C CA  . LYS A 1 31  ? 6.312   18.294  -1.845  1.00 20.58 ? 54  LYS A CA  1 
ATOM   231  C C   . LYS A 1 31  ? 5.467   17.715  -0.718  1.00 19.74 ? 54  LYS A C   1 
ATOM   232  O O   . LYS A 1 31  ? 5.144   18.419  0.236   1.00 18.70 ? 54  LYS A O   1 
ATOM   233  C CB  . LYS A 1 31  ? 5.404   18.888  -2.929  1.00 20.90 ? 54  LYS A CB  1 
ATOM   234  C CG  . LYS A 1 31  ? 4.296   19.840  -2.435  1.00 23.98 ? 54  LYS A CG  1 
ATOM   235  C CD  . LYS A 1 31  ? 3.520   20.428  -3.613  1.00 24.05 ? 54  LYS A CD  1 
ATOM   236  C CE  . LYS A 1 31  ? 2.780   19.334  -4.391  1.00 27.41 ? 54  LYS A CE  1 
ATOM   237  N NZ  . LYS A 1 31  ? 2.392   19.760  -5.767  1.00 30.07 ? 54  LYS A NZ  1 
ATOM   238  N N   . HIS A 1 32  ? 5.114   16.433  -0.831  1.00 18.11 ? 55  HIS A N   1 
ATOM   239  C CA  . HIS A 1 32  ? 4.344   15.761  0.216   1.00 18.17 ? 55  HIS A CA  1 
ATOM   240  C C   . HIS A 1 32  ? 5.201   15.071  1.301   1.00 17.73 ? 55  HIS A C   1 
ATOM   241  O O   . HIS A 1 32  ? 4.657   14.436  2.211   1.00 17.32 ? 55  HIS A O   1 
ATOM   242  C CB  . HIS A 1 32  ? 3.350   14.778  -0.417  1.00 18.32 ? 55  HIS A CB  1 
ATOM   243  C CG  . HIS A 1 32  ? 2.174   15.442  -1.065  1.00 20.92 ? 55  HIS A CG  1 
ATOM   244  N ND1 . HIS A 1 32  ? 2.076   15.632  -2.427  1.00 23.55 ? 55  HIS A ND1 1 
ATOM   245  C CD2 . HIS A 1 32  ? 1.043   15.967  -0.530  1.00 20.15 ? 55  HIS A CD2 1 
ATOM   246  C CE1 . HIS A 1 32  ? 0.930   16.229  -2.710  1.00 20.86 ? 55  HIS A CE1 1 
ATOM   247  N NE2 . HIS A 1 32  ? 0.291   16.456  -1.575  1.00 21.90 ? 55  HIS A NE2 1 
ATOM   248  N N   . GLY A 1 33  ? 6.527   15.219  1.206   1.00 17.34 ? 56  GLY A N   1 
ATOM   249  C CA  . GLY A 1 33  ? 7.447   14.691  2.204   1.00 17.76 ? 56  GLY A CA  1 
ATOM   250  C C   . GLY A 1 33  ? 7.487   13.181  2.234   1.00 17.32 ? 56  GLY A C   1 
ATOM   251  O O   . GLY A 1 33  ? 7.707   12.598  3.298   1.00 18.78 ? 56  GLY A O   1 
ATOM   252  N N   . ILE A 1 34  ? 7.250   12.548  1.083   1.00 17.53 ? 57  ILE A N   1 
ATOM   253  C CA  . ILE A 1 34  ? 7.340   11.068  0.987   1.00 17.09 ? 57  ILE A CA  1 
ATOM   254  C C   . ILE A 1 34  ? 8.786   10.657  1.207   1.00 16.44 ? 57  ILE A C   1 
ATOM   255  O O   . ILE A 1 34  ? 9.680   11.228  0.591   1.00 18.20 ? 57  ILE A O   1 
ATOM   256  C CB  . ILE A 1 34  ? 6.939   10.555  -0.418  1.00 16.49 ? 57  ILE A CB  1 
ATOM   257  C CG1 . ILE A 1 34  ? 5.469   10.846  -0.761  1.00 17.56 ? 57  ILE A CG1 1 
ATOM   258  C CG2 . ILE A 1 34  ? 7.303   9.076   -0.593  1.00 16.77 ? 57  ILE A CG2 1 
ATOM   259  C CD1 . ILE A 1 34  ? 4.501   10.429  0.330   1.00 15.66 ? 57  ILE A CD1 1 
ATOM   260  N N   . THR A 1 35  ? 9.007   9.649   2.051   1.00 15.04 ? 58  THR A N   1 
ATOM   261  C CA  . THR A 1 35  ? 10.355  9.169   2.356   1.00 15.72 ? 58  THR A CA  1 
ATOM   262  C C   . THR A 1 35  ? 10.504  7.663   2.149   1.00 14.62 ? 58  THR A C   1 
ATOM   263  O O   . THR A 1 35  ? 11.633  7.159   2.045   1.00 16.13 ? 58  THR A O   1 
ATOM   264  C CB  . THR A 1 35  ? 10.767  9.485   3.814   1.00 16.10 ? 58  THR A CB  1 
ATOM   265  O OG1 . THR A 1 35  ? 9.805   8.960   4.726   1.00 17.21 ? 58  THR A OG1 1 
ATOM   266  C CG2 . THR A 1 35  ? 10.898  10.980  4.012   1.00 17.49 ? 58  THR A CG2 1 
ATOM   267  N N   . HIS A 1 36  ? 9.371   6.968   2.121   1.00 15.19 ? 59  HIS A N   1 
ATOM   268  C CA  . HIS A 1 36  ? 9.324   5.510   2.028   1.00 12.58 ? 59  HIS A CA  1 
ATOM   269  C C   . HIS A 1 36  ? 8.281   5.064   0.995   1.00 12.90 ? 59  HIS A C   1 
ATOM   270  O O   . HIS A 1 36  ? 7.204   5.636   0.933   1.00 12.92 ? 59  HIS A O   1 
ATOM   271  C CB  . HIS A 1 36  ? 8.901   4.951   3.380   1.00 12.77 ? 59  HIS A CB  1 
ATOM   272  C CG  . HIS A 1 36  ? 9.953   5.026   4.441   1.00 13.09 ? 59  HIS A CG  1 
ATOM   273  N ND1 . HIS A 1 36  ? 10.282  6.202   5.086   1.00 14.57 ? 59  HIS A ND1 1 
ATOM   274  C CD2 . HIS A 1 36  ? 10.719  4.058   5.001   1.00 15.46 ? 59  HIS A CD2 1 
ATOM   275  C CE1 . HIS A 1 36  ? 11.229  5.956   5.975   1.00 19.02 ? 59  HIS A CE1 1 
ATOM   276  N NE2 . HIS A 1 36  ? 11.508  4.662   5.946   1.00 16.85 ? 59  HIS A NE2 1 
ATOM   277  N N   . ILE A 1 37  ? 8.578   4.026   0.210   1.00 12.36 ? 60  ILE A N   1 
ATOM   278  C CA  . ILE A 1 37  ? 7.624   3.560   -0.800  1.00 11.78 ? 60  ILE A CA  1 
ATOM   279  C C   . ILE A 1 37  ? 7.518   2.029   -0.772  1.00 13.00 ? 60  ILE A C   1 
ATOM   280  O O   . ILE A 1 37  ? 8.540   1.337   -0.784  1.00 13.26 ? 60  ILE A O   1 
ATOM   281  C CB  . ILE A 1 37  ? 8.065   4.012   -2.216  1.00 12.38 ? 60  ILE A CB  1 
ATOM   282  C CG1 . ILE A 1 37  ? 8.174   5.548   -2.282  1.00 10.76 ? 60  ILE A CG1 1 
ATOM   283  C CG2 . ILE A 1 37  ? 7.122   3.446   -3.296  1.00 12.23 ? 60  ILE A CG2 1 
ATOM   284  C CD1 . ILE A 1 37  ? 8.703   6.081   -3.608  1.00 11.63 ? 60  ILE A CD1 1 
ATOM   285  N N   . ILE A 1 38  ? 6.308   1.512   -0.635  1.00 11.91 ? 61  ILE A N   1 
ATOM   286  C CA  . ILE A 1 38  ? 6.066   0.068   -0.811  1.00 12.69 ? 61  ILE A CA  1 
ATOM   287  C C   . ILE A 1 38  ? 5.653   -0.078  -2.277  1.00 13.09 ? 61  ILE A C   1 
ATOM   288  O O   . ILE A 1 38  ? 4.624   0.441   -2.692  1.00 13.11 ? 61  ILE A O   1 
ATOM   289  C CB  . ILE A 1 38  ? 4.990   -0.501  0.136   1.00 13.01 ? 61  ILE A CB  1 
ATOM   290  C CG1 . ILE A 1 38  ? 5.387   -0.294  1.597   1.00 13.01 ? 61  ILE A CG1 1 
ATOM   291  C CG2 . ILE A 1 38  ? 4.801   -2.020  -0.135  1.00 12.86 ? 61  ILE A CG2 1 
ATOM   292  C CD1 . ILE A 1 38  ? 4.368   -0.835  2.605   1.00 13.06 ? 61  ILE A CD1 1 
ATOM   293  N N   . CYS A 1 39  ? 6.479   -0.777  -3.048  1.00 14.03 ? 62  CYS A N   1 
ATOM   294  C CA  . CYS A 1 39  ? 6.279   -0.926  -4.504  1.00 14.10 ? 62  CYS A CA  1 
ATOM   295  C C   . CYS A 1 39  ? 5.863   -2.380  -4.774  1.00 14.70 ? 62  CYS A C   1 
ATOM   296  O O   . CYS A 1 39  ? 6.688   -3.291  -4.611  1.00 14.95 ? 62  CYS A O   1 
ATOM   297  C CB  . CYS A 1 39  ? 7.602   -0.568  -5.198  1.00 14.18 ? 62  CYS A CB  1 
ATOM   298  S SG  . CYS A 1 39  ? 7.750   -1.073  -6.948  1.00 16.18 ? 62  CYS A SG  1 
ATOM   299  N N   . ILE A 1 40  ? 4.587   -2.607  -5.114  1.00 13.47 ? 63  ILE A N   1 
ATOM   300  C CA  . ILE A 1 40  ? 4.032   -3.955  -5.216  1.00 14.58 ? 63  ILE A CA  1 
ATOM   301  C C   . ILE A 1 40  ? 3.787   -4.279  -6.690  1.00 15.56 ? 63  ILE A C   1 
ATOM   302  O O   . ILE A 1 40  ? 3.151   -3.500  -7.389  1.00 15.73 ? 63  ILE A O   1 
ATOM   303  C CB  . ILE A 1 40  ? 2.676   -4.083  -4.489  1.00 15.24 ? 63  ILE A CB  1 
ATOM   304  C CG1 . ILE A 1 40  ? 2.821   -3.823  -2.984  1.00 15.62 ? 63  ILE A CG1 1 
ATOM   305  C CG2 . ILE A 1 40  ? 2.043   -5.481  -4.769  1.00 15.06 ? 63  ILE A CG2 1 
ATOM   306  C CD1 . ILE A 1 40  ? 1.537   -3.257  -2.341  1.00 19.31 ? 63  ILE A CD1 1 
ATOM   307  N N   . ARG A 1 41  ? 4.262   -5.434  -7.139  1.00 16.04 ? 64  ARG A N   1 
ATOM   308  C CA  . ARG A 1 41  ? 4.108   -5.848  -8.534  1.00 16.99 ? 64  ARG A CA  1 
ATOM   309  C C   . ARG A 1 41  ? 4.462   -7.328  -8.680  1.00 17.62 ? 64  ARG A C   1 
ATOM   310  O O   . ARG A 1 41  ? 5.132   -7.886  -7.803  1.00 18.31 ? 64  ARG A O   1 
ATOM   311  C CB  . ARG A 1 41  ? 4.994   -4.973  -9.437  1.00 17.67 ? 64  ARG A CB  1 
ATOM   312  C CG  . ARG A 1 41  ? 6.482   -5.353  -9.551  1.00 18.29 ? 64  ARG A CG  1 
ATOM   313  C CD  . ARG A 1 41  ? 7.281   -5.417  -8.244  1.00 19.24 ? 64  ARG A CD  1 
ATOM   314  N NE  . ARG A 1 41  ? 8.646   -5.851  -8.523  1.00 21.57 ? 64  ARG A NE  1 
ATOM   315  C CZ  . ARG A 1 41  ? 9.043   -7.115  -8.592  1.00 22.87 ? 64  ARG A CZ  1 
ATOM   316  N NH1 . ARG A 1 41  ? 10.312  -7.381  -8.900  1.00 25.18 ? 64  ARG A NH1 1 
ATOM   317  N NH2 . ARG A 1 41  ? 8.191   -8.114  -8.359  1.00 23.81 ? 64  ARG A NH2 1 
ATOM   318  N N   . GLN A 1 42  ? 3.986   -7.961  -9.759  1.00 18.43 ? 65  GLN A N   1 
ATOM   319  C CA  . GLN A 1 42  ? 4.444   -9.298  -10.157 1.00 19.30 ? 65  GLN A CA  1 
ATOM   320  C C   . GLN A 1 42  ? 5.774   -9.137  -10.842 1.00 19.34 ? 65  GLN A C   1 
ATOM   321  O O   . GLN A 1 42  ? 6.058   -8.092  -11.407 1.00 17.78 ? 65  GLN A O   1 
ATOM   322  C CB  . GLN A 1 42  ? 3.526   -9.912  -11.226 1.00 20.34 ? 65  GLN A CB  1 
ATOM   323  C CG  . GLN A 1 42  ? 2.091   -10.141 -10.886 1.00 20.98 ? 65  GLN A CG  1 
ATOM   324  C CD  . GLN A 1 42  ? 1.387   -10.884 -12.022 1.00 21.54 ? 65  GLN A CD  1 
ATOM   325  O OE1 . GLN A 1 42  ? 0.667   -10.285 -12.819 1.00 24.49 ? 65  GLN A OE1 1 
ATOM   326  N NE2 . GLN A 1 42  ? 1.633   -12.187 -12.116 1.00 23.70 ? 65  GLN A NE2 1 
ATOM   327  N N   . ASN A 1 43  ? 6.573   -10.196 -10.881 1.00 19.27 ? 66  ASN A N   1 
ATOM   328  C CA  . ASN A 1 43  ? 7.843   -10.103 -11.570 1.00 20.11 ? 66  ASN A CA  1 
ATOM   329  C C   . ASN A 1 43  ? 7.670   -9.711  -13.047 1.00 19.52 ? 66  ASN A C   1 
ATOM   330  O O   . ASN A 1 43  ? 8.469   -8.939  -13.580 1.00 19.61 ? 66  ASN A O   1 
ATOM   331  C CB  . ASN A 1 43  ? 8.644   -11.393 -11.417 1.00 20.55 ? 66  ASN A CB  1 
ATOM   332  C CG  . ASN A 1 43  ? 9.097   -11.624 -9.988  1.00 22.99 ? 66  ASN A CG  1 
ATOM   333  O OD1 . ASN A 1 43  ? 9.424   -10.677 -9.258  1.00 24.55 ? 66  ASN A OD1 1 
ATOM   334  N ND2 . ASN A 1 43  ? 9.110   -12.901 -9.572  1.00 25.66 ? 66  ASN A ND2 1 
ATOM   335  N N   . ILE A 1 44  ? 6.592   -10.195 -13.674 1.00 19.61 ? 67  ILE A N   1 
ATOM   336  C CA  . ILE A 1 44  ? 6.307   -9.867  -15.077 1.00 19.41 ? 67  ILE A CA  1 
ATOM   337  C C   . ILE A 1 44  ? 5.955   -8.392  -15.307 1.00 18.47 ? 67  ILE A C   1 
ATOM   338  O O   . ILE A 1 44  ? 6.088   -7.915  -16.434 1.00 18.88 ? 67  ILE A O   1 
ATOM   339  C CB  . ILE A 1 44  ? 5.196   -10.747 -15.745 1.00 19.46 ? 67  ILE A CB  1 
ATOM   340  C CG1 . ILE A 1 44  ? 3.871   -10.642 -14.992 1.00 19.90 ? 67  ILE A CG1 1 
ATOM   341  C CG2 . ILE A 1 44  ? 5.660   -12.203 -15.880 1.00 21.01 ? 67  ILE A CG2 1 
ATOM   342  C CD1 . ILE A 1 44  ? 2.699   -11.256 -15.737 1.00 20.58 ? 67  ILE A CD1 1 
ATOM   343  N N   . GLU A 1 45  ? 5.519   -7.699  -14.245 1.00 17.62 ? 68  GLU A N   1 
ATOM   344  C CA  . GLU A 1 45  ? 5.287   -6.247  -14.261 1.00 17.01 ? 68  GLU A CA  1 
ATOM   345  C C   . GLU A 1 45  ? 6.524   -5.398  -13.967 1.00 16.58 ? 68  GLU A C   1 
ATOM   346  O O   . GLU A 1 45  ? 6.451   -4.170  -14.008 1.00 15.94 ? 68  GLU A O   1 
ATOM   347  C CB  . GLU A 1 45  ? 4.183   -5.860  -13.257 1.00 16.79 ? 68  GLU A CB  1 
ATOM   348  C CG  . GLU A 1 45  ? 2.774   -6.357  -13.609 1.00 17.43 ? 68  GLU A CG  1 
ATOM   349  C CD  . GLU A 1 45  ? 1.771   -6.168  -12.458 1.00 17.85 ? 68  GLU A CD  1 
ATOM   350  O OE1 . GLU A 1 45  ? 2.147   -6.467  -11.321 1.00 17.81 ? 68  GLU A OE1 1 
ATOM   351  O OE2 . GLU A 1 45  ? 0.589   -5.787  -12.700 1.00 17.42 ? 68  GLU A OE2 1 
ATOM   352  N N   . ALA A 1 46  ? 7.650   -6.033  -13.631 1.00 16.72 ? 69  ALA A N   1 
ATOM   353  C CA  . ALA A 1 46  ? 8.829   -5.293  -13.163 1.00 17.16 ? 69  ALA A CA  1 
ATOM   354  C C   . ALA A 1 46  ? 9.531   -4.422  -14.235 1.00 17.34 ? 69  ALA A C   1 
ATOM   355  O O   . ALA A 1 46  ? 10.338  -3.558  -13.899 1.00 17.93 ? 69  ALA A O   1 
ATOM   356  C CB  . ALA A 1 46  ? 9.822   -6.238  -12.434 1.00 17.81 ? 69  ALA A CB  1 
ATOM   357  N N   . ASN A 1 47  ? 9.170   -4.604  -15.506 1.00 17.30 ? 70  ASN A N   1 
ATOM   358  C CA  . ASN A 1 47  ? 9.617   -3.669  -16.562 1.00 16.95 ? 70  ASN A CA  1 
ATOM   359  C C   . ASN A 1 47  ? 9.055   -2.253  -16.423 1.00 17.34 ? 70  ASN A C   1 
ATOM   360  O O   . ASN A 1 47  ? 9.705   -1.284  -16.824 1.00 17.66 ? 70  ASN A O   1 
ATOM   361  C CB  . ASN A 1 47  ? 9.340   -4.203  -17.989 1.00 16.59 ? 70  ASN A CB  1 
ATOM   362  C CG  . ASN A 1 47  ? 7.874   -4.633  -18.222 1.00 18.13 ? 70  ASN A CG  1 
ATOM   363  O OD1 . ASN A 1 47  ? 7.176   -5.084  -17.301 1.00 17.56 ? 70  ASN A OD1 1 
ATOM   364  N ND2 . ASN A 1 47  ? 7.421   -4.530  -19.478 1.00 13.69 ? 70  ASN A ND2 1 
ATOM   365  N N   . PHE A 1 48  ? 7.840   -2.117  -15.891 1.00 16.60 ? 71  PHE A N   1 
ATOM   366  C CA  . PHE A 1 48  ? 7.258   -0.787  -15.758 1.00 16.33 ? 71  PHE A CA  1 
ATOM   367  C C   . PHE A 1 48  ? 6.908   -0.392  -14.322 1.00 16.74 ? 71  PHE A C   1 
ATOM   368  O O   . PHE A 1 48  ? 6.615   0.773   -14.067 1.00 16.82 ? 71  PHE A O   1 
ATOM   369  C CB  . PHE A 1 48  ? 6.063   -0.578  -16.702 1.00 16.27 ? 71  PHE A CB  1 
ATOM   370  C CG  . PHE A 1 48  ? 4.844   -1.403  -16.363 1.00 15.24 ? 71  PHE A CG  1 
ATOM   371  C CD1 . PHE A 1 48  ? 3.759   -0.827  -15.744 1.00 13.35 ? 71  PHE A CD1 1 
ATOM   372  C CD2 . PHE A 1 48  ? 4.758   -2.734  -16.733 1.00 14.11 ? 71  PHE A CD2 1 
ATOM   373  C CE1 . PHE A 1 48  ? 2.611   -1.538  -15.469 1.00 13.62 ? 71  PHE A CE1 1 
ATOM   374  C CE2 . PHE A 1 48  ? 3.604   -3.483  -16.453 1.00 14.89 ? 71  PHE A CE2 1 
ATOM   375  C CZ  . PHE A 1 48  ? 2.520   -2.886  -15.809 1.00 16.05 ? 71  PHE A CZ  1 
ATOM   376  N N   . ILE A 1 49  ? 6.945   -1.355  -13.396 1.00 15.88 ? 72  ILE A N   1 
ATOM   377  C CA  . ILE A 1 49  ? 6.683   -1.077  -11.988 1.00 15.49 ? 72  ILE A CA  1 
ATOM   378  C C   . ILE A 1 49  ? 7.925   -1.456  -11.171 1.00 15.11 ? 72  ILE A C   1 
ATOM   379  O O   . ILE A 1 49  ? 8.211   -2.639  -10.943 1.00 16.51 ? 72  ILE A O   1 
ATOM   380  C CB  . ILE A 1 49  ? 5.457   -1.804  -11.426 1.00 14.61 ? 72  ILE A CB  1 
ATOM   381  C CG1 . ILE A 1 49  ? 4.214   -1.569  -12.269 1.00 15.14 ? 72  ILE A CG1 1 
ATOM   382  C CG2 . ILE A 1 49  ? 5.153   -1.312  -9.988  1.00 13.99 ? 72  ILE A CG2 1 
ATOM   383  C CD1 . ILE A 1 49  ? 3.049   -2.411  -11.821 1.00 14.12 ? 72  ILE A CD1 1 
ATOM   384  N N   . LYS A 1 50  ? 8.639   -0.437  -10.726 1.00 16.29 ? 73  LYS A N   1 
ATOM   385  C CA  . LYS A 1 50  ? 9.943   -0.625  -10.108 1.00 17.04 ? 73  LYS A CA  1 
ATOM   386  C C   . LYS A 1 50  ? 10.372  0.622   -9.328  1.00 16.53 ? 73  LYS A C   1 
ATOM   387  O O   . LYS A 1 50  ? 9.805   1.698   -9.515  1.00 16.05 ? 73  LYS A O   1 
ATOM   388  C CB  . LYS A 1 50  ? 10.971  -0.932  -11.204 1.00 17.39 ? 73  LYS A CB  1 
ATOM   389  C CG  . LYS A 1 50  ? 11.410  0.302   -11.979 1.00 20.79 ? 73  LYS A CG  1 
ATOM   390  C CD  . LYS A 1 50  ? 12.397  -0.051  -13.072 1.00 26.97 ? 73  LYS A CD  1 
ATOM   391  C CE  . LYS A 1 50  ? 11.722  -0.217  -14.409 1.00 28.87 ? 73  LYS A CE  1 
ATOM   392  N NZ  . LYS A 1 50  ? 11.455  1.108   -15.083 1.00 31.66 ? 73  LYS A NZ  1 
ATOM   393  N N   . PRO A 1 51  ? 11.358  0.484   -8.434  1.00 17.20 ? 74  PRO A N   1 
ATOM   394  C CA  . PRO A 1 51  ? 11.877  1.692   -7.767  1.00 16.85 ? 74  PRO A CA  1 
ATOM   395  C C   . PRO A 1 51  ? 12.544  2.628   -8.766  1.00 18.03 ? 74  PRO A C   1 
ATOM   396  O O   . PRO A 1 51  ? 13.413  2.194   -9.546  1.00 19.04 ? 74  PRO A O   1 
ATOM   397  C CB  . PRO A 1 51  ? 12.905  1.127   -6.788  1.00 18.81 ? 74  PRO A CB  1 
ATOM   398  C CG  . PRO A 1 51  ? 12.473  -0.247  -6.554  1.00 16.93 ? 74  PRO A CG  1 
ATOM   399  C CD  . PRO A 1 51  ? 11.984  -0.732  -7.881  1.00 16.68 ? 74  PRO A CD  1 
ATOM   400  N N   . ASN A 1 52  ? 12.110  3.886   -8.787  1.00 17.72 ? 75  ASN A N   1 
ATOM   401  C CA  . ASN A 1 52  ? 12.682  4.859   -9.719  1.00 18.99 ? 75  ASN A CA  1 
ATOM   402  C C   . ASN A 1 52  ? 13.661  5.854   -9.138  1.00 19.55 ? 75  ASN A C   1 
ATOM   403  O O   . ASN A 1 52  ? 14.293  6.623   -9.885  1.00 19.03 ? 75  ASN A O   1 
ATOM   404  C CB  . ASN A 1 52  ? 11.578  5.596   -10.482 1.00 18.59 ? 75  ASN A CB  1 
ATOM   405  C CG  . ASN A 1 52  ? 10.767  4.673   -11.357 1.00 20.23 ? 75  ASN A CG  1 
ATOM   406  O OD1 . ASN A 1 52  ? 11.309  4.010   -12.256 1.00 22.74 ? 75  ASN A OD1 1 
ATOM   407  N ND2 . ASN A 1 52  ? 9.469   4.641   -11.126 1.00 20.20 ? 75  ASN A ND2 1 
ATOM   408  N N   . PHE A 1 53  ? 13.799  5.849   -7.819  1.00 20.96 ? 76  PHE A N   1 
ATOM   409  C CA  . PHE A 1 53  ? 14.666  6.814   -7.172  1.00 22.99 ? 76  PHE A CA  1 
ATOM   410  C C   . PHE A 1 53  ? 15.560  6.074   -6.207  1.00 24.86 ? 76  PHE A C   1 
ATOM   411  O O   . PHE A 1 53  ? 15.284  6.023   -5.010  1.00 25.34 ? 76  PHE A O   1 
ATOM   412  C CB  . PHE A 1 53  ? 13.844  7.899   -6.483  1.00 22.36 ? 76  PHE A CB  1 
ATOM   413  C CG  . PHE A 1 53  ? 12.814  8.540   -7.389  1.00 23.02 ? 76  PHE A CG  1 
ATOM   414  C CD1 . PHE A 1 53  ? 13.187  9.504   -8.327  1.00 20.37 ? 76  PHE A CD1 1 
ATOM   415  C CD2 . PHE A 1 53  ? 11.473  8.186   -7.293  1.00 22.91 ? 76  PHE A CD2 1 
ATOM   416  C CE1 . PHE A 1 53  ? 12.232  10.084  -9.169  1.00 21.06 ? 76  PHE A CE1 1 
ATOM   417  C CE2 . PHE A 1 53  ? 10.512  8.771   -8.120  1.00 20.47 ? 76  PHE A CE2 1 
ATOM   418  C CZ  . PHE A 1 53  ? 10.892  9.719   -9.056  1.00 22.37 ? 76  PHE A CZ  1 
ATOM   419  N N   . GLN A 1 54  ? 16.649  5.529   -6.748  1.00 27.00 ? 77  GLN A N   1 
ATOM   420  C CA  . GLN A 1 54  ? 17.530  4.626   -5.999  1.00 29.61 ? 77  GLN A CA  1 
ATOM   421  C C   . GLN A 1 54  ? 18.104  5.292   -4.761  1.00 29.89 ? 77  GLN A C   1 
ATOM   422  O O   . GLN A 1 54  ? 18.241  4.658   -3.710  1.00 31.35 ? 77  GLN A O   1 
ATOM   423  C CB  . GLN A 1 54  ? 18.660  4.081   -6.891  1.00 29.95 ? 77  GLN A CB  1 
ATOM   424  C CG  . GLN A 1 54  ? 18.200  3.557   -8.277  1.00 33.01 ? 77  GLN A CG  1 
ATOM   425  C CD  . GLN A 1 54  ? 17.066  2.542   -8.184  1.00 36.32 ? 77  GLN A CD  1 
ATOM   426  O OE1 . GLN A 1 54  ? 17.095  1.633   -7.348  1.00 39.06 ? 77  GLN A OE1 1 
ATOM   427  N NE2 . GLN A 1 54  ? 16.056  2.697   -9.042  1.00 36.88 ? 77  GLN A NE2 1 
ATOM   428  N N   . GLN A 1 55  ? 18.397  6.580   -4.876  1.00 29.88 ? 78  GLN A N   1 
ATOM   429  C CA  . GLN A 1 55  ? 19.158  7.277   -3.854  1.00 29.59 ? 78  GLN A CA  1 
ATOM   430  C C   . GLN A 1 55  ? 18.309  8.124   -2.914  1.00 28.49 ? 78  GLN A C   1 
ATOM   431  O O   . GLN A 1 55  ? 18.811  8.587   -1.900  1.00 29.93 ? 78  GLN A O   1 
ATOM   432  C CB  . GLN A 1 55  ? 20.258  8.131   -4.512  1.00 30.07 ? 78  GLN A CB  1 
ATOM   433  C CG  . GLN A 1 55  ? 21.421  7.338   -5.116  1.00 33.13 ? 78  GLN A CG  1 
ATOM   434  C CD  . GLN A 1 55  ? 22.352  6.754   -4.056  1.00 35.53 ? 78  GLN A CD  1 
ATOM   435  O OE1 . GLN A 1 55  ? 22.047  5.726   -3.438  1.00 38.80 ? 78  GLN A OE1 1 
ATOM   436  N NE2 . GLN A 1 55  ? 23.495  7.404   -3.846  1.00 36.66 ? 78  GLN A NE2 1 
ATOM   437  N N   . LEU A 1 56  ? 17.030  8.318   -3.234  1.00 26.90 ? 79  LEU A N   1 
ATOM   438  C CA  . LEU A 1 56  ? 16.211  9.306   -2.528  1.00 25.21 ? 79  LEU A CA  1 
ATOM   439  C C   . LEU A 1 56  ? 15.189  8.761   -1.534  1.00 23.97 ? 79  LEU A C   1 
ATOM   440  O O   . LEU A 1 56  ? 14.697  9.503   -0.684  1.00 25.18 ? 79  LEU A O   1 
ATOM   441  C CB  . LEU A 1 56  ? 15.507  10.237  -3.525  1.00 24.75 ? 79  LEU A CB  1 
ATOM   442  C CG  . LEU A 1 56  ? 16.396  11.112  -4.427  1.00 25.33 ? 79  LEU A CG  1 
ATOM   443  C CD1 . LEU A 1 56  ? 15.625  11.687  -5.581  1.00 25.71 ? 79  LEU A CD1 1 
ATOM   444  C CD2 . LEU A 1 56  ? 17.067  12.234  -3.637  1.00 28.80 ? 79  LEU A CD2 1 
ATOM   445  N N   . PHE A 1 57  ? 14.857  7.486   -1.653  1.00 21.97 ? 80  PHE A N   1 
ATOM   446  C CA  . PHE A 1 57  ? 13.763  6.923   -0.866  1.00 19.66 ? 80  PHE A CA  1 
ATOM   447  C C   . PHE A 1 57  ? 14.166  5.564   -0.357  1.00 18.33 ? 80  PHE A C   1 
ATOM   448  O O   . PHE A 1 57  ? 15.046  4.916   -0.949  1.00 18.36 ? 80  PHE A O   1 
ATOM   449  C CB  . PHE A 1 57  ? 12.496  6.763   -1.729  1.00 19.57 ? 80  PHE A CB  1 
ATOM   450  C CG  . PHE A 1 57  ? 11.961  8.050   -2.297  1.00 19.46 ? 80  PHE A CG  1 
ATOM   451  C CD1 . PHE A 1 57  ? 11.397  9.012   -1.486  1.00 22.79 ? 80  PHE A CD1 1 
ATOM   452  C CD2 . PHE A 1 57  ? 11.992  8.282   -3.666  1.00 20.30 ? 80  PHE A CD2 1 
ATOM   453  C CE1 . PHE A 1 57  ? 10.915  10.212  -2.022  1.00 23.16 ? 80  PHE A CE1 1 
ATOM   454  C CE2 . PHE A 1 57  ? 11.521  9.487   -4.205  1.00 21.61 ? 80  PHE A CE2 1 
ATOM   455  C CZ  . PHE A 1 57  ? 10.976  10.454  -3.375  1.00 19.66 ? 80  PHE A CZ  1 
ATOM   456  N N   . ARG A 1 58  ? 13.521  5.120   0.717   1.00 16.27 ? 81  ARG A N   1 
ATOM   457  C CA  . ARG A 1 58  ? 13.623  3.722   1.153   1.00 16.36 ? 81  ARG A CA  1 
ATOM   458  C C   . ARG A 1 58  ? 12.464  2.912   0.570   1.00 14.94 ? 81  ARG A C   1 
ATOM   459  O O   . ARG A 1 58  ? 11.296  3.298   0.701   1.00 15.32 ? 81  ARG A O   1 
ATOM   460  C CB  . ARG A 1 58  ? 13.632  3.611   2.674   1.00 16.00 ? 81  ARG A CB  1 
ATOM   461  C CG  . ARG A 1 58  ? 14.808  4.309   3.348   1.00 21.43 ? 81  ARG A CG  1 
ATOM   462  C CD  . ARG A 1 58  ? 14.903  3.935   4.812   1.00 26.18 ? 81  ARG A CD  1 
ATOM   463  N NE  . ARG A 1 58  ? 16.066  4.546   5.461   1.00 32.68 ? 81  ARG A NE  1 
ATOM   464  C CZ  . ARG A 1 58  ? 16.370  4.393   6.747   1.00 34.52 ? 81  ARG A CZ  1 
ATOM   465  N NH1 . ARG A 1 58  ? 15.607  3.635   7.534   1.00 35.48 ? 81  ARG A NH1 1 
ATOM   466  N NH2 . ARG A 1 58  ? 17.450  4.989   7.249   1.00 35.94 ? 81  ARG A NH2 1 
ATOM   467  N N   . TYR A 1 59  ? 12.781  1.792   -0.070  1.00 14.28 ? 82  TYR A N   1 
ATOM   468  C CA  . TYR A 1 59  ? 11.778  0.995   -0.755  1.00 14.27 ? 82  TYR A CA  1 
ATOM   469  C C   . TYR A 1 59  ? 11.529  -0.324  -0.046  1.00 14.34 ? 82  TYR A C   1 
ATOM   470  O O   . TYR A 1 59  ? 12.417  -0.855  0.628   1.00 13.18 ? 82  TYR A O   1 
ATOM   471  C CB  . TYR A 1 59  ? 12.231  0.705   -2.193  1.00 14.33 ? 82  TYR A CB  1 
ATOM   472  C CG  . TYR A 1 59  ? 12.084  1.867   -3.138  1.00 14.93 ? 82  TYR A CG  1 
ATOM   473  C CD1 . TYR A 1 59  ? 10.911  2.043   -3.886  1.00 14.42 ? 82  TYR A CD1 1 
ATOM   474  C CD2 . TYR A 1 59  ? 13.112  2.793   -3.297  1.00 16.27 ? 82  TYR A CD2 1 
ATOM   475  C CE1 . TYR A 1 59  ? 10.773  3.114   -4.771  1.00 16.14 ? 82  TYR A CE1 1 
ATOM   476  C CE2 . TYR A 1 59  ? 12.982  3.863   -4.162  1.00 15.96 ? 82  TYR A CE2 1 
ATOM   477  C CZ  . TYR A 1 59  ? 11.813  4.019   -4.903  1.00 16.58 ? 82  TYR A CZ  1 
ATOM   478  O OH  . TYR A 1 59  ? 11.710  5.060   -5.796  1.00 16.86 ? 82  TYR A OH  1 
ATOM   479  N N   . LEU A 1 60  ? 10.307  -0.844  -0.199  1.00 13.22 ? 83  LEU A N   1 
ATOM   480  C CA  . LEU A 1 60  ? 9.992   -2.222  0.114   1.00 13.71 ? 83  LEU A CA  1 
ATOM   481  C C   . LEU A 1 60  ? 9.298   -2.796  -1.110  1.00 14.00 ? 83  LEU A C   1 
ATOM   482  O O   . LEU A 1 60  ? 8.188   -2.383  -1.449  1.00 14.46 ? 83  LEU A O   1 
ATOM   483  C CB  . LEU A 1 60  ? 9.097   -2.317  1.357   1.00 14.11 ? 83  LEU A CB  1 
ATOM   484  C CG  . LEU A 1 60  ? 8.671   -3.714  1.782   1.00 12.32 ? 83  LEU A CG  1 
ATOM   485  C CD1 . LEU A 1 60  ? 9.912   -4.502  2.152   1.00 17.34 ? 83  LEU A CD1 1 
ATOM   486  C CD2 . LEU A 1 60  ? 7.741   -3.696  3.005   1.00 14.88 ? 83  LEU A CD2 1 
ATOM   487  N N   . VAL A 1 61  ? 9.966   -3.711  -1.813  1.00 14.02 ? 84  VAL A N   1 
ATOM   488  C CA  . VAL A 1 61  ? 9.419   -4.277  -3.067  1.00 13.15 ? 84  VAL A CA  1 
ATOM   489  C C   . VAL A 1 61  ? 8.822   -5.650  -2.795  1.00 13.55 ? 84  VAL A C   1 
ATOM   490  O O   . VAL A 1 61  ? 9.502   -6.539  -2.271  1.00 12.96 ? 84  VAL A O   1 
ATOM   491  C CB  . VAL A 1 61  ? 10.501  -4.366  -4.177  1.00 13.97 ? 84  VAL A CB  1 
ATOM   492  C CG1 . VAL A 1 61  ? 9.943   -5.032  -5.434  1.00 14.19 ? 84  VAL A CG1 1 
ATOM   493  C CG2 . VAL A 1 61  ? 11.068  -3.002  -4.500  1.00 13.28 ? 84  VAL A CG2 1 
ATOM   494  N N   . LEU A 1 62  ? 7.550   -5.820  -3.161  1.00 13.34 ? 85  LEU A N   1 
ATOM   495  C CA  . LEU A 1 62  ? 6.816   -7.051  -2.866  1.00 13.78 ? 85  LEU A CA  1 
ATOM   496  C C   . LEU A 1 62  ? 6.352   -7.685  -4.162  1.00 14.27 ? 85  LEU A C   1 
ATOM   497  O O   . LEU A 1 62  ? 5.536   -7.115  -4.896  1.00 14.89 ? 85  LEU A O   1 
ATOM   498  C CB  . LEU A 1 62  ? 5.596   -6.794  -1.960  1.00 14.00 ? 85  LEU A CB  1 
ATOM   499  C CG  . LEU A 1 62  ? 5.831   -6.202  -0.569  1.00 14.61 ? 85  LEU A CG  1 
ATOM   500  C CD1 . LEU A 1 62  ? 4.513   -5.929  0.169   1.00 15.43 ? 85  LEU A CD1 1 
ATOM   501  C CD2 . LEU A 1 62  ? 6.757   -7.058  0.293   1.00 14.64 ? 85  LEU A CD2 1 
ATOM   502  N N   . ASP A 1 63  ? 6.894   -8.862  -4.429  1.00 14.28 ? 86  ASP A N   1 
ATOM   503  C CA  . ASP A 1 63  ? 6.514   -9.648  -5.599  1.00 14.66 ? 86  ASP A CA  1 
ATOM   504  C C   . ASP A 1 63  ? 5.196   -10.370 -5.286  1.00 14.80 ? 86  ASP A C   1 
ATOM   505  O O   . ASP A 1 63  ? 5.169   -11.426 -4.628  1.00 14.60 ? 86  ASP A O   1 
ATOM   506  C CB  . ASP A 1 63  ? 7.661   -10.602 -5.932  1.00 16.09 ? 86  ASP A CB  1 
ATOM   507  C CG  . ASP A 1 63  ? 7.288   -11.655 -6.952  1.00 16.62 ? 86  ASP A CG  1 
ATOM   508  O OD1 . ASP A 1 63  ? 6.334   -11.436 -7.725  1.00 18.88 ? 86  ASP A OD1 1 
ATOM   509  O OD2 . ASP A 1 63  ? 7.974   -12.717 -7.002  1.00 19.16 ? 86  ASP A OD2 1 
ATOM   510  N N   . ILE A 1 64  ? 4.093   -9.779  -5.746  1.00 14.92 ? 87  ILE A N   1 
ATOM   511  C CA  . ILE A 1 64  ? 2.741   -10.272 -5.418  1.00 15.88 ? 87  ILE A CA  1 
ATOM   512  C C   . ILE A 1 64  ? 1.867   -10.239 -6.665  1.00 15.75 ? 87  ILE A C   1 
ATOM   513  O O   . ILE A 1 64  ? 1.833   -9.216  -7.353  1.00 16.02 ? 87  ILE A O   1 
ATOM   514  C CB  . ILE A 1 64  ? 2.057   -9.369  -4.332  1.00 15.48 ? 87  ILE A CB  1 
ATOM   515  C CG1 . ILE A 1 64  ? 2.814   -9.473  -2.994  1.00 16.47 ? 87  ILE A CG1 1 
ATOM   516  C CG2 . ILE A 1 64  ? 0.557   -9.751  -4.172  1.00 17.40 ? 87  ILE A CG2 1 
ATOM   517  C CD1 . ILE A 1 64  ? 2.399   -8.535  -1.904  1.00 19.00 ? 87  ILE A CD1 1 
ATOM   518  N N   . ALA A 1 65  ? 1.176   -11.345 -6.958  1.00 16.47 ? 88  ALA A N   1 
ATOM   519  C CA  . ALA A 1 65  ? 0.161   -11.381 -8.023  1.00 16.44 ? 88  ALA A CA  1 
ATOM   520  C C   . ALA A 1 65  ? -1.209  -10.943 -7.525  1.00 16.71 ? 88  ALA A C   1 
ATOM   521  O O   . ALA A 1 65  ? -1.579  -11.225 -6.372  1.00 16.77 ? 88  ALA A O   1 
ATOM   522  C CB  . ALA A 1 65  ? 0.067   -12.772 -8.590  1.00 16.96 ? 88  ALA A CB  1 
ATOM   523  N N   . ASP A 1 66  ? -1.968  -10.260 -8.381  1.00 16.16 ? 89  ASP A N   1 
ATOM   524  C CA  . ASP A 1 66  ? -3.352  -9.895  -8.047  1.00 17.34 ? 89  ASP A CA  1 
ATOM   525  C C   . ASP A 1 66  ? -4.340  -11.007 -8.391  1.00 17.72 ? 89  ASP A C   1 
ATOM   526  O O   . ASP A 1 66  ? -5.025  -10.970 -9.416  1.00 19.05 ? 89  ASP A O   1 
ATOM   527  C CB  . ASP A 1 66  ? -3.772  -8.570  -8.704  1.00 15.92 ? 89  ASP A CB  1 
ATOM   528  C CG  . ASP A 1 66  ? -5.163  -8.125  -8.276  1.00 18.26 ? 89  ASP A CG  1 
ATOM   529  O OD1 . ASP A 1 66  ? -5.578  -8.484  -7.154  1.00 21.03 ? 89  ASP A OD1 1 
ATOM   530  O OD2 . ASP A 1 66  ? -5.843  -7.414  -9.051  1.00 18.51 ? 89  ASP A OD2 1 
ATOM   531  N N   . ASN A 1 67  ? -4.375  -12.034 -7.550  1.00 19.18 ? 90  ASN A N   1 
ATOM   532  C CA  . ASN A 1 67  ? -5.351  -13.104 -7.713  1.00 19.97 ? 90  ASN A CA  1 
ATOM   533  C C   . ASN A 1 67  ? -5.763  -13.696 -6.365  1.00 20.01 ? 90  ASN A C   1 
ATOM   534  O O   . ASN A 1 67  ? -4.994  -13.619 -5.407  1.00 19.03 ? 90  ASN A O   1 
ATOM   535  C CB  . ASN A 1 67  ? -4.903  -14.161 -8.727  1.00 21.69 ? 90  ASN A CB  1 
ATOM   536  C CG  . ASN A 1 67  ? -3.815  -15.056 -8.209  1.00 23.78 ? 90  ASN A CG  1 
ATOM   537  O OD1 . ASN A 1 67  ? -4.029  -15.856 -7.290  1.00 28.12 ? 90  ASN A OD1 1 
ATOM   538  N ND2 . ASN A 1 67  ? -2.653  -14.980 -8.833  1.00 28.71 ? 90  ASN A ND2 1 
ATOM   539  N N   . PRO A 1 68  ? -6.984  -14.251 -6.291  1.00 20.70 ? 91  PRO A N   1 
ATOM   540  C CA  . PRO A 1 68  ? -7.515  -14.722 -4.998  1.00 21.50 ? 91  PRO A CA  1 
ATOM   541  C C   . PRO A 1 68  ? -6.744  -15.829 -4.262  1.00 22.05 ? 91  PRO A C   1 
ATOM   542  O O   . PRO A 1 68  ? -6.985  -16.050 -3.066  1.00 22.61 ? 91  PRO A O   1 
ATOM   543  C CB  . PRO A 1 68  ? -8.961  -15.132 -5.309  1.00 21.21 ? 91  PRO A CB  1 
ATOM   544  C CG  . PRO A 1 68  ? -9.095  -15.159 -6.801  1.00 22.65 ? 91  PRO A CG  1 
ATOM   545  C CD  . PRO A 1 68  ? -7.947  -14.395 -7.401  1.00 20.83 ? 91  PRO A CD  1 
ATOM   546  N N   . VAL A 1 69  ? -5.837  -16.530 -4.932  1.00 21.08 ? 92  VAL A N   1 
ATOM   547  C CA  . VAL A 1 69  ? -5.060  -17.529 -4.195  1.00 21.84 ? 92  VAL A CA  1 
ATOM   548  C C   . VAL A 1 69  ? -3.660  -17.050 -3.779  1.00 20.76 ? 92  VAL A C   1 
ATOM   549  O O   . VAL A 1 69  ? -2.943  -17.749 -3.068  1.00 21.59 ? 92  VAL A O   1 
ATOM   550  C CB  . VAL A 1 69  ? -5.007  -18.897 -4.920  1.00 22.56 ? 92  VAL A CB  1 
ATOM   551  C CG1 . VAL A 1 69  ? -6.394  -19.272 -5.440  1.00 24.43 ? 92  VAL A CG1 1 
ATOM   552  C CG2 . VAL A 1 69  ? -4.008  -18.875 -6.049  1.00 23.07 ? 92  VAL A CG2 1 
ATOM   553  N N   . GLU A 1 70  ? -3.270  -15.862 -4.229  1.00 18.85 ? 93  GLU A N   1 
ATOM   554  C CA  . GLU A 1 70  ? -1.967  -15.308 -3.847  1.00 18.28 ? 93  GLU A CA  1 
ATOM   555  C C   . GLU A 1 70  ? -1.977  -15.064 -2.333  1.00 17.04 ? 93  GLU A C   1 
ATOM   556  O O   . GLU A 1 70  ? -2.952  -14.573 -1.777  1.00 16.79 ? 93  GLU A O   1 
ATOM   557  C CB  . GLU A 1 70  ? -1.677  -14.012 -4.616  1.00 18.37 ? 93  GLU A CB  1 
ATOM   558  C CG  . GLU A 1 70  ? -0.430  -13.223 -4.152  1.00 19.96 ? 93  GLU A CG  1 
ATOM   559  C CD  . GLU A 1 70  ? 0.872   -13.984 -4.367  1.00 22.20 ? 93  GLU A CD  1 
ATOM   560  O OE1 . GLU A 1 70  ? 1.613   -13.632 -5.321  1.00 21.71 ? 93  GLU A OE1 1 
ATOM   561  O OE2 . GLU A 1 70  ? 1.126   -14.963 -3.612  1.00 22.13 ? 93  GLU A OE2 1 
ATOM   562  N N   . ASN A 1 71  ? -0.911  -15.468 -1.662  1.00 16.43 ? 94  ASN A N   1 
ATOM   563  C CA  . ASN A 1 71  ? -0.762  -15.208 -0.237  1.00 17.09 ? 94  ASN A CA  1 
ATOM   564  C C   . ASN A 1 71  ? -0.168  -13.827 0.002   1.00 16.76 ? 94  ASN A C   1 
ATOM   565  O O   . ASN A 1 71  ? 1.014   -13.570 -0.315  1.00 17.35 ? 94  ASN A O   1 
ATOM   566  C CB  . ASN A 1 71  ? 0.134   -16.286 0.387   1.00 17.04 ? 94  ASN A CB  1 
ATOM   567  C CG  . ASN A 1 71  ? 0.409   -16.075 1.881   1.00 18.23 ? 94  ASN A CG  1 
ATOM   568  O OD1 . ASN A 1 71  ? 0.288   -14.970 2.428   1.00 17.25 ? 94  ASN A OD1 1 
ATOM   569  N ND2 . ASN A 1 71  ? 0.807   -17.164 2.548   1.00 19.46 ? 94  ASN A ND2 1 
ATOM   570  N N   . ILE A 1 72  ? -0.980  -12.933 0.565   1.00 15.62 ? 95  ILE A N   1 
ATOM   571  C CA  . ILE A 1 72  ? -0.468  -11.629 1.029   1.00 15.33 ? 95  ILE A CA  1 
ATOM   572  C C   . ILE A 1 72  ? -0.412  -11.518 2.557   1.00 14.64 ? 95  ILE A C   1 
ATOM   573  O O   . ILE A 1 72  ? 0.319   -10.693 3.077   1.00 13.35 ? 95  ILE A O   1 
ATOM   574  C CB  . ILE A 1 72  ? -1.282  -10.426 0.481   1.00 15.68 ? 95  ILE A CB  1 
ATOM   575  C CG1 . ILE A 1 72  ? -2.738  -10.454 0.977   1.00 13.37 ? 95  ILE A CG1 1 
ATOM   576  C CG2 . ILE A 1 72  ? -1.173  -10.360 -1.044  1.00 14.77 ? 95  ILE A CG2 1 
ATOM   577  C CD1 . ILE A 1 72  ? -3.574  -9.225  0.485   1.00 16.45 ? 95  ILE A CD1 1 
ATOM   578  N N   . ILE A 1 73  ? -1.178  -12.335 3.279   1.00 13.76 ? 96  ILE A N   1 
ATOM   579  C CA  . ILE A 1 73  ? -1.122  -12.298 4.753   1.00 15.31 ? 96  ILE A CA  1 
ATOM   580  C C   . ILE A 1 73  ? 0.298   -12.519 5.297   1.00 14.97 ? 96  ILE A C   1 
ATOM   581  O O   . ILE A 1 73  ? 0.682   -11.911 6.296   1.00 14.60 ? 96  ILE A O   1 
ATOM   582  C CB  . ILE A 1 73  ? -2.156  -13.269 5.393   1.00 14.23 ? 96  ILE A CB  1 
ATOM   583  C CG1 . ILE A 1 73  ? -2.235  -13.065 6.906   1.00 15.25 ? 96  ILE A CG1 1 
ATOM   584  C CG2 . ILE A 1 73  ? -1.848  -14.720 5.009   1.00 17.10 ? 96  ILE A CG2 1 
ATOM   585  C CD1 . ILE A 1 73  ? -3.336  -13.896 7.585   1.00 16.84 ? 96  ILE A CD1 1 
ATOM   586  N N   . ARG A 1 74  ? 1.090   -13.356 4.614   1.00 15.46 ? 97  ARG A N   1 
ATOM   587  C CA  . ARG A 1 74  ? 2.486   -13.557 5.018   1.00 15.67 ? 97  ARG A CA  1 
ATOM   588  C C   . ARG A 1 74  ? 3.297   -12.249 5.155   1.00 15.36 ? 97  ARG A C   1 
ATOM   589  O O   . ARG A 1 74  ? 4.287   -12.215 5.899   1.00 15.76 ? 97  ARG A O   1 
ATOM   590  C CB  . ARG A 1 74  ? 3.200   -14.522 4.060   1.00 15.30 ? 97  ARG A CB  1 
ATOM   591  C CG  . ARG A 1 74  ? 3.298   -13.991 2.625   1.00 17.58 ? 97  ARG A CG  1 
ATOM   592  C CD  . ARG A 1 74  ? 3.852   -15.009 1.675   1.00 19.24 ? 97  ARG A CD  1 
ATOM   593  N NE  . ARG A 1 74  ? 3.586   -14.628 0.296   1.00 20.79 ? 97  ARG A NE  1 
ATOM   594  C CZ  . ARG A 1 74  ? 4.435   -14.793 -0.717  1.00 23.77 ? 97  ARG A CZ  1 
ATOM   595  N NH1 . ARG A 1 74  ? 5.633   -15.330 -0.529  1.00 23.56 ? 97  ARG A NH1 1 
ATOM   596  N NH2 . ARG A 1 74  ? 4.086   -14.405 -1.934  1.00 24.94 ? 97  ARG A NH2 1 
ATOM   597  N N   . PHE A 1 75  ? 2.879   -11.192 4.446   1.00 14.48 ? 98  PHE A N   1 
ATOM   598  C CA  . PHE A 1 75  ? 3.639   -9.930  4.434   1.00 13.33 ? 98  PHE A CA  1 
ATOM   599  C C   . PHE A 1 75  ? 3.011   -8.820  5.299   1.00 13.06 ? 98  PHE A C   1 
ATOM   600  O O   . PHE A 1 75  ? 3.649   -7.755  5.484   1.00 12.37 ? 98  PHE A O   1 
ATOM   601  C CB  . PHE A 1 75  ? 3.840   -9.385  2.997   1.00 13.03 ? 98  PHE A CB  1 
ATOM   602  C CG  . PHE A 1 75  ? 4.780   -10.209 2.133   1.00 14.70 ? 98  PHE A CG  1 
ATOM   603  C CD1 . PHE A 1 75  ? 6.081   -10.480 2.548   1.00 15.55 ? 98  PHE A CD1 1 
ATOM   604  C CD2 . PHE A 1 75  ? 4.363   -10.684 0.891   1.00 15.51 ? 98  PHE A CD2 1 
ATOM   605  C CE1 . PHE A 1 75  ? 6.928   -11.259 1.744   1.00 17.73 ? 98  PHE A CE1 1 
ATOM   606  C CE2 . PHE A 1 75  ? 5.201   -11.440 0.078   1.00 18.42 ? 98  PHE A CE2 1 
ATOM   607  C CZ  . PHE A 1 75  ? 6.490   -11.722 0.500   1.00 17.01 ? 98  PHE A CZ  1 
ATOM   608  N N   . PHE A 1 76  ? 1.821   -9.051  5.866   1.00 13.00 ? 99  PHE A N   1 
ATOM   609  C CA  . PHE A 1 76  ? 1.209   -8.019  6.708   1.00 13.16 ? 99  PHE A CA  1 
ATOM   610  C C   . PHE A 1 76  ? 2.104   -7.541  7.876   1.00 14.18 ? 99  PHE A C   1 
ATOM   611  O O   . PHE A 1 76  ? 2.208   -6.355  8.088   1.00 14.19 ? 99  PHE A O   1 
ATOM   612  C CB  . PHE A 1 76  ? -0.200  -8.418  7.188   1.00 13.46 ? 99  PHE A CB  1 
ATOM   613  C CG  . PHE A 1 76  ? -1.225  -8.499  6.069   1.00 13.49 ? 99  PHE A CG  1 
ATOM   614  C CD1 . PHE A 1 76  ? -1.037  -7.813  4.874   1.00 13.15 ? 99  PHE A CD1 1 
ATOM   615  C CD2 . PHE A 1 76  ? -2.393  -9.223  6.234   1.00 13.32 ? 99  PHE A CD2 1 
ATOM   616  C CE1 . PHE A 1 76  ? -2.003  -7.890  3.834   1.00 15.10 ? 99  PHE A CE1 1 
ATOM   617  C CE2 . PHE A 1 76  ? -3.353  -9.306  5.211   1.00 13.22 ? 99  PHE A CE2 1 
ATOM   618  C CZ  . PHE A 1 76  ? -3.164  -8.631  4.024   1.00 15.81 ? 99  PHE A CZ  1 
ATOM   619  N N   . PRO A 1 77  ? 2.757   -8.472  8.626   1.00 14.56 ? 100 PRO A N   1 
ATOM   620  C CA  . PRO A 1 77  ? 3.651   -7.996  9.691   1.00 14.92 ? 100 PRO A CA  1 
ATOM   621  C C   . PRO A 1 77  ? 4.786   -7.113  9.179   1.00 14.97 ? 100 PRO A C   1 
ATOM   622  O O   . PRO A 1 77  ? 5.074   -6.094  9.813   1.00 15.07 ? 100 PRO A O   1 
ATOM   623  C CB  . PRO A 1 77  ? 4.169   -9.308  10.338  1.00 15.09 ? 100 PRO A CB  1 
ATOM   624  C CG  . PRO A 1 77  ? 3.031   -10.299 10.048  1.00 14.29 ? 100 PRO A CG  1 
ATOM   625  C CD  . PRO A 1 77  ? 2.652   -9.947  8.624   1.00 15.25 ? 100 PRO A CD  1 
ATOM   626  N N   . MET A 1 78  ? 5.348   -7.474  8.017   1.00 13.71 ? 101 MET A N   1 
ATOM   627  C CA  A MET A 1 78  ? 6.452   -6.767  7.369   0.50 13.41 ? 101 MET A CA  1 
ATOM   628  C CA  B MET A 1 78  ? 6.469   -6.746  7.438   0.50 13.80 ? 101 MET A CA  1 
ATOM   629  C C   . MET A 1 78  ? 6.036   -5.340  7.023   1.00 13.56 ? 101 MET A C   1 
ATOM   630  O O   . MET A 1 78  ? 6.744   -4.372  7.302   1.00 13.87 ? 101 MET A O   1 
ATOM   631  C CB  A MET A 1 78  ? 6.851   -7.547  6.095   0.50 13.62 ? 101 MET A CB  1 
ATOM   632  C CB  B MET A 1 78  ? 7.070   -7.528  6.254   0.50 13.96 ? 101 MET A CB  1 
ATOM   633  C CG  A MET A 1 78  ? 7.948   -6.939  5.193   0.50 13.73 ? 101 MET A CG  1 
ATOM   634  C CG  B MET A 1 78  ? 8.409   -6.993  5.715   0.50 15.16 ? 101 MET A CG  1 
ATOM   635  S SD  A MET A 1 78  ? 8.435   -8.007  3.788   0.50 10.49 ? 101 MET A SD  1 
ATOM   636  S SD  B MET A 1 78  ? 8.921   -7.768  4.151   0.50 11.96 ? 101 MET A SD  1 
ATOM   637  C CE  A MET A 1 78  ? 8.716   -9.608  4.555   0.50 12.43 ? 101 MET A CE  1 
ATOM   638  C CE  B MET A 1 78  ? 10.688  -7.499  4.198   0.50 14.22 ? 101 MET A CE  1 
ATOM   639  N N   . THR A 1 79  ? 4.874   -5.213  6.383   1.00 13.04 ? 102 THR A N   1 
ATOM   640  C CA  . THR A 1 79  ? 4.458   -3.886  5.920   1.00 13.91 ? 102 THR A CA  1 
ATOM   641  C C   . THR A 1 79  ? 4.019   -2.989  7.072   1.00 14.49 ? 102 THR A C   1 
ATOM   642  O O   . THR A 1 79  ? 4.274   -1.784  7.047   1.00 16.12 ? 102 THR A O   1 
ATOM   643  C CB  . THR A 1 79  ? 3.398   -3.951  4.809   1.00 13.80 ? 102 THR A CB  1 
ATOM   644  O OG1 . THR A 1 79  ? 2.232   -4.608  5.309   1.00 14.36 ? 102 THR A OG1 1 
ATOM   645  C CG2 . THR A 1 79  ? 3.974   -4.725  3.612   1.00 13.82 ? 102 THR A CG2 1 
ATOM   646  N N   . LYS A 1 80  ? 3.405   -3.578  8.093   1.00 16.10 ? 103 LYS A N   1 
ATOM   647  C CA  . LYS A 1 80  ? 3.049   -2.839  9.311   1.00 15.85 ? 103 LYS A CA  1 
ATOM   648  C C   . LYS A 1 80  ? 4.309   -2.249  9.980   1.00 16.71 ? 103 LYS A C   1 
ATOM   649  O O   . LYS A 1 80  ? 4.338   -1.066  10.335  1.00 16.83 ? 103 LYS A O   1 
ATOM   650  C CB  . LYS A 1 80  ? 2.285   -3.755  10.275  1.00 16.14 ? 103 LYS A CB  1 
ATOM   651  C CG  . LYS A 1 80  ? 2.142   -3.277  11.750  1.00 18.06 ? 103 LYS A CG  1 
ATOM   652  C CD  . LYS A 1 80  ? 1.110   -2.187  11.961  1.00 19.45 ? 103 LYS A CD  1 
ATOM   653  C CE  . LYS A 1 80  ? 0.905   -1.884  13.470  1.00 20.05 ? 103 LYS A CE  1 
ATOM   654  N NZ  . LYS A 1 80  ? 0.594   -0.435  13.703  1.00 22.21 ? 103 LYS A NZ  1 
ATOM   655  N N   . GLU A 1 81  ? 5.347   -3.076  10.115  1.00 16.09 ? 104 GLU A N   1 
ATOM   656  C CA  . GLU A 1 81  ? 6.645   -2.651  10.664  1.00 16.90 ? 104 GLU A CA  1 
ATOM   657  C C   . GLU A 1 81  ? 7.262   -1.523  9.821   1.00 15.78 ? 104 GLU A C   1 
ATOM   658  O O   . GLU A 1 81  ? 7.719   -0.514  10.365  1.00 15.31 ? 104 GLU A O   1 
ATOM   659  C CB  . GLU A 1 81  ? 7.577   -3.876  10.783  1.00 17.00 ? 104 GLU A CB  1 
ATOM   660  C CG  . GLU A 1 81  ? 9.047   -3.580  11.081  1.00 20.69 ? 104 GLU A CG  1 
ATOM   661  C CD  . GLU A 1 81  ? 9.894   -4.851  11.138  1.00 21.16 ? 104 GLU A CD  1 
ATOM   662  O OE1 . GLU A 1 81  ? 9.842   -5.664  10.185  1.00 26.10 ? 104 GLU A OE1 1 
ATOM   663  O OE2 . GLU A 1 81  ? 10.610  -5.033  12.152  1.00 28.47 ? 104 GLU A OE2 1 
ATOM   664  N N   . PHE A 1 82  ? 7.202   -1.668  8.501   1.00 14.86 ? 105 PHE A N   1 
ATOM   665  C CA  . PHE A 1 82  ? 7.807   -0.714  7.579   1.00 14.09 ? 105 PHE A CA  1 
ATOM   666  C C   . PHE A 1 82  ? 7.114   0.653   7.685   1.00 14.91 ? 105 PHE A C   1 
ATOM   667  O O   . PHE A 1 82  ? 7.777   1.703   7.826   1.00 14.72 ? 105 PHE A O   1 
ATOM   668  C CB  . PHE A 1 82  ? 7.736   -1.280  6.150   1.00 14.55 ? 105 PHE A CB  1 
ATOM   669  C CG  . PHE A 1 82  ? 8.397   -0.408  5.090   1.00 12.23 ? 105 PHE A CG  1 
ATOM   670  C CD1 . PHE A 1 82  ? 9.765   -0.456  4.881   1.00 11.50 ? 105 PHE A CD1 1 
ATOM   671  C CD2 . PHE A 1 82  ? 7.632   0.387   4.254   1.00 14.13 ? 105 PHE A CD2 1 
ATOM   672  C CE1 . PHE A 1 82  ? 10.379  0.307   3.911   1.00 12.77 ? 105 PHE A CE1 1 
ATOM   673  C CE2 . PHE A 1 82  ? 8.227   1.147   3.249   1.00 14.12 ? 105 PHE A CE2 1 
ATOM   674  C CZ  . PHE A 1 82  ? 9.608   1.101   3.076   1.00 13.74 ? 105 PHE A CZ  1 
ATOM   675  N N   . ILE A 1 83  ? 5.785   0.616   7.681   1.00 14.94 ? 106 ILE A N   1 
ATOM   676  C CA  . ILE A 1 83  ? 4.992   1.820   7.770   1.00 15.25 ? 106 ILE A CA  1 
ATOM   677  C C   . ILE A 1 83  ? 5.149   2.452   9.139   1.00 15.70 ? 106 ILE A C   1 
ATOM   678  O O   . ILE A 1 83  ? 5.362   3.655   9.210   1.00 15.95 ? 106 ILE A O   1 
ATOM   679  C CB  . ILE A 1 83  ? 3.515   1.569   7.469   1.00 14.54 ? 106 ILE A CB  1 
ATOM   680  C CG1 . ILE A 1 83  ? 3.329   1.239   5.965   1.00 15.30 ? 106 ILE A CG1 1 
ATOM   681  C CG2 . ILE A 1 83  ? 2.674   2.797   7.829   1.00 14.38 ? 106 ILE A CG2 1 
ATOM   682  C CD1 . ILE A 1 83  ? 2.003   0.552   5.646   1.00 14.54 ? 106 ILE A CD1 1 
ATOM   683  N N   . ASP A 1 84  ? 5.091   1.655   10.211  1.00 16.67 ? 107 ASP A N   1 
ATOM   684  C CA  . ASP A 1 84  ? 5.296   2.213   11.568  1.00 17.04 ? 107 ASP A CA  1 
ATOM   685  C C   . ASP A 1 84  ? 6.644   2.918   11.722  1.00 17.08 ? 107 ASP A C   1 
ATOM   686  O O   . ASP A 1 84  ? 6.742   3.977   12.343  1.00 17.98 ? 107 ASP A O   1 
ATOM   687  C CB  . ASP A 1 84  ? 5.158   1.130   12.663  1.00 18.48 ? 107 ASP A CB  1 
ATOM   688  C CG  . ASP A 1 84  ? 3.714   0.755   12.947  1.00 20.17 ? 107 ASP A CG  1 
ATOM   689  O OD1 . ASP A 1 84  ? 2.805   1.573   12.692  1.00 24.58 ? 107 ASP A OD1 1 
ATOM   690  O OD2 . ASP A 1 84  ? 3.492   -0.353  13.476  1.00 27.07 ? 107 ASP A OD2 1 
ATOM   691  N N   . GLY A 1 85  ? 7.679   2.316   11.152  1.00 16.05 ? 108 GLY A N   1 
ATOM   692  C CA  . GLY A 1 85  ? 9.040   2.772   11.245  1.00 16.88 ? 108 GLY A CA  1 
ATOM   693  C C   . GLY A 1 85  ? 9.186   4.122   10.590  1.00 17.54 ? 108 GLY A C   1 
ATOM   694  O O   . GLY A 1 85  ? 9.795   5.031   11.151  1.00 18.25 ? 108 GLY A O   1 
ATOM   695  N N   . SER A 1 86  ? 8.570   4.266   9.428   1.00 17.09 ? 109 SER A N   1 
ATOM   696  C CA  . SER A 1 86  ? 8.583   5.544   8.739   1.00 17.52 ? 109 SER A CA  1 
ATOM   697  C C   . SER A 1 86  ? 7.831   6.601   9.532   1.00 18.41 ? 109 SER A C   1 
ATOM   698  O O   . SER A 1 86  ? 8.359   7.690   9.795   1.00 18.74 ? 109 SER A O   1 
ATOM   699  C CB  . SER A 1 86  ? 7.924   5.402   7.376   1.00 17.39 ? 109 SER A CB  1 
ATOM   700  O OG  . SER A 1 86  ? 7.886   6.659   6.751   1.00 17.70 ? 109 SER A OG  1 
ATOM   701  N N   . LEU A 1 87  ? 6.577   6.297   9.858   1.00 19.11 ? 110 LEU A N   1 
ATOM   702  C CA  . LEU A 1 87  ? 5.715   7.296   10.493  1.00 20.54 ? 110 LEU A CA  1 
ATOM   703  C C   . LEU A 1 87  ? 6.247   7.742   11.833  1.00 21.28 ? 110 LEU A C   1 
ATOM   704  O O   . LEU A 1 87  ? 6.063   8.902   12.203  1.00 21.62 ? 110 LEU A O   1 
ATOM   705  C CB  . LEU A 1 87  ? 4.268   6.819   10.613  1.00 20.02 ? 110 LEU A CB  1 
ATOM   706  C CG  . LEU A 1 87  ? 3.555   6.522   9.292   1.00 23.61 ? 110 LEU A CG  1 
ATOM   707  C CD1 . LEU A 1 87  ? 2.080   6.283   9.502   1.00 23.08 ? 110 LEU A CD1 1 
ATOM   708  C CD2 . LEU A 1 87  ? 3.757   7.599   8.231   1.00 23.67 ? 110 LEU A CD2 1 
ATOM   709  N N   . GLN A 1 88  ? 6.925   6.835   12.540  1.00 22.19 ? 111 GLN A N   1 
ATOM   710  C CA  . GLN A 1 88  ? 7.489   7.148   13.847  1.00 24.16 ? 111 GLN A CA  1 
ATOM   711  C C   . GLN A 1 88  ? 8.606   8.201   13.758  1.00 24.53 ? 111 GLN A C   1 
ATOM   712  O O   . GLN A 1 88  ? 8.742   9.033   14.662  1.00 24.90 ? 111 GLN A O   1 
ATOM   713  C CB  . GLN A 1 88  ? 7.994   5.875   14.544  1.00 24.35 ? 111 GLN A CB  1 
ATOM   714  C CG  . GLN A 1 88  ? 8.166   6.024   16.050  1.00 29.41 ? 111 GLN A CG  1 
ATOM   715  C CD  . GLN A 1 88  ? 6.889   6.504   16.733  1.00 33.12 ? 111 GLN A CD  1 
ATOM   716  O OE1 . GLN A 1 88  ? 5.818   5.912   16.570  1.00 34.95 ? 111 GLN A OE1 1 
ATOM   717  N NE2 . GLN A 1 88  ? 6.998   7.592   17.493  1.00 35.35 ? 111 GLN A NE2 1 
ATOM   718  N N   . MET A 1 89  ? 9.372   8.179   12.664  1.00 24.78 ? 112 MET A N   1 
ATOM   719  C CA  . MET A 1 89  ? 10.496  9.107   12.469  1.00 25.85 ? 112 MET A CA  1 
ATOM   720  C C   . MET A 1 89  ? 10.058  10.387  11.751  1.00 24.67 ? 112 MET A C   1 
ATOM   721  O O   . MET A 1 89  ? 10.901  11.196  11.351  1.00 24.94 ? 112 MET A O   1 
ATOM   722  C CB  . MET A 1 89  ? 11.685  8.426   11.741  1.00 26.09 ? 112 MET A CB  1 
ATOM   723  C CG  . MET A 1 89  ? 11.478  8.105   10.229  1.00 26.49 ? 112 MET A CG  1 
ATOM   724  S SD  . MET A 1 89  ? 13.006  7.570   9.374   1.00 30.05 ? 112 MET A SD  1 
ATOM   725  C CE  . MET A 1 89  ? 13.000  5.822   9.680   1.00 28.59 ? 112 MET A CE  1 
ATOM   726  N N   . GLY A 1 90  ? 8.745   10.561  11.602  1.00 23.28 ? 113 GLY A N   1 
ATOM   727  C CA  . GLY A 1 90  ? 8.172   11.730  10.904  1.00 22.63 ? 113 GLY A CA  1 
ATOM   728  C C   . GLY A 1 90  ? 8.215   11.629  9.382   1.00 21.63 ? 113 GLY A C   1 
ATOM   729  O O   . GLY A 1 90  ? 8.063   12.639  8.664   1.00 22.00 ? 113 GLY A O   1 
ATOM   730  N N   . GLY A 1 91  ? 8.435   10.414  8.898   1.00 19.87 ? 114 GLY A N   1 
ATOM   731  C CA  . GLY A 1 91  ? 8.431   10.124  7.469   1.00 18.55 ? 114 GLY A CA  1 
ATOM   732  C C   . GLY A 1 91  ? 7.013   9.920   6.955   1.00 17.74 ? 114 GLY A C   1 
ATOM   733  O O   . GLY A 1 91  ? 6.038   9.921   7.724   1.00 18.28 ? 114 GLY A O   1 
ATOM   734  N N   . LYS A 1 92  ? 6.901   9.735   5.649   1.00 16.91 ? 115 LYS A N   1 
ATOM   735  C CA  . LYS A 1 92  ? 5.600   9.475   5.016   1.00 16.67 ? 115 LYS A CA  1 
ATOM   736  C C   . LYS A 1 92  ? 5.753   8.374   3.981   1.00 15.96 ? 115 LYS A C   1 
ATOM   737  O O   . LYS A 1 92  ? 6.809   8.229   3.366   1.00 15.46 ? 115 LYS A O   1 
ATOM   738  C CB  . LYS A 1 92  ? 4.996   10.753  4.434   1.00 18.02 ? 115 LYS A CB  1 
ATOM   739  C CG  . LYS A 1 92  ? 4.831   11.846  5.489   1.00 19.00 ? 115 LYS A CG  1 
ATOM   740  C CD  . LYS A 1 92  ? 3.867   12.909  5.089   1.00 24.69 ? 115 LYS A CD  1 
ATOM   741  C CE  . LYS A 1 92  ? 3.946   14.073  6.085   1.00 25.28 ? 115 LYS A CE  1 
ATOM   742  N NZ  . LYS A 1 92  ? 5.200   14.874  5.947   1.00 27.40 ? 115 LYS A NZ  1 
ATOM   743  N N   . VAL A 1 93  ? 4.694   7.586   3.817   1.00 14.61 ? 116 VAL A N   1 
ATOM   744  C CA  . VAL A 1 93  ? 4.766   6.345   3.043   1.00 14.76 ? 116 VAL A CA  1 
ATOM   745  C C   . VAL A 1 93  ? 3.787   6.381   1.866   1.00 14.08 ? 116 VAL A C   1 
ATOM   746  O O   . VAL A 1 93  ? 2.589   6.689   2.016   1.00 13.64 ? 116 VAL A O   1 
ATOM   747  C CB  . VAL A 1 93  ? 4.446   5.121   3.918   1.00 14.87 ? 116 VAL A CB  1 
ATOM   748  C CG1 . VAL A 1 93  ? 4.569   3.840   3.111   1.00 15.10 ? 116 VAL A CG1 1 
ATOM   749  C CG2 . VAL A 1 93  ? 5.351   5.059   5.175   1.00 15.94 ? 116 VAL A CG2 1 
ATOM   750  N N   . LEU A 1 94  ? 4.299   6.067   0.682   1.00 12.97 ? 117 LEU A N   1 
ATOM   751  C CA  . LEU A 1 94  ? 3.424   5.831   -0.460  1.00 12.87 ? 117 LEU A CA  1 
ATOM   752  C C   . LEU A 1 94  ? 3.351   4.318   -0.675  1.00 12.67 ? 117 LEU A C   1 
ATOM   753  O O   . LEU A 1 94  ? 4.392   3.658   -0.794  1.00 11.98 ? 117 LEU A O   1 
ATOM   754  C CB  . LEU A 1 94  ? 3.963   6.515   -1.726  1.00 12.33 ? 117 LEU A CB  1 
ATOM   755  C CG  . LEU A 1 94  ? 3.341   6.052   -3.060  1.00 14.07 ? 117 LEU A CG  1 
ATOM   756  C CD1 . LEU A 1 94  ? 1.816   6.293   -3.112  1.00 13.45 ? 117 LEU A CD1 1 
ATOM   757  C CD2 . LEU A 1 94  ? 4.054   6.739   -4.235  1.00 13.27 ? 117 LEU A CD2 1 
ATOM   758  N N   . VAL A 1 95  ? 2.141   3.762   -0.689  1.00 12.69 ? 118 VAL A N   1 
ATOM   759  C CA  . VAL A 1 95  ? 1.946   2.359   -1.074  1.00 13.04 ? 118 VAL A CA  1 
ATOM   760  C C   . VAL A 1 95  ? 1.333   2.340   -2.478  1.00 13.49 ? 118 VAL A C   1 
ATOM   761  O O   . VAL A 1 95  ? 0.283   2.934   -2.706  1.00 14.00 ? 118 VAL A O   1 
ATOM   762  C CB  . VAL A 1 95  ? 0.978   1.629   -0.135  1.00 12.27 ? 118 VAL A CB  1 
ATOM   763  C CG1 . VAL A 1 95  ? 0.862   0.146   -0.572  1.00 14.40 ? 118 VAL A CG1 1 
ATOM   764  C CG2 . VAL A 1 95  ? 1.437   1.757   1.311   1.00 13.00 ? 118 VAL A CG2 1 
ATOM   765  N N   . HIS A 1 96  ? 1.994   1.674   -3.422  1.00 13.25 ? 119 HIS A N   1 
ATOM   766  C CA  . HIS A 1 96  ? 1.474   1.621   -4.773  1.00 12.48 ? 119 HIS A CA  1 
ATOM   767  C C   . HIS A 1 96  ? 1.540   0.212   -5.335  1.00 13.28 ? 119 HIS A C   1 
ATOM   768  O O   . HIS A 1 96  ? 2.391   -0.598  -4.928  1.00 13.09 ? 119 HIS A O   1 
ATOM   769  C CB  . HIS A 1 96  ? 2.155   2.663   -5.700  1.00 12.89 ? 119 HIS A CB  1 
ATOM   770  C CG  . HIS A 1 96  ? 3.507   2.254   -6.203  1.00 12.43 ? 119 HIS A CG  1 
ATOM   771  N ND1 . HIS A 1 96  ? 3.678   1.293   -7.183  1.00 13.86 ? 119 HIS A ND1 1 
ATOM   772  C CD2 . HIS A 1 96  ? 4.752   2.672   -5.859  1.00 14.00 ? 119 HIS A CD2 1 
ATOM   773  C CE1 . HIS A 1 96  ? 4.971   1.144   -7.419  1.00 15.14 ? 119 HIS A CE1 1 
ATOM   774  N NE2 . HIS A 1 96  ? 5.640   1.970   -6.637  1.00 13.50 ? 119 HIS A NE2 1 
ATOM   775  N N   . GLY A 1 97  ? 0.610   -0.079  -6.247  1.00 13.11 ? 120 GLY A N   1 
ATOM   776  C CA  . GLY A 1 97  ? 0.629   -1.325  -6.977  1.00 12.90 ? 120 GLY A CA  1 
ATOM   777  C C   . GLY A 1 97  ? 0.750   -0.973  -8.448  1.00 12.74 ? 120 GLY A C   1 
ATOM   778  O O   . GLY A 1 97  ? 1.555   -0.115  -8.830  1.00 14.03 ? 120 GLY A O   1 
ATOM   779  N N   . ASN A 1 98  ? -0.051  -1.635  -9.281  1.00 13.20 ? 121 ASN A N   1 
ATOM   780  C CA  . ASN A 1 98  ? -0.191  -1.252  -10.674 1.00 13.37 ? 121 ASN A CA  1 
ATOM   781  C C   . ASN A 1 98  ? -1.341  -0.246  -10.773 1.00 13.33 ? 121 ASN A C   1 
ATOM   782  O O   . ASN A 1 98  ? -1.111  0.945   -11.035 1.00 13.97 ? 121 ASN A O   1 
ATOM   783  C CB  . ASN A 1 98  ? -0.431  -2.517  -11.515 1.00 13.62 ? 121 ASN A CB  1 
ATOM   784  C CG  . ASN A 1 98  ? -0.624  -2.230  -12.983 1.00 14.66 ? 121 ASN A CG  1 
ATOM   785  O OD1 . ASN A 1 98  ? -0.966  -1.113  -13.374 1.00 17.02 ? 121 ASN A OD1 1 
ATOM   786  N ND2 . ASN A 1 98  ? -0.445  -3.265  -13.821 1.00 14.74 ? 121 ASN A ND2 1 
ATOM   787  N N   . ALA A 1 99  ? -2.557  -0.717  -10.503 1.00 12.90 ? 122 ALA A N   1 
ATOM   788  C CA  . ALA A 1 99  ? -3.765  0.092   -10.602 1.00 14.20 ? 122 ALA A CA  1 
ATOM   789  C C   . ALA A 1 99  ? -4.118  0.820   -9.299  1.00 15.09 ? 122 ALA A C   1 
ATOM   790  O O   . ALA A 1 99  ? -4.886  1.772   -9.341  1.00 14.30 ? 122 ALA A O   1 
ATOM   791  C CB  . ALA A 1 99  ? -4.985  -0.771  -11.074 1.00 14.27 ? 122 ALA A CB  1 
ATOM   792  N N   . GLY A 1 100 ? -3.564  0.399   -8.155  1.00 15.57 ? 123 GLY A N   1 
ATOM   793  C CA  . GLY A 1 100 ? -3.969  0.982   -6.868  1.00 16.28 ? 123 GLY A CA  1 
ATOM   794  C C   . GLY A 1 100 ? -5.396  0.567   -6.511  1.00 16.48 ? 123 GLY A C   1 
ATOM   795  O O   . GLY A 1 100 ? -6.168  1.349   -5.940  1.00 17.71 ? 123 GLY A O   1 
ATOM   796  N N   . ILE A 1 101 ? -5.751  -0.670  -6.830  1.00 15.89 ? 124 ILE A N   1 
ATOM   797  C CA  . ILE A 1 101 ? -7.128  -1.127  -6.633  1.00 16.02 ? 124 ILE A CA  1 
ATOM   798  C C   . ILE A 1 101 ? -7.237  -2.304  -5.674  1.00 15.39 ? 124 ILE A C   1 
ATOM   799  O O   . ILE A 1 101 ? -8.112  -2.325  -4.808  1.00 15.51 ? 124 ILE A O   1 
ATOM   800  C CB  . ILE A 1 101 ? -7.803  -1.461  -7.963  1.00 16.51 ? 124 ILE A CB  1 
ATOM   801  C CG1 . ILE A 1 101 ? -7.990  -0.166  -8.763  1.00 17.73 ? 124 ILE A CG1 1 
ATOM   802  C CG2 . ILE A 1 101 ? -9.136  -2.208  -7.754  1.00 17.43 ? 124 ILE A CG2 1 
ATOM   803  C CD1 . ILE A 1 101 ? -8.644  -0.343  -10.116 1.00 20.57 ? 124 ILE A CD1 1 
ATOM   804  N N   . SER A 1 102 ? -6.385  -3.303  -5.877  1.00 14.36 ? 125 SER A N   1 
ATOM   805  C CA  . SER A 1 102 ? -6.558  -4.580  -5.196  1.00 13.71 ? 125 SER A CA  1 
ATOM   806  C C   . SER A 1 102 ? -5.434  -4.943  -4.237  1.00 13.30 ? 125 SER A C   1 
ATOM   807  O O   . SER A 1 102 ? -5.671  -4.979  -3.039  1.00 13.47 ? 125 SER A O   1 
ATOM   808  C CB  . SER A 1 102 ? -6.771  -5.708  -6.192  1.00 14.90 ? 125 SER A CB  1 
ATOM   809  O OG  . SER A 1 102 ? -6.954  -6.920  -5.471  1.00 14.62 ? 125 SER A OG  1 
ATOM   810  N N   . ARG A 1 103 ? -4.243  -5.244  -4.744  1.00 12.62 ? 126 ARG A N   1 
ATOM   811  C CA  . ARG A 1 103 ? -3.084  -5.542  -3.872  1.00 13.17 ? 126 ARG A CA  1 
ATOM   812  C C   . ARG A 1 103 ? -2.699  -4.374  -2.934  1.00 13.70 ? 126 ARG A C   1 
ATOM   813  O O   . ARG A 1 103 ? -2.615  -4.510  -1.687  1.00 13.74 ? 126 ARG A O   1 
ATOM   814  C CB  . ARG A 1 103 ? -1.866  -5.924  -4.733  1.00 12.07 ? 126 ARG A CB  1 
ATOM   815  C CG  . ARG A 1 103 ? -2.072  -7.203  -5.610  1.00 13.99 ? 126 ARG A CG  1 
ATOM   816  C CD  . ARG A 1 103 ? -1.003  -7.402  -6.678  1.00 13.41 ? 126 ARG A CD  1 
ATOM   817  N NE  . ARG A 1 103 ? -1.145  -6.420  -7.759  1.00 13.49 ? 126 ARG A NE  1 
ATOM   818  C CZ  . ARG A 1 103 ? -0.374  -6.369  -8.843  1.00 14.51 ? 126 ARG A CZ  1 
ATOM   819  N NH1 . ARG A 1 103 ? 0.587   -7.280  -9.047  1.00 13.49 ? 126 ARG A NH1 1 
ATOM   820  N NH2 . ARG A 1 103 ? -0.599  -5.434  -9.757  1.00 15.20 ? 126 ARG A NH2 1 
ATOM   821  N N   . SER A 1 104 ? -2.441  -3.222  -3.539  1.00 13.06 ? 127 SER A N   1 
ATOM   822  C CA  . SER A 1 104 ? -2.030  -2.051  -2.788  1.00 13.85 ? 127 SER A CA  1 
ATOM   823  C C   . SER A 1 104 ? -3.096  -1.639  -1.758  1.00 13.56 ? 127 SER A C   1 
ATOM   824  O O   . SER A 1 104 ? -2.762  -1.386  -0.575  1.00 12.30 ? 127 SER A O   1 
ATOM   825  C CB  . SER A 1 104 ? -1.696  -0.916  -3.745  1.00 14.94 ? 127 SER A CB  1 
ATOM   826  O OG  . SER A 1 104 ? -2.766  -0.715  -4.630  1.00 15.95 ? 127 SER A OG  1 
ATOM   827  N N   . ALA A 1 105 ? -4.360  -1.645  -2.186  1.00 13.39 ? 128 ALA A N   1 
ATOM   828  C CA  . ALA A 1 105 ? -5.453  -1.306  -1.280  1.00 13.23 ? 128 ALA A CA  1 
ATOM   829  C C   . ALA A 1 105 ? -5.499  -2.279  -0.116  1.00 12.38 ? 128 ALA A C   1 
ATOM   830  O O   . ALA A 1 105 ? -5.689  -1.860  1.023   1.00 11.62 ? 128 ALA A O   1 
ATOM   831  C CB  . ALA A 1 105 ? -6.795  -1.299  -2.000  1.00 13.04 ? 128 ALA A CB  1 
ATOM   832  N N   . ALA A 1 106 ? -5.325  -3.579  -0.383  1.00 12.70 ? 129 ALA A N   1 
ATOM   833  C CA  . ALA A 1 106 ? -5.378  -4.551  0.715   1.00 12.67 ? 129 ALA A CA  1 
ATOM   834  C C   . ALA A 1 106 ? -4.305  -4.277  1.784   1.00 12.90 ? 129 ALA A C   1 
ATOM   835  O O   . ALA A 1 106 ? -4.567  -4.374  2.989   1.00 13.16 ? 129 ALA A O   1 
ATOM   836  C CB  . ALA A 1 106 ? -5.272  -5.990  0.191   1.00 12.85 ? 129 ALA A CB  1 
ATOM   837  N N   . PHE A 1 107 ? -3.086  -3.947  1.356   1.00 13.01 ? 130 PHE A N   1 
ATOM   838  C CA  . PHE A 1 107 ? -2.022  -3.632  2.296   1.00 13.77 ? 130 PHE A CA  1 
ATOM   839  C C   . PHE A 1 107 ? -2.324  -2.372  3.137   1.00 13.67 ? 130 PHE A C   1 
ATOM   840  O O   . PHE A 1 107 ? -1.999  -2.333  4.328   1.00 14.01 ? 130 PHE A O   1 
ATOM   841  C CB  . PHE A 1 107 ? -0.660  -3.554  1.576   1.00 14.15 ? 130 PHE A CB  1 
ATOM   842  C CG  . PHE A 1 107 ? -0.030  -4.901  1.385   1.00 13.05 ? 130 PHE A CG  1 
ATOM   843  C CD1 . PHE A 1 107 ? 0.644   -5.514  2.442   1.00 15.34 ? 130 PHE A CD1 1 
ATOM   844  C CD2 . PHE A 1 107 ? -0.207  -5.606  0.186   1.00 15.25 ? 130 PHE A CD2 1 
ATOM   845  C CE1 . PHE A 1 107 ? 1.194   -6.789  2.278   1.00 15.74 ? 130 PHE A CE1 1 
ATOM   846  C CE2 . PHE A 1 107 ? 0.322   -6.880  0.026   1.00 15.64 ? 130 PHE A CE2 1 
ATOM   847  C CZ  . PHE A 1 107 ? 1.032   -7.469  1.073   1.00 16.06 ? 130 PHE A CZ  1 
ATOM   848  N N   . VAL A 1 108 ? -3.006  -1.389  2.537   1.00 13.54 ? 131 VAL A N   1 
ATOM   849  C CA  . VAL A 1 108 ? -3.332  -0.161  3.294   1.00 13.88 ? 131 VAL A CA  1 
ATOM   850  C C   . VAL A 1 108 ? -4.443  -0.479  4.294   1.00 13.65 ? 131 VAL A C   1 
ATOM   851  O O   . VAL A 1 108 ? -4.446  0.019   5.445   1.00 14.66 ? 131 VAL A O   1 
ATOM   852  C CB  . VAL A 1 108 ? -3.690  1.005   2.340   1.00 13.84 ? 131 VAL A CB  1 
ATOM   853  C CG1 . VAL A 1 108 ? -4.425  2.115   3.076   1.00 13.41 ? 131 VAL A CG1 1 
ATOM   854  C CG2 . VAL A 1 108 ? -2.402  1.559   1.645   1.00 14.63 ? 131 VAL A CG2 1 
ATOM   855  N N   . ILE A 1 109 ? -5.369  -1.340  3.870   1.00 12.62 ? 132 ILE A N   1 
ATOM   856  C CA  . ILE A 1 109 ? -6.481  -1.766  4.744   1.00 13.46 ? 132 ILE A CA  1 
ATOM   857  C C   . ILE A 1 109 ? -5.959  -2.560  5.936   1.00 13.95 ? 132 ILE A C   1 
ATOM   858  O O   . ILE A 1 109 ? -6.448  -2.402  7.046   1.00 14.33 ? 132 ILE A O   1 
ATOM   859  C CB  . ILE A 1 109 ? -7.606  -2.499  3.954   1.00 12.82 ? 132 ILE A CB  1 
ATOM   860  C CG1 . ILE A 1 109 ? -8.357  -1.455  3.084   1.00 13.66 ? 132 ILE A CG1 1 
ATOM   861  C CG2 . ILE A 1 109 ? -8.565  -3.278  4.922   1.00 13.49 ? 132 ILE A CG2 1 
ATOM   862  C CD1 . ILE A 1 109 ? -9.142  -1.992  1.863   1.00 13.92 ? 132 ILE A CD1 1 
ATOM   863  N N   . ALA A 1 110 ? -4.971  -3.421  5.717   1.00 13.85 ? 133 ALA A N   1 
ATOM   864  C CA  . ALA A 1 110 ? -4.442  -4.213  6.819   1.00 13.00 ? 133 ALA A CA  1 
ATOM   865  C C   . ALA A 1 110 ? -3.853  -3.302  7.894   1.00 13.72 ? 133 ALA A C   1 
ATOM   866  O O   . ALA A 1 110 ? -4.083  -3.509  9.085   1.00 12.58 ? 133 ALA A O   1 
ATOM   867  C CB  . ALA A 1 110 ? -3.378  -5.177  6.311   1.00 14.16 ? 133 ALA A CB  1 
ATOM   868  N N   . TYR A 1 111 ? -3.112  -2.285  7.445   1.00 11.96 ? 134 TYR A N   1 
ATOM   869  C CA  . TYR A 1 111 ? -2.494  -1.329  8.341   1.00 13.53 ? 134 TYR A CA  1 
ATOM   870  C C   . TYR A 1 111 ? -3.586  -0.616  9.135   1.00 12.77 ? 134 TYR A C   1 
ATOM   871  O O   . TYR A 1 111 ? -3.462  -0.458  10.352  1.00 13.17 ? 134 TYR A O   1 
ATOM   872  C CB  . TYR A 1 111 ? -1.596  -0.330  7.579   1.00 13.37 ? 134 TYR A CB  1 
ATOM   873  C CG  . TYR A 1 111 ? -0.989  0.679   8.518   1.00 13.72 ? 134 TYR A CG  1 
ATOM   874  C CD1 . TYR A 1 111 ? 0.145   0.367   9.282   1.00 13.45 ? 134 TYR A CD1 1 
ATOM   875  C CD2 . TYR A 1 111 ? -1.615  1.902   8.730   1.00 15.16 ? 134 TYR A CD2 1 
ATOM   876  C CE1 . TYR A 1 111 ? 0.677   1.289   10.186  1.00 13.11 ? 134 TYR A CE1 1 
ATOM   877  C CE2 . TYR A 1 111 ? -1.101  2.824   9.635   1.00 14.97 ? 134 TYR A CE2 1 
ATOM   878  C CZ  . TYR A 1 111 ? 0.038   2.516   10.346  1.00 14.62 ? 134 TYR A CZ  1 
ATOM   879  O OH  . TYR A 1 111 ? 0.482   3.450   11.248  1.00 17.43 ? 134 TYR A OH  1 
ATOM   880  N N   . ILE A 1 112 ? -4.656  -0.219  8.450   1.00 13.32 ? 135 ILE A N   1 
ATOM   881  C CA  . ILE A 1 112 ? -5.738  0.555   9.105   1.00 13.96 ? 135 ILE A CA  1 
ATOM   882  C C   . ILE A 1 112 ? -6.514  -0.283  10.111  1.00 14.03 ? 135 ILE A C   1 
ATOM   883  O O   . ILE A 1 112 ? -6.791  0.166   11.237  1.00 14.91 ? 135 ILE A O   1 
ATOM   884  C CB  . ILE A 1 112 ? -6.709  1.156   8.076   1.00 14.44 ? 135 ILE A CB  1 
ATOM   885  C CG1 . ILE A 1 112 ? -6.017  2.260   7.310   1.00 15.60 ? 135 ILE A CG1 1 
ATOM   886  C CG2 . ILE A 1 112 ? -8.022  1.671   8.789   1.00 16.35 ? 135 ILE A CG2 1 
ATOM   887  C CD1 . ILE A 1 112 ? -6.753  2.687   6.046   1.00 15.36 ? 135 ILE A CD1 1 
ATOM   888  N N   . MET A 1 113 ? -6.819  -1.526  9.735   1.00 13.48 ? 136 MET A N   1 
ATOM   889  C CA  . MET A 1 113 ? -7.516  -2.441  10.642  1.00 12.94 ? 136 MET A CA  1 
ATOM   890  C C   . MET A 1 113 ? -6.782  -2.642  11.970  1.00 14.71 ? 136 MET A C   1 
ATOM   891  O O   . MET A 1 113 ? -7.367  -2.479  13.062  1.00 15.33 ? 136 MET A O   1 
ATOM   892  C CB  . MET A 1 113 ? -7.751  -3.802  9.952   1.00 12.93 ? 136 MET A CB  1 
ATOM   893  C CG  . MET A 1 113 ? -8.789  -3.748  8.818   1.00 12.57 ? 136 MET A CG  1 
ATOM   894  S SD  . MET A 1 113 ? -8.936  -5.315  7.917   1.00 8.99  ? 136 MET A SD  1 
ATOM   895  C CE  . MET A 1 113 ? -9.405  -6.432  9.270   1.00 14.88 ? 136 MET A CE  1 
ATOM   896  N N   . GLU A 1 114 ? -5.498  -2.984  11.883  1.00 14.88 ? 137 GLU A N   1 
ATOM   897  C CA  . GLU A 1 114 ? -4.724  -3.251  13.075  1.00 15.41 ? 137 GLU A CA  1 
ATOM   898  C C   . GLU A 1 114 ? -4.457  -2.013  13.924  1.00 15.39 ? 137 GLU A C   1 
ATOM   899  O O   . GLU A 1 114 ? -4.553  -2.062  15.156  1.00 16.39 ? 137 GLU A O   1 
ATOM   900  C CB  . GLU A 1 114 ? -3.409  -3.918  12.712  1.00 15.70 ? 137 GLU A CB  1 
ATOM   901  C CG  . GLU A 1 114 ? -2.701  -4.414  13.937  1.00 17.43 ? 137 GLU A CG  1 
ATOM   902  C CD  . GLU A 1 114 ? -1.602  -5.384  13.643  1.00 19.67 ? 137 GLU A CD  1 
ATOM   903  O OE1 . GLU A 1 114 ? -1.167  -5.509  12.463  1.00 19.37 ? 137 GLU A OE1 1 
ATOM   904  O OE2 . GLU A 1 114 ? -1.165  -6.023  14.626  1.00 22.46 ? 137 GLU A OE2 1 
ATOM   905  N N   . THR A 1 115 ? -4.093  -0.917  13.263  1.00 14.28 ? 138 THR A N   1 
ATOM   906  C CA  . THR A 1 115 ? -3.648  0.297   13.957  1.00 14.45 ? 138 THR A CA  1 
ATOM   907  C C   . THR A 1 115 ? -4.818  1.056   14.578  1.00 14.06 ? 138 THR A C   1 
ATOM   908  O O   . THR A 1 115 ? -4.728  1.545   15.725  1.00 15.53 ? 138 THR A O   1 
ATOM   909  C CB  . THR A 1 115 ? -2.835  1.179   12.989  1.00 14.22 ? 138 THR A CB  1 
ATOM   910  O OG1 . THR A 1 115 ? -1.740  0.407   12.475  1.00 15.00 ? 138 THR A OG1 1 
ATOM   911  C CG2 . THR A 1 115 ? -2.257  2.436   13.700  1.00 15.14 ? 138 THR A CG2 1 
ATOM   912  N N   . PHE A 1 116 ? -5.923  1.125   13.843  1.00 13.88 ? 139 PHE A N   1 
ATOM   913  C CA  . PHE A 1 116 ? -7.075  1.937   14.261  1.00 14.88 ? 139 PHE A CA  1 
ATOM   914  C C   . PHE A 1 116 ? -8.237  1.119   14.795  1.00 15.23 ? 139 PHE A C   1 
ATOM   915  O O   . PHE A 1 116 ? -9.292  1.671   15.123  1.00 14.89 ? 139 PHE A O   1 
ATOM   916  C CB  . PHE A 1 116 ? -7.531  2.846   13.113  1.00 15.59 ? 139 PHE A CB  1 
ATOM   917  C CG  . PHE A 1 116 ? -6.538  3.915   12.767  1.00 14.97 ? 139 PHE A CG  1 
ATOM   918  C CD1 . PHE A 1 116 ? -6.668  5.196   13.296  1.00 15.61 ? 139 PHE A CD1 1 
ATOM   919  C CD2 . PHE A 1 116 ? -5.436  3.643   11.959  1.00 16.53 ? 139 PHE A CD2 1 
ATOM   920  C CE1 . PHE A 1 116 ? -5.748  6.186   12.996  1.00 17.30 ? 139 PHE A CE1 1 
ATOM   921  C CE2 . PHE A 1 116 ? -4.484  4.629   11.684  1.00 15.35 ? 139 PHE A CE2 1 
ATOM   922  C CZ  . PHE A 1 116 ? -4.646  5.903   12.188  1.00 16.96 ? 139 PHE A CZ  1 
ATOM   923  N N   . GLY A 1 117 ? -8.017  -0.192  14.926  1.00 13.79 ? 140 GLY A N   1 
ATOM   924  C CA  . GLY A 1 117 ? -8.985  -1.080  15.563  1.00 15.02 ? 140 GLY A CA  1 
ATOM   925  C C   . GLY A 1 117 ? -10.290 -1.213  14.781  1.00 15.25 ? 140 GLY A C   1 
ATOM   926  O O   . GLY A 1 117 ? -11.339 -1.384  15.376  1.00 15.41 ? 140 GLY A O   1 
ATOM   927  N N   . MET A 1 118 ? -10.222 -1.128  13.454  1.00 16.73 ? 141 MET A N   1 
ATOM   928  C CA  . MET A 1 118 ? -11.415 -1.180  12.608  1.00 17.13 ? 141 MET A CA  1 
ATOM   929  C C   . MET A 1 118 ? -11.569 -2.570  12.017  1.00 16.53 ? 141 MET A C   1 
ATOM   930  O O   . MET A 1 118 ? -10.589 -3.227  11.712  1.00 14.99 ? 141 MET A O   1 
ATOM   931  C CB  . MET A 1 118 ? -11.350 -0.131  11.484  1.00 17.54 ? 141 MET A CB  1 
ATOM   932  C CG  . MET A 1 118 ? -11.098 1.305   12.006  1.00 18.18 ? 141 MET A CG  1 
ATOM   933  S SD  . MET A 1 118 ? -10.832 2.614   10.784  1.00 22.21 ? 141 MET A SD  1 
ATOM   934  C CE  . MET A 1 118 ? -11.853 2.202   9.617   1.00 10.51 ? 141 MET A CE  1 
ATOM   935  N N   . LYS A 1 119 ? -12.815 -3.003  11.875  1.00 16.34 ? 142 LYS A N   1 
ATOM   936  C CA  . LYS A 1 119 ? -13.171 -4.223  11.136  1.00 15.63 ? 142 LYS A CA  1 
ATOM   937  C C   . LYS A 1 119 ? -12.995 -4.014  9.634   1.00 16.21 ? 142 LYS A C   1 
ATOM   938  O O   . LYS A 1 119 ? -12.881 -2.861  9.166   1.00 15.40 ? 142 LYS A O   1 
ATOM   939  C CB  . LYS A 1 119 ? -14.620 -4.605  11.440  1.00 16.81 ? 142 LYS A CB  1 
ATOM   940  C CG  . LYS A 1 119 ? -14.855 -5.183  12.861  1.00 18.12 ? 142 LYS A CG  1 
ATOM   941  C CD  . LYS A 1 119 ? -16.313 -5.080  13.231  1.00 22.60 ? 142 LYS A CD  1 
ATOM   942  C CE  . LYS A 1 119 ? -16.757 -6.058  14.362  1.00 22.87 ? 142 LYS A CE  1 
ATOM   943  N NZ  . LYS A 1 119 ? -15.775 -6.325  15.461  1.00 24.67 ? 142 LYS A NZ  1 
ATOM   944  N N   . TYR A 1 120 ? -13.001 -5.111  8.863   1.00 15.93 ? 143 TYR A N   1 
ATOM   945  C CA  . TYR A 1 120 ? -12.761 -4.999  7.422   1.00 15.81 ? 143 TYR A CA  1 
ATOM   946  C C   . TYR A 1 120 ? -13.756 -4.065  6.734   1.00 16.69 ? 143 TYR A C   1 
ATOM   947  O O   . TYR A 1 120 ? -13.369 -3.154  6.002   1.00 15.45 ? 143 TYR A O   1 
ATOM   948  C CB  . TYR A 1 120 ? -12.693 -6.369  6.689   1.00 16.03 ? 143 TYR A CB  1 
ATOM   949  C CG  . TYR A 1 120 ? -12.661 -6.134  5.191   1.00 15.65 ? 143 TYR A CG  1 
ATOM   950  C CD1 . TYR A 1 120 ? -11.482 -5.814  4.543   1.00 16.21 ? 143 TYR A CD1 1 
ATOM   951  C CD2 . TYR A 1 120 ? -13.846 -6.175  4.430   1.00 16.23 ? 143 TYR A CD2 1 
ATOM   952  C CE1 . TYR A 1 120 ? -11.472 -5.530  3.185   1.00 13.95 ? 143 TYR A CE1 1 
ATOM   953  C CE2 . TYR A 1 120 ? -13.843 -5.911  3.078   1.00 16.06 ? 143 TYR A CE2 1 
ATOM   954  C CZ  . TYR A 1 120 ? -12.642 -5.585  2.455   1.00 17.35 ? 143 TYR A CZ  1 
ATOM   955  O OH  . TYR A 1 120 ? -12.602 -5.282  1.104   1.00 18.43 ? 143 TYR A OH  1 
ATOM   956  N N   . ARG A 1 121 ? -15.045 -4.299  6.956   1.00 16.74 ? 144 ARG A N   1 
ATOM   957  C CA  . ARG A 1 121 ? -16.047 -3.515  6.261   1.00 17.53 ? 144 ARG A CA  1 
ATOM   958  C C   . ARG A 1 121 ? -15.903 -2.008  6.491   1.00 17.04 ? 144 ARG A C   1 
ATOM   959  O O   . ARG A 1 121 ? -16.107 -1.213  5.580   1.00 18.56 ? 144 ARG A O   1 
ATOM   960  C CB  . ARG A 1 121 ? -17.447 -3.991  6.633   1.00 18.06 ? 144 ARG A CB  1 
ATOM   961  C CG  . ARG A 1 121 ? -17.877 -3.691  8.038   1.00 21.62 ? 144 ARG A CG  1 
ATOM   962  C CD  . ARG A 1 121 ? -19.223 -4.319  8.313   1.00 26.21 ? 144 ARG A CD  1 
ATOM   963  N NE  . ARG A 1 121 ? -19.204 -5.775  8.147   1.00 31.17 ? 144 ARG A NE  1 
ATOM   964  C CZ  . ARG A 1 121 ? -20.222 -6.566  8.475   1.00 32.56 ? 144 ARG A CZ  1 
ATOM   965  N NH1 . ARG A 1 121 ? -21.332 -6.037  8.984   1.00 33.56 ? 144 ARG A NH1 1 
ATOM   966  N NH2 . ARG A 1 121 ? -20.135 -7.880  8.299   1.00 34.48 ? 144 ARG A NH2 1 
ATOM   967  N N   . ASP A 1 122 ? -15.543 -1.628  7.713   1.00 17.10 ? 145 ASP A N   1 
ATOM   968  C CA  . ASP A 1 122 ? -15.410 -0.213  8.065   1.00 17.11 ? 145 ASP A CA  1 
ATOM   969  C C   . ASP A 1 122 ? -14.115 0.402   7.530   1.00 15.95 ? 145 ASP A C   1 
ATOM   970  O O   . ASP A 1 122 ? -14.092 1.564   7.102   1.00 16.34 ? 145 ASP A O   1 
ATOM   971  C CB  . ASP A 1 122 ? -15.515 -0.068  9.577   1.00 17.45 ? 145 ASP A CB  1 
ATOM   972  C CG  . ASP A 1 122 ? -16.862 -0.544  10.086  1.00 20.11 ? 145 ASP A CG  1 
ATOM   973  O OD1 . ASP A 1 122 ? -17.884 -0.080  9.538   1.00 23.57 ? 145 ASP A OD1 1 
ATOM   974  O OD2 . ASP A 1 122 ? -16.897 -1.408  10.994  1.00 23.15 ? 145 ASP A OD2 1 
ATOM   975  N N   . ALA A 1 123 ? -13.031 -0.376  7.566   1.00 15.34 ? 146 ALA A N   1 
ATOM   976  C CA  . ALA A 1 123 ? -11.770 0.061   6.971   1.00 14.54 ? 146 ALA A CA  1 
ATOM   977  C C   . ALA A 1 123 ? -11.900 0.150   5.452   1.00 14.77 ? 146 ALA A C   1 
ATOM   978  O O   . ALA A 1 123 ? -11.432 1.113   4.851   1.00 14.38 ? 146 ALA A O   1 
ATOM   979  C CB  . ALA A 1 123 ? -10.622 -0.901  7.373   1.00 15.25 ? 146 ALA A CB  1 
ATOM   980  N N   . PHE A 1 124 ? -12.578 -0.817  4.838   1.00 13.99 ? 147 PHE A N   1 
ATOM   981  C CA  . PHE A 1 124 ? -12.777 -0.767  3.395   1.00 13.64 ? 147 PHE A CA  1 
ATOM   982  C C   . PHE A 1 124 ? -13.581 0.497   3.032   1.00 13.10 ? 147 PHE A C   1 
ATOM   983  O O   . PHE A 1 124 ? -13.201 1.259   2.157   1.00 13.83 ? 147 PHE A O   1 
ATOM   984  C CB  . PHE A 1 124 ? -13.440 -2.033  2.852   1.00 14.60 ? 147 PHE A CB  1 
ATOM   985  C CG  . PHE A 1 124 ? -13.896 -1.894  1.420   1.00 14.63 ? 147 PHE A CG  1 
ATOM   986  C CD1 . PHE A 1 124 ? -13.006 -2.132  0.372   1.00 16.26 ? 147 PHE A CD1 1 
ATOM   987  C CD2 . PHE A 1 124 ? -15.187 -1.465  1.126   1.00 19.17 ? 147 PHE A CD2 1 
ATOM   988  C CE1 . PHE A 1 124 ? -13.397 -1.967  -0.958  1.00 18.18 ? 147 PHE A CE1 1 
ATOM   989  C CE2 . PHE A 1 124 ? -15.602 -1.322  -0.214  1.00 19.35 ? 147 PHE A CE2 1 
ATOM   990  C CZ  . PHE A 1 124 ? -14.708 -1.560  -1.249  1.00 18.80 ? 147 PHE A CZ  1 
ATOM   991  N N   . ALA A 1 125 ? -14.669 0.747   3.748   1.00 13.78 ? 148 ALA A N   1 
ATOM   992  C CA  . ALA A 1 125 ? -15.484 1.945   3.482   1.00 15.11 ? 148 ALA A CA  1 
ATOM   993  C C   . ALA A 1 125 ? -14.704 3.263   3.641   1.00 15.13 ? 148 ALA A C   1 
ATOM   994  O O   . ALA A 1 125 ? -14.869 4.210   2.861   1.00 15.70 ? 148 ALA A O   1 
ATOM   995  C CB  . ALA A 1 125 ? -16.746 1.927   4.367   1.00 14.77 ? 148 ALA A CB  1 
ATOM   996  N N   . TYR A 1 126 ? -13.846 3.310   4.651   1.00 14.89 ? 149 TYR A N   1 
ATOM   997  C CA  . TYR A 1 126 ? -13.055 4.491   4.957   1.00 15.17 ? 149 TYR A CA  1 
ATOM   998  C C   . TYR A 1 126 ? -12.119 4.780   3.782   1.00 15.28 ? 149 TYR A C   1 
ATOM   999  O O   . TYR A 1 126 ? -11.977 5.922   3.324   1.00 17.36 ? 149 TYR A O   1 
ATOM   1000 C CB  . TYR A 1 126 ? -12.270 4.269   6.268   1.00 14.96 ? 149 TYR A CB  1 
ATOM   1001 C CG  . TYR A 1 126 ? -11.320 5.379   6.531   1.00 15.04 ? 149 TYR A CG  1 
ATOM   1002 C CD1 . TYR A 1 126 ? -11.689 6.447   7.341   1.00 16.66 ? 149 TYR A CD1 1 
ATOM   1003 C CD2 . TYR A 1 126 ? -10.052 5.404   5.927   1.00 14.94 ? 149 TYR A CD2 1 
ATOM   1004 C CE1 . TYR A 1 126 ? -10.818 7.495   7.569   1.00 16.26 ? 149 TYR A CE1 1 
ATOM   1005 C CE2 . TYR A 1 126 ? -9.172  6.456   6.141   1.00 16.79 ? 149 TYR A CE2 1 
ATOM   1006 C CZ  . TYR A 1 126 ? -9.551  7.490   6.957   1.00 15.89 ? 149 TYR A CZ  1 
ATOM   1007 O OH  . TYR A 1 126 ? -8.689  8.541   7.158   1.00 19.00 ? 149 TYR A OH  1 
ATOM   1008 N N   . VAL A 1 127 ? -11.476 3.733   3.283   1.00 15.51 ? 150 VAL A N   1 
ATOM   1009 C CA  . VAL A 1 127 ? -10.519 3.922   2.194   1.00 15.60 ? 150 VAL A CA  1 
ATOM   1010 C C   . VAL A 1 127 ? -11.233 4.236   0.883   1.00 16.69 ? 150 VAL A C   1 
ATOM   1011 O O   . VAL A 1 127 ? -10.785 5.088   0.132   1.00 16.96 ? 150 VAL A O   1 
ATOM   1012 C CB  . VAL A 1 127 ? -9.542  2.724   2.049   1.00 15.02 ? 150 VAL A CB  1 
ATOM   1013 C CG1 . VAL A 1 127 ? -8.597  2.904   0.835   1.00 14.44 ? 150 VAL A CG1 1 
ATOM   1014 C CG2 . VAL A 1 127 ? -8.762  2.556   3.295   1.00 12.66 ? 150 VAL A CG2 1 
ATOM   1015 N N   . GLN A 1 128 ? -12.359 3.568   0.633   1.00 17.60 ? 151 GLN A N   1 
ATOM   1016 C CA  . GLN A 1 128 ? -13.153 3.793   -0.574  1.00 19.03 ? 151 GLN A CA  1 
ATOM   1017 C C   . GLN A 1 128 ? -13.612 5.259   -0.680  1.00 19.18 ? 151 GLN A C   1 
ATOM   1018 O O   . GLN A 1 128 ? -13.695 5.833   -1.780  1.00 18.62 ? 151 GLN A O   1 
ATOM   1019 C CB  . GLN A 1 128 ? -14.359 2.853   -0.538  1.00 19.30 ? 151 GLN A CB  1 
ATOM   1020 C CG  . GLN A 1 128 ? -15.176 2.780   -1.808  1.00 20.94 ? 151 GLN A CG  1 
ATOM   1021 C CD  . GLN A 1 128 ? -16.384 1.860   -1.635  1.00 20.58 ? 151 GLN A CD  1 
ATOM   1022 O OE1 . GLN A 1 128 ? -17.141 1.968   -0.653  1.00 25.14 ? 151 GLN A OE1 1 
ATOM   1023 N NE2 . GLN A 1 128 ? -16.572 0.956   -2.582  1.00 22.09 ? 151 GLN A NE2 1 
ATOM   1024 N N   . GLU A 1 129 ? -13.883 5.887   0.462   1.00 19.64 ? 152 GLU A N   1 
ATOM   1025 C CA  . GLU A 1 129 ? -14.321 7.283   0.450   1.00 20.70 ? 152 GLU A CA  1 
ATOM   1026 C C   . GLU A 1 129 ? -13.205 8.204   -0.076  1.00 20.84 ? 152 GLU A C   1 
ATOM   1027 O O   . GLU A 1 129 ? -13.488 9.246   -0.700  1.00 21.03 ? 152 GLU A O   1 
ATOM   1028 C CB  . GLU A 1 129 ? -14.814 7.718   1.841   1.00 21.61 ? 152 GLU A CB  1 
ATOM   1029 C CG  . GLU A 1 129 ? -16.100 7.000   2.273   1.00 25.70 ? 152 GLU A CG  1 
ATOM   1030 C CD  . GLU A 1 129 ? -17.395 7.722   1.904   1.00 30.39 ? 152 GLU A CD  1 
ATOM   1031 O OE1 . GLU A 1 129 ? -17.441 8.436   0.865   1.00 31.61 ? 152 GLU A OE1 1 
ATOM   1032 O OE2 . GLU A 1 129 ? -18.381 7.554   2.669   1.00 31.23 ? 152 GLU A OE2 1 
ATOM   1033 N N   . ARG A 1 130 ? -11.953 7.796   0.136   1.00 19.28 ? 153 ARG A N   1 
ATOM   1034 C CA  . ARG A 1 130 ? -10.784 8.576   -0.298  1.00 19.18 ? 153 ARG A CA  1 
ATOM   1035 C C   . ARG A 1 130 ? -10.291 8.192   -1.696  1.00 18.07 ? 153 ARG A C   1 
ATOM   1036 O O   . ARG A 1 130 ? -9.846  9.051   -2.459  1.00 19.02 ? 153 ARG A O   1 
ATOM   1037 C CB  . ARG A 1 130 ? -9.632  8.389   0.682   1.00 19.16 ? 153 ARG A CB  1 
ATOM   1038 C CG  . ARG A 1 130 ? -9.661  9.299   1.899   1.00 21.59 ? 153 ARG A CG  1 
ATOM   1039 C CD  . ARG A 1 130 ? -9.913  8.514   3.162   1.00 20.53 ? 153 ARG A CD  1 
ATOM   1040 N NE  . ARG A 1 130 ? -10.333 9.389   4.255   1.00 23.78 ? 153 ARG A NE  1 
ATOM   1041 C CZ  . ARG A 1 130 ? -11.487 9.286   4.914   1.00 23.85 ? 153 ARG A CZ  1 
ATOM   1042 N NH1 . ARG A 1 130 ? -11.747 10.137  5.889   1.00 25.34 ? 153 ARG A NH1 1 
ATOM   1043 N NH2 . ARG A 1 130 ? -12.372 8.334   4.624   1.00 21.76 ? 153 ARG A NH2 1 
ATOM   1044 N N   . ARG A 1 131 ? -10.327 6.895   -2.004  1.00 16.68 ? 154 ARG A N   1 
ATOM   1045 C CA  . ARG A 1 131 ? -9.951  6.400   -3.329  1.00 16.08 ? 154 ARG A CA  1 
ATOM   1046 C C   . ARG A 1 131 ? -11.074 5.513   -3.859  1.00 15.65 ? 154 ARG A C   1 
ATOM   1047 O O   . ARG A 1 131 ? -11.194 4.318   -3.536  1.00 15.75 ? 154 ARG A O   1 
ATOM   1048 C CB  . ARG A 1 131 ? -8.606  5.659   -3.300  1.00 16.07 ? 154 ARG A CB  1 
ATOM   1049 C CG  . ARG A 1 131 ? -8.119  5.246   -4.705  1.00 14.58 ? 154 ARG A CG  1 
ATOM   1050 C CD  . ARG A 1 131 ? -6.727  4.621   -4.624  1.00 15.91 ? 154 ARG A CD  1 
ATOM   1051 N NE  . ARG A 1 131 ? -6.277  4.107   -5.920  1.00 12.59 ? 154 ARG A NE  1 
ATOM   1052 C CZ  . ARG A 1 131 ? -5.872  4.857   -6.948  1.00 14.56 ? 154 ARG A CZ  1 
ATOM   1053 N NH1 . ARG A 1 131 ? -5.877  6.192   -6.864  1.00 16.50 ? 154 ARG A NH1 1 
ATOM   1054 N NH2 . ARG A 1 131 ? -5.516  4.269   -8.081  1.00 14.34 ? 154 ARG A NH2 1 
ATOM   1055 N N   . PHE A 1 132 ? -11.908 6.122   -4.693  1.00 16.83 ? 155 PHE A N   1 
ATOM   1056 C CA  . PHE A 1 132 ? -13.181 5.545   -5.086  1.00 17.57 ? 155 PHE A CA  1 
ATOM   1057 C C   . PHE A 1 132 ? -13.102 4.174   -5.752  1.00 17.42 ? 155 PHE A C   1 
ATOM   1058 O O   . PHE A 1 132 ? -14.059 3.411   -5.712  1.00 17.80 ? 155 PHE A O   1 
ATOM   1059 C CB  . PHE A 1 132 ? -13.952 6.537   -5.971  1.00 18.43 ? 155 PHE A CB  1 
ATOM   1060 C CG  . PHE A 1 132 ? -13.430 6.637   -7.383  1.00 18.64 ? 155 PHE A CG  1 
ATOM   1061 C CD1 . PHE A 1 132 ? -13.788 5.685   -8.341  1.00 18.67 ? 155 PHE A CD1 1 
ATOM   1062 C CD2 . PHE A 1 132 ? -12.631 7.710   -7.762  1.00 21.32 ? 155 PHE A CD2 1 
ATOM   1063 C CE1 . PHE A 1 132 ? -13.325 5.775   -9.661  1.00 19.35 ? 155 PHE A CE1 1 
ATOM   1064 C CE2 . PHE A 1 132 ? -12.170 7.819   -9.073  1.00 21.37 ? 155 PHE A CE2 1 
ATOM   1065 C CZ  . PHE A 1 132 ? -12.513 6.845   -10.024 1.00 18.85 ? 155 PHE A CZ  1 
ATOM   1066 N N   . CYS A 1 133 ? -11.955 3.871   -6.354  1.00 17.43 ? 156 CYS A N   1 
ATOM   1067 C CA  . CYS A 1 133 ? -11.857 2.735   -7.239  1.00 16.96 ? 156 CYS A CA  1 
ATOM   1068 C C   . CYS A 1 133 ? -11.378 1.450   -6.549  1.00 17.21 ? 156 CYS A C   1 
ATOM   1069 O O   . CYS A 1 133 ? -11.271 0.407   -7.222  1.00 16.65 ? 156 CYS A O   1 
ATOM   1070 C CB  . CYS A 1 133 ? -10.941 3.088   -8.423  1.00 16.39 ? 156 CYS A CB  1 
ATOM   1071 S SG  . CYS A 1 133 ? -9.255  3.416   -7.941  1.00 21.65 ? 156 CYS A SG  1 
ATOM   1072 N N   . ILE A 1 134 ? -11.133 1.487   -5.227  1.00 15.95 ? 157 ILE A N   1 
ATOM   1073 C CA  . ILE A 1 134 ? -10.557 0.291   -4.569  1.00 16.03 ? 157 ILE A CA  1 
ATOM   1074 C C   . ILE A 1 134 ? -11.478 -0.925  -4.526  1.00 16.56 ? 157 ILE A C   1 
ATOM   1075 O O   . ILE A 1 134 ? -12.716 -0.808  -4.385  1.00 16.58 ? 157 ILE A O   1 
ATOM   1076 C CB  . ILE A 1 134 ? -9.931  0.565   -3.147  1.00 15.22 ? 157 ILE A CB  1 
ATOM   1077 C CG1 . ILE A 1 134 ? -11.011 0.853   -2.106  1.00 16.13 ? 157 ILE A CG1 1 
ATOM   1078 C CG2 . ILE A 1 134 ? -8.905  1.661   -3.217  1.00 16.26 ? 157 ILE A CG2 1 
ATOM   1079 C CD1 . ILE A 1 134 ? -10.629 0.440   -0.656  1.00 16.59 ? 157 ILE A CD1 1 
ATOM   1080 N N   . ASN A 1 135 ? -10.864 -2.100  -4.652  1.00 16.49 ? 158 ASN A N   1 
ATOM   1081 C CA  . ASN A 1 135 ? -11.610 -3.343  -4.763  1.00 17.01 ? 158 ASN A CA  1 
ATOM   1082 C C   . ASN A 1 135 ? -10.678 -4.546  -4.549  1.00 16.39 ? 158 ASN A C   1 
ATOM   1083 O O   . ASN A 1 135 ? -10.300 -5.222  -5.504  1.00 17.33 ? 158 ASN A O   1 
ATOM   1084 C CB  . ASN A 1 135 ? -12.337 -3.369  -6.120  1.00 18.12 ? 158 ASN A CB  1 
ATOM   1085 C CG  . ASN A 1 135 ? -13.265 -4.557  -6.298  1.00 19.23 ? 158 ASN A CG  1 
ATOM   1086 O OD1 . ASN A 1 135 ? -13.781 -5.155  -5.338  1.00 22.45 ? 158 ASN A OD1 1 
ATOM   1087 N ND2 . ASN A 1 135 ? -13.486 -4.908  -7.550  1.00 21.52 ? 158 ASN A ND2 1 
ATOM   1088 N N   . PRO A 1 136 ? -10.295 -4.819  -3.280  1.00 16.23 ? 159 PRO A N   1 
ATOM   1089 C CA  . PRO A 1 136 ? -9.465  -6.005  -3.081  1.00 15.75 ? 159 PRO A CA  1 
ATOM   1090 C C   . PRO A 1 136 ? -10.226 -7.252  -3.542  1.00 15.67 ? 159 PRO A C   1 
ATOM   1091 O O   . PRO A 1 136 ? -11.455 -7.355  -3.331  1.00 15.70 ? 159 PRO A O   1 
ATOM   1092 C CB  . PRO A 1 136 ? -9.242  -6.037  -1.558  1.00 15.42 ? 159 PRO A CB  1 
ATOM   1093 C CG  . PRO A 1 136 ? -9.515  -4.663  -1.091  1.00 17.50 ? 159 PRO A CG  1 
ATOM   1094 C CD  . PRO A 1 136 ? -10.596 -4.153  -1.999  1.00 16.32 ? 159 PRO A CD  1 
ATOM   1095 N N   . ASN A 1 137 ? -9.542  -8.186  -4.207  1.00 15.81 ? 160 ASN A N   1 
ATOM   1096 C CA  . ASN A 1 137 ? -10.224 -9.431  -4.600  1.00 15.17 ? 160 ASN A CA  1 
ATOM   1097 C C   . ASN A 1 137 ? -10.683 -10.202 -3.357  1.00 14.33 ? 160 ASN A C   1 
ATOM   1098 O O   . ASN A 1 137 ? -10.229 -9.924  -2.247  1.00 14.50 ? 160 ASN A O   1 
ATOM   1099 C CB  . ASN A 1 137 ? -9.371  -10.297 -5.565  1.00 15.45 ? 160 ASN A CB  1 
ATOM   1100 C CG  . ASN A 1 137 ? -8.202  -10.982 -4.897  1.00 16.63 ? 160 ASN A CG  1 
ATOM   1101 O OD1 . ASN A 1 137 ? -8.349  -11.692 -3.894  1.00 16.82 ? 160 ASN A OD1 1 
ATOM   1102 N ND2 . ASN A 1 137 ? -7.018  -10.815 -5.480  1.00 17.56 ? 160 ASN A ND2 1 
ATOM   1103 N N   . ALA A 1 138 ? -11.560 -11.175 -3.560  1.00 15.12 ? 161 ALA A N   1 
ATOM   1104 C CA  . ALA A 1 138 ? -12.187 -11.894 -2.455  1.00 14.53 ? 161 ALA A CA  1 
ATOM   1105 C C   . ALA A 1 138 ? -11.184 -12.673 -1.623  1.00 14.76 ? 161 ALA A C   1 
ATOM   1106 O O   . ALA A 1 138 ? -11.350 -12.793 -0.404  1.00 14.75 ? 161 ALA A O   1 
ATOM   1107 C CB  . ALA A 1 138 ? -13.293 -12.836 -2.994  1.00 15.21 ? 161 ALA A CB  1 
ATOM   1108 N N   . GLY A 1 139 ? -10.117 -13.153 -2.259  1.00 15.00 ? 162 GLY A N   1 
ATOM   1109 C CA  . GLY A 1 139 ? -9.108  -13.921 -1.537  1.00 15.22 ? 162 GLY A CA  1 
ATOM   1110 C C   . GLY A 1 139 ? -8.427  -13.014 -0.532  1.00 14.62 ? 162 GLY A C   1 
ATOM   1111 O O   . GLY A 1 139 ? -8.174  -13.396 0.618   1.00 15.54 ? 162 GLY A O   1 
ATOM   1112 N N   . PHE A 1 140 ? -8.170  -11.790 -0.976  1.00 14.24 ? 163 PHE A N   1 
ATOM   1113 C CA  . PHE A 1 140 ? -7.521  -10.768 -0.180  1.00 14.31 ? 163 PHE A CA  1 
ATOM   1114 C C   . PHE A 1 140 ? -8.435  -10.338 0.971   1.00 13.93 ? 163 PHE A C   1 
ATOM   1115 O O   . PHE A 1 140 ? -7.963  -10.073 2.088   1.00 14.89 ? 163 PHE A O   1 
ATOM   1116 C CB  . PHE A 1 140 ? -7.184  -9.548  -1.049  1.00 13.41 ? 163 PHE A CB  1 
ATOM   1117 C CG  . PHE A 1 140 ? -6.057  -9.776  -2.024  1.00 13.68 ? 163 PHE A CG  1 
ATOM   1118 C CD1 . PHE A 1 140 ? -5.320  -10.960 -2.031  1.00 14.32 ? 163 PHE A CD1 1 
ATOM   1119 C CD2 . PHE A 1 140 ? -5.722  -8.769  -2.943  1.00 13.62 ? 163 PHE A CD2 1 
ATOM   1120 C CE1 . PHE A 1 140 ? -4.245  -11.124 -2.933  1.00 14.47 ? 163 PHE A CE1 1 
ATOM   1121 C CE2 . PHE A 1 140 ? -4.662  -8.940  -3.847  1.00 12.55 ? 163 PHE A CE2 1 
ATOM   1122 C CZ  . PHE A 1 140 ? -3.941  -10.113 -3.845  1.00 15.08 ? 163 PHE A CZ  1 
ATOM   1123 N N   . VAL A 1 141 ? -9.739  -10.269 0.717   1.00 14.26 ? 164 VAL A N   1 
ATOM   1124 C CA  . VAL A 1 141 ? -10.679 -9.903  1.780   1.00 14.36 ? 164 VAL A CA  1 
ATOM   1125 C C   . VAL A 1 141 ? -10.677 -10.957 2.888   1.00 13.96 ? 164 VAL A C   1 
ATOM   1126 O O   . VAL A 1 141 ? -10.537 -10.632 4.074   1.00 12.97 ? 164 VAL A O   1 
ATOM   1127 C CB  . VAL A 1 141 ? -12.083 -9.683  1.252   1.00 14.11 ? 164 VAL A CB  1 
ATOM   1128 C CG1 . VAL A 1 141 ? -13.055 -9.407  2.428   1.00 14.62 ? 164 VAL A CG1 1 
ATOM   1129 C CG2 . VAL A 1 141 ? -12.094 -8.536  0.259   1.00 14.94 ? 164 VAL A CG2 1 
ATOM   1130 N N   . HIS A 1 142 ? -10.808 -12.221 2.496   1.00 14.11 ? 165 HIS A N   1 
ATOM   1131 C CA  . HIS A 1 142 ? -10.657 -13.306 3.453   1.00 14.63 ? 165 HIS A CA  1 
ATOM   1132 C C   . HIS A 1 142 ? -9.346  -13.222 4.241   1.00 13.70 ? 165 HIS A C   1 
ATOM   1133 O O   . HIS A 1 142 ? -9.348  -13.465 5.455   1.00 14.81 ? 165 HIS A O   1 
ATOM   1134 C CB  . HIS A 1 142 ? -10.792 -14.660 2.760   1.00 15.33 ? 165 HIS A CB  1 
ATOM   1135 C CG  . HIS A 1 142 ? -12.199 -15.007 2.403   1.00 19.57 ? 165 HIS A CG  1 
ATOM   1136 N ND1 . HIS A 1 142 ? -12.917 -15.985 3.061   1.00 25.04 ? 165 HIS A ND1 1 
ATOM   1137 C CD2 . HIS A 1 142 ? -13.042 -14.471 1.491   1.00 24.30 ? 165 HIS A CD2 1 
ATOM   1138 C CE1 . HIS A 1 142 ? -14.129 -16.064 2.542   1.00 24.94 ? 165 HIS A CE1 1 
ATOM   1139 N NE2 . HIS A 1 142 ? -14.235 -15.149 1.591   1.00 26.88 ? 165 HIS A NE2 1 
ATOM   1140 N N   . GLN A 1 143 ? -8.235  -12.910 3.561   1.00 13.00 ? 166 GLN A N   1 
ATOM   1141 C CA  . GLN A 1 143 ? -6.934  -12.876 4.259   1.00 13.40 ? 166 GLN A CA  1 
ATOM   1142 C C   . GLN A 1 143 ? -6.836  -11.707 5.237   1.00 13.16 ? 166 GLN A C   1 
ATOM   1143 O O   . GLN A 1 143 ? -6.187  -11.826 6.285   1.00 13.66 ? 166 GLN A O   1 
ATOM   1144 C CB  . GLN A 1 143 ? -5.760  -12.858 3.284   1.00 12.92 ? 166 GLN A CB  1 
ATOM   1145 C CG  . GLN A 1 143 ? -5.561  -14.179 2.578   1.00 13.09 ? 166 GLN A CG  1 
ATOM   1146 C CD  . GLN A 1 143 ? -4.469  -14.126 1.555   1.00 13.99 ? 166 GLN A CD  1 
ATOM   1147 O OE1 . GLN A 1 143 ? -3.308  -13.781 1.856   1.00 15.37 ? 166 GLN A OE1 1 
ATOM   1148 N NE2 . GLN A 1 143 ? -4.818  -14.495 0.329   1.00 15.26 ? 166 GLN A NE2 1 
ATOM   1149 N N   . LEU A 1 144 ? -7.501  -10.599 4.901   1.00 13.20 ? 167 LEU A N   1 
ATOM   1150 C CA  . LEU A 1 144 ? -7.596  -9.461  5.822   1.00 13.92 ? 167 LEU A CA  1 
ATOM   1151 C C   . LEU A 1 144 ? -8.315  -9.850  7.122   1.00 13.41 ? 167 LEU A C   1 
ATOM   1152 O O   . LEU A 1 144 ? -7.849  -9.555  8.224   1.00 14.67 ? 167 LEU A O   1 
ATOM   1153 C CB  . LEU A 1 144 ? -8.304  -8.307  5.120   1.00 14.14 ? 167 LEU A CB  1 
ATOM   1154 C CG  . LEU A 1 144 ? -7.320  -7.657  4.144   1.00 14.38 ? 167 LEU A CG  1 
ATOM   1155 C CD1 . LEU A 1 144 ? -8.065  -6.807  3.113   1.00 14.69 ? 167 LEU A CD1 1 
ATOM   1156 C CD2 . LEU A 1 144 ? -6.261  -6.821  4.909   1.00 13.87 ? 167 LEU A CD2 1 
ATOM   1157 N N   . GLN A 1 145 ? -9.459  -10.512 6.968   1.00 14.05 ? 168 GLN A N   1 
ATOM   1158 C CA  . GLN A 1 145 ? -10.229 -11.052 8.092   1.00 13.86 ? 168 GLN A CA  1 
ATOM   1159 C C   . GLN A 1 145 ? -9.453  -12.092 8.910   1.00 14.02 ? 168 GLN A C   1 
ATOM   1160 O O   . GLN A 1 145 ? -9.521  -12.122 10.156  1.00 14.03 ? 168 GLN A O   1 
ATOM   1161 C CB  . GLN A 1 145 ? -11.560 -11.592 7.537   1.00 14.20 ? 168 GLN A CB  1 
ATOM   1162 C CG  . GLN A 1 145 ? -12.381 -10.480 6.848   1.00 14.69 ? 168 GLN A CG  1 
ATOM   1163 C CD  . GLN A 1 145 ? -13.554 -11.015 6.032   1.00 14.99 ? 168 GLN A CD  1 
ATOM   1164 O OE1 . GLN A 1 145 ? -13.422 -11.988 5.287   1.00 16.39 ? 168 GLN A OE1 1 
ATOM   1165 N NE2 . GLN A 1 145 ? -14.714 -10.373 6.171   1.00 16.62 ? 168 GLN A NE2 1 
ATOM   1166 N N   . GLU A 1 146 ? -8.687  -12.917 8.208   1.00 13.14 ? 169 GLU A N   1 
ATOM   1167 C CA  . GLU A 1 146 ? -7.904  -13.978 8.814   1.00 13.73 ? 169 GLU A CA  1 
ATOM   1168 C C   . GLU A 1 146 ? -6.800  -13.374 9.696   1.00 14.19 ? 169 GLU A C   1 
ATOM   1169 O O   . GLU A 1 146 ? -6.507  -13.901 10.754  1.00 15.28 ? 169 GLU A O   1 
ATOM   1170 C CB  . GLU A 1 146 ? -7.321  -14.866 7.702   1.00 13.32 ? 169 GLU A CB  1 
ATOM   1171 C CG  . GLU A 1 146 ? -6.408  -16.022 8.137   1.00 13.99 ? 169 GLU A CG  1 
ATOM   1172 C CD  . GLU A 1 146 ? -5.634  -16.619 6.976   1.00 15.80 ? 169 GLU A CD  1 
ATOM   1173 O OE1 . GLU A 1 146 ? -5.853  -16.228 5.831   1.00 16.73 ? 169 GLU A OE1 1 
ATOM   1174 O OE2 . GLU A 1 146 ? -4.757  -17.487 7.213   1.00 22.00 ? 169 GLU A OE2 1 
ATOM   1175 N N   . TYR A 1 147 ? -6.213  -12.267 9.249   1.00 14.33 ? 170 TYR A N   1 
ATOM   1176 C CA  . TYR A 1 147 ? -5.118  -11.619 9.941   1.00 14.60 ? 170 TYR A CA  1 
ATOM   1177 C C   . TYR A 1 147 ? -5.678  -10.920 11.184  1.00 14.85 ? 170 TYR A C   1 
ATOM   1178 O O   . TYR A 1 147 ? -5.039  -10.910 12.230  1.00 14.62 ? 170 TYR A O   1 
ATOM   1179 C CB  . TYR A 1 147 ? -4.408  -10.632 8.991   1.00 15.39 ? 170 TYR A CB  1 
ATOM   1180 C CG  . TYR A 1 147 ? -3.238  -9.889  9.614   1.00 16.13 ? 170 TYR A CG  1 
ATOM   1181 C CD1 . TYR A 1 147 ? -2.130  -10.583 10.121  1.00 17.03 ? 170 TYR A CD1 1 
ATOM   1182 C CD2 . TYR A 1 147 ? -3.245  -8.491  9.694   1.00 15.92 ? 170 TYR A CD2 1 
ATOM   1183 C CE1 . TYR A 1 147 ? -1.058  -9.890  10.709  1.00 19.39 ? 170 TYR A CE1 1 
ATOM   1184 C CE2 . TYR A 1 147 ? -2.185  -7.791  10.280  1.00 16.90 ? 170 TYR A CE2 1 
ATOM   1185 C CZ  . TYR A 1 147 ? -1.095  -8.493  10.777  1.00 18.17 ? 170 TYR A CZ  1 
ATOM   1186 O OH  . TYR A 1 147 ? -0.035  -7.810  11.356  1.00 20.67 ? 170 TYR A OH  1 
ATOM   1187 N N   . GLU A 1 148 ? -6.884  -10.363 11.073  1.00 15.18 ? 171 GLU A N   1 
ATOM   1188 C CA  . GLU A 1 148 ? -7.507  -9.764  12.246  1.00 15.76 ? 171 GLU A CA  1 
ATOM   1189 C C   . GLU A 1 148 ? -7.715  -10.820 13.336  1.00 16.37 ? 171 GLU A C   1 
ATOM   1190 O O   . GLU A 1 148 ? -7.462  -10.565 14.518  1.00 16.37 ? 171 GLU A O   1 
ATOM   1191 C CB  . GLU A 1 148 ? -8.832  -9.077  11.894  1.00 15.86 ? 171 GLU A CB  1 
ATOM   1192 C CG  . GLU A 1 148 ? -9.524  -8.465  13.090  1.00 16.05 ? 171 GLU A CG  1 
ATOM   1193 C CD  . GLU A 1 148 ? -10.953 -7.973  12.808  1.00 17.18 ? 171 GLU A CD  1 
ATOM   1194 O OE1 . GLU A 1 148 ? -11.764 -8.723  12.215  1.00 16.35 ? 171 GLU A OE1 1 
ATOM   1195 O OE2 . GLU A 1 148 ? -11.290 -6.827  13.220  1.00 19.48 ? 171 GLU A OE2 1 
ATOM   1196 N N   . ALA A 1 149 ? -8.146  -12.017 12.934  1.00 16.34 ? 172 ALA A N   1 
ATOM   1197 C CA  . ALA A 1 149 ? -8.330  -13.092 13.904  1.00 16.47 ? 172 ALA A CA  1 
ATOM   1198 C C   . ALA A 1 149 ? -6.991  -13.388 14.614  1.00 17.39 ? 172 ALA A C   1 
ATOM   1199 O O   . ALA A 1 149 ? -6.946  -13.636 15.831  1.00 17.67 ? 172 ALA A O   1 
ATOM   1200 C CB  . ALA A 1 149 ? -8.909  -14.319 13.215  1.00 16.45 ? 172 ALA A CB  1 
ATOM   1201 N N   . ILE A 1 150 ? -5.896  -13.328 13.861  1.00 17.87 ? 173 ILE A N   1 
ATOM   1202 C CA  . ILE A 1 150 ? -4.568  -13.567 14.414  1.00 18.24 ? 173 ILE A CA  1 
ATOM   1203 C C   . ILE A 1 150 ? -4.211  -12.534 15.465  1.00 17.84 ? 173 ILE A C   1 
ATOM   1204 O O   . ILE A 1 150 ? -3.914  -12.890 16.617  1.00 19.15 ? 173 ILE A O   1 
ATOM   1205 C CB  . ILE A 1 150 ? -3.495  -13.636 13.312  1.00 18.11 ? 173 ILE A CB  1 
ATOM   1206 C CG1 . ILE A 1 150 ? -3.785  -14.840 12.424  1.00 18.54 ? 173 ILE A CG1 1 
ATOM   1207 C CG2 . ILE A 1 150 ? -2.097  -13.717 13.944  1.00 17.61 ? 173 ILE A CG2 1 
ATOM   1208 C CD1 . ILE A 1 150 ? -2.803  -15.050 11.246  1.00 18.88 ? 173 ILE A CD1 1 
ATOM   1209 N N   . TYR A 1 151 ? -4.270  -11.250 15.104  1.00 18.04 ? 174 TYR A N   1 
ATOM   1210 C CA  . TYR A 1 151 ? -3.763  -10.234 16.032  1.00 17.17 ? 174 TYR A CA  1 
ATOM   1211 C C   . TYR A 1 151 ? -4.686  -9.958  17.224  1.00 17.92 ? 174 TYR A C   1 
ATOM   1212 O O   . TYR A 1 151 ? -4.239  -9.426  18.263  1.00 18.45 ? 174 TYR A O   1 
ATOM   1213 C CB  . TYR A 1 151 ? -3.297  -8.943  15.300  1.00 17.16 ? 174 TYR A CB  1 
ATOM   1214 C CG  . TYR A 1 151 ? -4.333  -8.131  14.516  1.00 15.46 ? 174 TYR A CG  1 
ATOM   1215 C CD1 . TYR A 1 151 ? -5.407  -7.481  15.158  1.00 17.89 ? 174 TYR A CD1 1 
ATOM   1216 C CD2 . TYR A 1 151 ? -4.179  -7.929  13.148  1.00 15.49 ? 174 TYR A CD2 1 
ATOM   1217 C CE1 . TYR A 1 151 ? -6.345  -6.714  14.437  1.00 16.39 ? 174 TYR A CE1 1 
ATOM   1218 C CE2 . TYR A 1 151 ? -5.096  -7.159  12.426  1.00 14.96 ? 174 TYR A CE2 1 
ATOM   1219 C CZ  . TYR A 1 151 ? -6.166  -6.550  13.067  1.00 16.06 ? 174 TYR A CZ  1 
ATOM   1220 O OH  . TYR A 1 151 ? -7.086  -5.806  12.349  1.00 17.17 ? 174 TYR A OH  1 
ATOM   1221 N N   . LEU A 1 152 ? -5.956  -10.359 17.094  1.00 18.54 ? 175 LEU A N   1 
ATOM   1222 C CA  . LEU A 1 152 ? -6.934  -10.207 18.167  1.00 19.88 ? 175 LEU A CA  1 
ATOM   1223 C C   . LEU A 1 152 ? -6.865  -11.350 19.166  1.00 21.42 ? 175 LEU A C   1 
ATOM   1224 O O   . LEU A 1 152 ? -7.346  -11.207 20.288  1.00 22.27 ? 175 LEU A O   1 
ATOM   1225 C CB  . LEU A 1 152 ? -8.365  -10.076 17.633  1.00 19.27 ? 175 LEU A CB  1 
ATOM   1226 C CG  . LEU A 1 152 ? -8.763  -8.746  16.957  1.00 18.78 ? 175 LEU A CG  1 
ATOM   1227 C CD1 . LEU A 1 152 ? -10.255 -8.787  16.635  1.00 18.60 ? 175 LEU A CD1 1 
ATOM   1228 C CD2 . LEU A 1 152 ? -8.434  -7.528  17.836  1.00 19.75 ? 175 LEU A CD2 1 
ATOM   1229 N N   . ALA A 1 153 ? -6.292  -12.481 18.747  1.00 22.22 ? 176 ALA A N   1 
ATOM   1230 C CA  . ALA A 1 153 ? -6.161  -13.645 19.633  1.00 23.74 ? 176 ALA A CA  1 
ATOM   1231 C C   . ALA A 1 153 ? -5.139  -13.379 20.719  1.00 24.90 ? 176 ALA A C   1 
ATOM   1232 O O   . ALA A 1 153 ? -4.137  -12.709 20.470  1.00 27.20 ? 176 ALA A O   1 
ATOM   1233 C CB  . ALA A 1 153 ? -5.764  -14.871 18.831  1.00 23.86 ? 176 ALA A CB  1 
HETATM 1234 S S   . SO4 B 2 .   ? -3.178  -3.374  -7.706  1.00 15.39 ? 1   SO4 A S   1 
HETATM 1235 O O1  . SO4 B 2 .   ? -4.491  -2.861  -8.095  1.00 17.77 ? 1   SO4 A O1  1 
HETATM 1236 O O2  . SO4 B 2 .   ? -3.371  -4.785  -7.395  1.00 15.28 ? 1   SO4 A O2  1 
HETATM 1237 O O3  . SO4 B 2 .   ? -2.225  -3.309  -8.810  1.00 18.71 ? 1   SO4 A O3  1 
HETATM 1238 O O4  . SO4 B 2 .   ? -2.634  -2.647  -6.560  1.00 19.11 ? 1   SO4 A O4  1 
HETATM 1239 S S   . SO4 C 2 .   ? -16.261 -7.987  8.773   1.00 25.37 ? 2   SO4 A S   1 
HETATM 1240 O O1  . SO4 C 2 .   ? -16.587 -8.046  10.211  1.00 30.55 ? 2   SO4 A O1  1 
HETATM 1241 O O2  . SO4 C 2 .   ? -14.992 -8.701  8.679   1.00 26.07 ? 2   SO4 A O2  1 
HETATM 1242 O O3  . SO4 C 2 .   ? -17.329 -8.617  8.016   1.00 31.42 ? 2   SO4 A O3  1 
HETATM 1243 O O4  . SO4 C 2 .   ? -16.137 -6.579  8.430   1.00 28.73 ? 2   SO4 A O4  1 
HETATM 1244 C C1  . GOL D 3 .   ? 16.036  0.372   -4.443  1.00 24.69 ? 178 GOL A C1  1 
HETATM 1245 O O1  . GOL D 3 .   ? 16.410  -0.154  -5.705  1.00 22.67 ? 178 GOL A O1  1 
HETATM 1246 C C2  . GOL D 3 .   ? 17.149  1.255   -3.875  1.00 26.01 ? 178 GOL A C2  1 
HETATM 1247 O O2  . GOL D 3 .   ? 16.620  2.071   -2.847  1.00 26.12 ? 178 GOL A O2  1 
HETATM 1248 C C3  . GOL D 3 .   ? 18.238  0.355   -3.282  1.00 25.40 ? 178 GOL A C3  1 
HETATM 1249 O O3  . GOL D 3 .   ? 19.438  1.083   -3.052  1.00 25.05 ? 178 GOL A O3  1 
HETATM 1250 O O   . HOH E 4 .   ? -9.297  -4.861  13.554  1.00 18.00 ? 179 HOH A O   1 
HETATM 1251 O O   . HOH E 4 .   ? 9.611   4.723   -7.620  1.00 15.87 ? 180 HOH A O   1 
HETATM 1252 O O   . HOH E 4 .   ? 15.598  1.074   -0.528  1.00 13.64 ? 181 HOH A O   1 
HETATM 1253 O O   . HOH E 4 .   ? 4.838   -5.127  -20.150 1.00 16.41 ? 182 HOH A O   1 
HETATM 1254 O O   . HOH E 4 .   ? 9.531   -9.249  -3.227  1.00 15.13 ? 183 HOH A O   1 
HETATM 1255 O O   . HOH E 4 .   ? -6.711  -16.539 11.592  1.00 15.88 ? 184 HOH A O   1 
HETATM 1256 O O   . HOH E 4 .   ? 7.896   2.823   -7.809  1.00 21.18 ? 185 HOH A O   1 
HETATM 1257 O O   . HOH E 4 .   ? 6.683   -12.821 -2.951  1.00 20.40 ? 186 HOH A O   1 
HETATM 1258 O O   . HOH E 4 .   ? 5.839   -10.268 7.254   1.00 21.38 ? 187 HOH A O   1 
HETATM 1259 O O   . HOH E 4 .   ? -14.910 -1.115  12.725  1.00 18.46 ? 188 HOH A O   1 
HETATM 1260 O O   . HOH E 4 .   ? -0.218  -4.969  7.645   1.00 19.25 ? 189 HOH A O   1 
HETATM 1261 O O   . HOH E 4 .   ? -1.675  5.823   14.531  1.00 21.35 ? 190 HOH A O   1 
HETATM 1262 O O   . HOH E 4 .   ? -1.439  -4.214  10.024  1.00 20.37 ? 191 HOH A O   1 
HETATM 1263 O O   . HOH E 4 .   ? 0.122   -3.056  6.027   1.00 16.59 ? 192 HOH A O   1 
HETATM 1264 O O   . HOH E 4 .   ? -17.180 4.175   1.202   1.00 21.54 ? 193 HOH A O   1 
HETATM 1265 O O   . HOH E 4 .   ? 5.602   -12.716 -12.416 1.00 21.70 ? 194 HOH A O   1 
HETATM 1266 O O   . HOH E 4 .   ? 0.205   11.177  -7.897  1.00 19.46 ? 195 HOH A O   1 
HETATM 1267 O O   . HOH E 4 .   ? -5.410  -20.028 7.436   1.00 22.88 ? 196 HOH A O   1 
HETATM 1268 O O   . HOH E 4 .   ? 10.618  15.861  0.856   1.00 19.49 ? 197 HOH A O   1 
HETATM 1269 O O   . HOH E 4 .   ? 1.380   -13.335 8.586   1.00 20.41 ? 198 HOH A O   1 
HETATM 1270 O O   . HOH E 4 .   ? 17.467  -2.617  -4.854  1.00 21.20 ? 199 HOH A O   1 
HETATM 1271 O O   . HOH E 4 .   ? -1.372  -9.557  -11.228 1.00 25.08 ? 200 HOH A O   1 
HETATM 1272 O O   . HOH E 4 .   ? 13.832  -0.374  3.000   1.00 21.85 ? 201 HOH A O   1 
HETATM 1273 O O   . HOH E 4 .   ? -0.865  8.482   11.001  1.00 22.72 ? 202 HOH A O   1 
HETATM 1274 O O   . HOH E 4 .   ? 10.642  1.693   8.358   1.00 18.73 ? 203 HOH A O   1 
HETATM 1275 O O   . HOH E 4 .   ? -1.928  3.919   -13.261 1.00 25.78 ? 204 HOH A O   1 
HETATM 1276 O O   . HOH E 4 .   ? 10.172  -13.043 -5.396  1.00 22.52 ? 205 HOH A O   1 
HETATM 1277 O O   . HOH E 4 .   ? -1.185  5.809   11.908  1.00 22.50 ? 206 HOH A O   1 
HETATM 1278 O O   . HOH E 4 .   ? -2.868  2.796   17.350  1.00 24.72 ? 207 HOH A O   1 
HETATM 1279 O O   . HOH E 4 .   ? 2.769   11.164  -6.734  1.00 21.66 ? 208 HOH A O   1 
HETATM 1280 O O   . HOH E 4 .   ? 8.951   19.374  -4.646  1.00 22.14 ? 209 HOH A O   1 
HETATM 1281 O O   . HOH E 4 .   ? -6.247  -17.120 14.303  1.00 24.96 ? 210 HOH A O   1 
HETATM 1282 O O   . HOH E 4 .   ? -12.712 -7.836  9.902   1.00 23.58 ? 211 HOH A O   1 
HETATM 1283 O O   . HOH E 4 .   ? 9.427   -4.433  7.838   1.00 26.07 ? 212 HOH A O   1 
HETATM 1284 O O   . HOH E 4 .   ? 6.178   3.364   -10.181 1.00 25.66 ? 213 HOH A O   1 
HETATM 1285 O O   . HOH E 4 .   ? 9.680   6.877   -14.903 1.00 23.02 ? 214 HOH A O   1 
HETATM 1286 O O   . HOH E 4 .   ? -6.047  -3.734  16.693  1.00 25.52 ? 215 HOH A O   1 
HETATM 1287 O O   . HOH E 4 .   ? -12.403 -3.602  -9.618  1.00 25.18 ? 216 HOH A O   1 
HETATM 1288 O O   . HOH E 4 .   ? -10.208 8.580   -12.324 1.00 25.68 ? 217 HOH A O   1 
HETATM 1289 O O   . HOH E 4 .   ? 8.017   9.736   -16.099 1.00 24.07 ? 218 HOH A O   1 
HETATM 1290 O O   . HOH E 4 .   ? -13.810 -8.857  -3.668  1.00 25.49 ? 219 HOH A O   1 
HETATM 1291 O O   . HOH E 4 .   ? -12.533 -11.752 -6.497  1.00 28.37 ? 220 HOH A O   1 
HETATM 1292 O O   . HOH E 4 .   ? 4.430   -7.037  -18.202 1.00 25.03 ? 221 HOH A O   1 
HETATM 1293 O O   . HOH E 4 .   ? -10.560 -7.149  -7.558  1.00 26.24 ? 222 HOH A O   1 
HETATM 1294 O O   . HOH E 4 .   ? -5.669  -4.512  -9.875  1.00 22.23 ? 223 HOH A O   1 
HETATM 1295 O O   . HOH E 4 .   ? -9.424  11.624  -1.703  1.00 25.60 ? 224 HOH A O   1 
HETATM 1296 O O   . HOH E 4 .   ? -8.481  -8.127  -8.907  1.00 25.84 ? 225 HOH A O   1 
HETATM 1297 O O   . HOH E 4 .   ? -5.442  12.791  -5.744  1.00 27.47 ? 226 HOH A O   1 
HETATM 1298 O O   . HOH E 4 .   ? -6.519  4.765   -15.696 1.00 27.98 ? 227 HOH A O   1 
HETATM 1299 O O   . HOH E 4 .   ? -0.184  -0.264  16.314  1.00 24.53 ? 228 HOH A O   1 
HETATM 1300 O O   . HOH E 4 .   ? -11.593 9.106   -5.046  1.00 30.80 ? 229 HOH A O   1 
HETATM 1301 O O   . HOH E 4 .   ? 1.309   -17.086 5.503   1.00 24.27 ? 230 HOH A O   1 
HETATM 1302 O O   . HOH E 4 .   ? -9.493  -14.092 17.281  1.00 25.25 ? 231 HOH A O   1 
HETATM 1303 O O   . HOH E 4 .   ? 7.694   2.261   -12.035 1.00 23.50 ? 232 HOH A O   1 
HETATM 1304 O O   . HOH E 4 .   ? -4.704  13.431  -0.771  1.00 29.33 ? 233 HOH A O   1 
HETATM 1305 O O   . HOH E 4 .   ? -16.832 3.909   -4.732  1.00 21.11 ? 234 HOH A O   1 
HETATM 1306 O O   . HOH E 4 .   ? 13.984  7.555   3.408   1.00 28.23 ? 235 HOH A O   1 
HETATM 1307 O O   . HOH E 4 .   ? -13.393 -5.647  -2.501  1.00 24.15 ? 236 HOH A O   1 
HETATM 1308 O O   . HOH E 4 .   ? -16.713 8.105   -4.246  1.00 26.39 ? 237 HOH A O   1 
HETATM 1309 O O   . HOH E 4 .   ? -7.298  12.060  0.157   1.00 31.02 ? 238 HOH A O   1 
HETATM 1310 O O   . HOH E 4 .   ? 4.828   -14.292 7.889   1.00 30.05 ? 239 HOH A O   1 
HETATM 1311 O O   . HOH E 4 .   ? -14.762 0.742   -4.792  1.00 24.41 ? 240 HOH A O   1 
HETATM 1312 O O   . HOH E 4 .   ? -12.453 -0.641  -9.520  1.00 30.56 ? 241 HOH A O   1 
HETATM 1313 O O   . HOH E 4 .   ? -17.706 -1.546  3.651   1.00 32.02 ? 242 HOH A O   1 
HETATM 1314 O O   . HOH E 4 .   ? 0.845   13.813  5.581   1.00 28.34 ? 243 HOH A O   1 
HETATM 1315 O O   . HOH E 4 .   ? 10.136  -4.022  -9.498  1.00 28.24 ? 244 HOH A O   1 
HETATM 1316 O O   . HOH E 4 .   ? -7.646  11.131  -10.889 1.00 30.16 ? 245 HOH A O   1 
HETATM 1317 O O   . HOH E 4 .   ? -2.849  -15.246 17.288  1.00 30.81 ? 246 HOH A O   1 
HETATM 1318 O O   . HOH E 4 .   ? 2.191   15.352  3.495   1.00 35.16 ? 247 HOH A O   1 
HETATM 1319 O O   . HOH E 4 .   ? -6.517  -16.808 -0.654  1.00 27.78 ? 248 HOH A O   1 
HETATM 1320 O O   . HOH E 4 .   ? -14.127 -8.415  13.582  1.00 28.64 ? 249 HOH A O   1 
HETATM 1321 O O   . HOH E 4 .   ? -14.776 -5.557  -0.198  1.00 26.15 ? 250 HOH A O   1 
HETATM 1322 O O   . HOH E 4 .   ? 8.727   -0.614  12.924  1.00 38.40 ? 251 HOH A O   1 
HETATM 1323 O O   . HOH E 4 .   ? 1.427   5.792   -16.304 1.00 27.85 ? 252 HOH A O   1 
HETATM 1324 O O   . HOH E 4 .   ? -18.645 -0.024  1.593   1.00 26.11 ? 253 HOH A O   1 
HETATM 1325 O O   . HOH E 4 .   ? -0.029  -13.358 10.968  1.00 27.18 ? 254 HOH A O   1 
HETATM 1326 O O   . HOH E 4 .   ? 4.192   -13.955 -5.189  1.00 24.20 ? 255 HOH A O   1 
HETATM 1327 O O   . HOH E 4 .   ? -16.573 6.020   -2.930  1.00 30.69 ? 256 HOH A O   1 
HETATM 1328 O O   . HOH E 4 .   ? -15.680 3.585   8.205   1.00 33.58 ? 257 HOH A O   1 
HETATM 1329 O O   . HOH E 4 .   ? -2.570  -12.406 -11.722 1.00 35.13 ? 258 HOH A O   1 
HETATM 1330 O O   . HOH E 4 .   ? -16.051 -8.063  -0.072  1.00 26.78 ? 259 HOH A O   1 
HETATM 1331 O O   . HOH E 4 .   ? 13.453  -0.078  5.661   1.00 32.10 ? 260 HOH A O   1 
HETATM 1332 O O   . HOH E 4 .   ? -8.988  7.715   -15.430 1.00 43.76 ? 261 HOH A O   1 
HETATM 1333 O O   . HOH E 4 .   ? 4.735   -6.322  12.489  1.00 29.04 ? 262 HOH A O   1 
HETATM 1334 O O   . HOH E 4 .   ? -3.501  -17.570 9.369   1.00 30.71 ? 263 HOH A O   1 
HETATM 1335 O O   . HOH E 4 .   ? -1.602  -5.648  17.164  1.00 26.64 ? 264 HOH A O   1 
HETATM 1336 O O   . HOH E 4 .   ? -10.236 -5.137  -9.902  1.00 30.74 ? 265 HOH A O   1 
HETATM 1337 O O   . HOH E 4 .   ? -15.542 -12.864 3.901   1.00 31.93 ? 266 HOH A O   1 
HETATM 1338 O O   . HOH E 4 .   ? -9.537  10.381  -8.220  1.00 31.21 ? 267 HOH A O   1 
HETATM 1339 O O   . HOH E 4 .   ? 11.005  13.552  -0.190  1.00 30.69 ? 268 HOH A O   1 
HETATM 1340 O O   . HOH E 4 .   ? 12.996  13.192  -11.652 1.00 32.98 ? 269 HOH A O   1 
HETATM 1341 O O   . HOH E 4 .   ? 11.583  4.489   13.282  1.00 28.33 ? 270 HOH A O   1 
HETATM 1342 O O   . HOH E 4 .   ? -14.538 8.167   -2.967  1.00 35.37 ? 271 HOH A O   1 
HETATM 1343 O O   . HOH E 4 .   ? -14.357 -12.245 0.226   1.00 34.91 ? 272 HOH A O   1 
HETATM 1344 O O   . HOH E 4 .   ? 17.684  8.645   -7.020  1.00 37.34 ? 273 HOH A O   1 
HETATM 1345 O O   . HOH E 4 .   ? -0.451  -9.635  -15.083 1.00 29.95 ? 274 HOH A O   1 
HETATM 1346 O O   . HOH E 4 .   ? 0.842   -15.867 7.724   1.00 30.39 ? 275 HOH A O   1 
HETATM 1347 O O   . HOH E 4 .   ? 5.666   -17.489 0.959   1.00 34.12 ? 276 HOH A O   1 
HETATM 1348 O O   . HOH E 4 .   ? -1.123  13.180  -6.606  1.00 33.95 ? 277 HOH A O   1 
HETATM 1349 O O   . HOH E 4 .   ? 15.840  7.574   1.403   1.00 33.84 ? 278 HOH A O   1 
HETATM 1350 O O   . HOH E 4 .   ? 9.297   13.978  4.964   1.00 31.24 ? 279 HOH A O   1 
HETATM 1351 O O   . HOH E 4 .   ? 11.285  15.353  3.380   1.00 32.05 ? 280 HOH A O   1 
HETATM 1352 O O   . HOH E 4 .   ? -6.411  8.658   -8.659  1.00 23.16 ? 281 HOH A O   1 
HETATM 1353 O O   . HOH E 4 .   ? -5.818  -7.723  -11.687 1.00 27.57 ? 282 HOH A O   1 
HETATM 1354 O O   . HOH E 4 .   ? -1.894  13.086  -2.893  1.00 28.25 ? 283 HOH A O   1 
HETATM 1355 O O   . HOH E 4 .   ? 5.393   2.883   15.917  1.00 30.73 ? 284 HOH A O   1 
HETATM 1356 O O   . HOH E 4 .   ? 7.586   -16.728 -2.023  1.00 30.72 ? 285 HOH A O   1 
HETATM 1357 O O   . HOH E 4 .   ? -9.848  -13.246 19.684  1.00 33.13 ? 286 HOH A O   1 
HETATM 1358 O O   . HOH E 4 .   ? 5.197   -1.955  14.170  1.00 33.16 ? 287 HOH A O   1 
HETATM 1359 O O   . HOH E 4 .   ? 11.008  12.958  6.782   1.00 31.77 ? 288 HOH A O   1 
HETATM 1360 O O   . HOH E 4 .   ? -5.835  12.400  -13.403 1.00 33.99 ? 289 HOH A O   1 
HETATM 1361 O O   . HOH E 4 .   ? 10.045  3.062   15.445  1.00 33.19 ? 290 HOH A O   1 
HETATM 1362 O O   . HOH E 4 .   ? -1.418  15.543  1.339   1.00 36.35 ? 291 HOH A O   1 
HETATM 1363 O O   . HOH E 4 .   ? 11.103  -11.082 -7.011  1.00 27.50 ? 292 HOH A O   1 
# 
